data_1F6G
#
_entry.id   1F6G
#
_cell.length_a   1.000
_cell.length_b   1.000
_cell.length_c   1.000
_cell.angle_alpha   90.00
_cell.angle_beta   90.00
_cell.angle_gamma   90.00
#
_symmetry.space_group_name_H-M   'P 1'
#
_entity_poly.entity_id   1
_entity_poly.type   'polypeptide(L)'
_entity_poly.pdbx_seq_one_letter_code
;MPPMLSGLLARLVKLLLGRHGSALHWAAAGAATVLLVIVLLAGSYLAVLAERGAPGAQLITYPAALWWSVETATTVGYGD
LYPVTLWGRCVAVVVMVAGITSFGLVTAALATWFVGREQERRGHFVRHSEKAAEEAYTRTTRALHERFDRLERMLDDNRR
;
_entity_poly.pdbx_strand_id   A,B,C,D
#
# COMPACT_ATOMS: atom_id res chain seq x y z
CA MET A 1 -7.64 -5.91 -45.96
CA PRO A 2 -10.09 -6.65 -43.15
CA PRO A 3 -7.75 -8.97 -41.20
CA MET A 4 -4.82 -6.60 -41.44
CA LEU A 5 -6.90 -3.72 -40.13
CA SER A 6 -8.19 -5.81 -37.26
CA GLY A 7 -4.69 -6.80 -36.23
CA LEU A 8 -3.56 -3.19 -36.25
CA LEU A 9 -6.47 -2.18 -34.04
CA ALA A 10 -5.63 -4.93 -31.58
CA ARG A 11 -2.02 -3.86 -31.33
CA LEU A 12 -3.02 -0.27 -30.65
CA VAL A 13 -5.34 -1.34 -27.87
CA LYS A 14 -2.62 -3.41 -26.30
CA LEU A 15 -0.25 -0.47 -26.47
CA LEU A 16 -2.79 1.78 -24.80
CA LEU A 17 -3.25 -0.88 -22.16
CA GLY A 18 0.52 -0.97 -21.86
CA ARG A 19 0.38 2.75 -21.23
CA HIS A 20 -2.16 2.04 -18.55
CA GLY A 21 -0.01 -0.97 -17.85
CA SER A 22 3.47 0.14 -16.94
CA ALA A 23 1.55 3.10 -15.62
CA LEU A 24 -1.40 0.95 -14.67
CA HIS A 25 -1.61 2.19 -11.11
CA TRP A 26 -1.01 5.06 -12.22
CA ALA A 27 -3.67 5.02 -14.95
CA ALA A 28 -6.48 3.02 -13.32
CA ALA A 29 -6.74 6.04 -11.01
CA GLY A 30 -6.39 9.15 -13.14
CA ALA A 31 -9.21 7.54 -15.11
CA ALA A 32 -11.49 6.25 -12.33
CA THR A 33 -11.93 9.82 -11.10
CA VAL A 34 -13.49 10.59 -14.48
CA LEU A 35 -15.98 7.99 -13.18
CA LEU A 36 -16.75 9.56 -9.79
CA VAL A 37 -17.32 12.92 -11.50
CA ILE A 38 -20.03 11.17 -13.54
CA VAL A 39 -21.49 9.68 -10.33
CA LEU A 40 -21.62 13.22 -8.93
CA LEU A 41 -23.45 14.84 -11.83
CA ALA A 42 -25.36 11.53 -11.98
CA GLY A 43 -26.61 11.47 -8.38
CA SER A 44 -27.03 15.25 -8.46
CA TYR A 45 -29.61 15.30 -11.21
CA LEU A 46 -31.27 12.20 -9.75
CA ALA A 47 -31.57 12.79 -6.00
CA VAL A 48 -33.35 16.07 -6.88
CA LEU A 49 -35.98 14.37 -9.01
CA ALA A 50 -36.32 12.14 -5.92
CA GLU A 51 -36.84 14.89 -3.30
CA ARG A 52 -38.03 17.77 -5.52
CA GLY A 53 -41.58 16.98 -4.44
CA ALA A 54 -41.74 16.23 -0.72
CA PRO A 55 -41.15 17.32 2.88
CA GLY A 56 -37.44 17.21 2.14
CA ALA A 57 -34.63 19.81 2.22
CA GLN A 58 -33.33 21.92 -0.65
CA LEU A 59 -32.41 18.63 -2.36
CA ILE A 60 -35.16 19.99 -4.62
CA THR A 61 -32.87 21.90 -6.97
CA TYR A 62 -30.34 20.47 -9.45
CA PRO A 63 -27.78 23.25 -8.82
CA ALA A 64 -28.12 22.35 -5.12
CA ALA A 65 -27.87 18.57 -5.32
CA LEU A 66 -24.44 19.11 -6.94
CA TRP A 67 -22.89 20.87 -3.94
CA TRP A 68 -24.52 18.00 -2.03
CA SER A 69 -23.02 15.21 -4.14
CA VAL A 70 -19.61 16.81 -3.60
CA GLU A 71 -19.89 17.18 0.18
CA THR A 72 -21.38 13.67 0.38
CA ALA A 73 -18.83 12.15 -2.01
CA THR A 74 -16.04 13.79 0.01
CA THR A 75 -18.02 12.41 3.01
CA VAL A 76 -17.78 15.67 4.93
CA GLY A 77 -21.51 15.76 5.75
CA TYR A 78 -21.96 19.50 6.31
CA GLY A 79 -25.55 18.67 7.30
CA ASP A 80 -26.55 21.81 5.38
CA LEU A 81 -28.25 19.36 3.02
CA TYR A 82 -29.29 15.69 2.89
CA PRO A 83 -31.90 13.40 1.45
CA VAL A 84 -35.14 12.38 3.18
CA THR A 85 -36.59 10.46 0.27
CA LEU A 86 -36.10 6.69 0.71
CA TRP A 87 -34.70 6.78 -2.84
CA GLY A 88 -32.82 10.07 -2.36
CA ARG A 89 -31.17 8.18 0.52
CA CYS A 90 -30.06 5.40 -1.87
CA VAL A 91 -28.55 7.88 -4.32
CA ALA A 92 -26.71 9.20 -1.26
CA VAL A 93 -25.19 5.82 -0.34
CA VAL A 94 -24.07 5.41 -3.98
CA VAL A 95 -22.58 8.89 -4.33
CA MET A 96 -20.87 7.98 -1.04
CA VAL A 97 -18.91 4.80 -1.78
CA ALA A 98 -18.09 6.34 -5.19
CA GLY A 99 -15.97 8.82 -3.18
CA ILE A 100 -14.65 6.51 -0.45
CA THR A 101 -13.63 4.30 -3.39
CA SER A 102 -12.76 6.65 -6.27
CA PHE A 103 -10.44 8.20 -3.65
CA GLY A 104 -9.02 4.93 -2.28
CA LEU A 105 -7.59 4.01 -5.68
CA VAL A 106 -5.73 7.34 -5.82
CA THR A 107 -4.28 6.32 -2.42
CA ALA A 108 -3.53 2.83 -3.74
CA ALA A 109 -1.83 4.33 -6.80
CA LEU A 110 0.36 6.46 -4.52
CA ALA A 111 0.93 3.52 -2.15
CA THR A 112 2.67 1.56 -4.90
CA TRP A 113 4.40 4.47 -6.66
CA PHE A 114 6.23 4.69 -3.27
CA VAL A 115 7.24 1.05 -3.77
CA GLY A 116 9.50 2.49 -6.52
CA ARG A 117 10.97 4.54 -3.66
CA GLU A 118 10.68 1.92 -0.91
CA GLN A 119 12.76 -0.28 -3.22
CA GLU A 120 15.57 2.27 -3.28
CA ARG A 121 15.62 2.61 0.36
CA ARG A 122 15.91 -1.41 0.70
CA GLY A 123 18.90 -1.28 -1.58
CA HIS A 124 21.92 -1.75 -1.56
CA PHE A 125 21.02 -5.44 -0.84
CA VAL A 126 23.93 -7.36 0.86
CA ARG A 127 23.68 -9.52 4.06
CA HIS A 128 22.53 -13.19 3.42
CA SER A 129 22.56 -12.79 -0.42
CA GLU A 130 25.68 -12.97 -2.35
CA LYS A 131 27.05 -15.61 0.61
CA ALA A 132 23.80 -17.78 -0.65
CA ALA A 133 24.81 -17.80 -3.85
CA GLU A 134 28.48 -18.70 -3.25
CA GLU A 135 26.99 -21.83 -0.97
CA ALA A 136 25.22 -22.95 -4.19
CA TYR A 137 28.04 -22.87 -6.21
CA THR A 138 30.26 -24.85 -3.57
CA ARG A 139 27.34 -27.63 -3.73
CA THR A 140 27.83 -27.88 -7.39
CA THR A 141 31.41 -28.24 -7.29
CA ARG A 142 31.01 -31.17 -4.43
CA ALA A 143 28.71 -32.96 -7.09
CA LEU A 144 31.32 -32.82 -9.59
CA HIS A 145 33.98 -34.15 -7.42
CA GLU A 146 31.50 -37.25 -6.45
CA ARG A 147 31.31 -37.90 -10.32
CA PHE A 148 35.14 -37.87 -10.80
CA ASP A 149 35.84 -41.11 -12.87
CA ARG A 150 34.54 -42.14 -16.42
CA LEU A 151 31.26 -44.27 -16.70
CA GLU A 152 31.01 -48.08 -15.78
CA ARG A 153 33.54 -50.63 -17.23
CA MET A 154 34.99 -47.64 -19.43
CA LEU A 155 38.10 -47.80 -18.07
CA ASP A 156 38.42 -51.72 -18.49
CA ASP A 157 37.46 -51.14 -22.30
CA ASN A 158 40.50 -48.76 -22.53
CA ARG A 159 43.07 -50.99 -20.61
CA ARG A 160 44.71 -49.47 -17.44
CA MET B 1 27.34 -8.94 36.70
CA PRO B 2 26.25 -5.51 35.51
CA PRO B 3 27.53 -5.90 31.92
CA MET B 4 26.00 -9.34 31.51
CA LEU B 5 22.63 -8.08 32.66
CA SER B 6 22.79 -5.13 30.31
CA GLY B 7 23.56 -7.35 27.34
CA LEU B 8 20.63 -9.59 28.15
CA LEU B 9 18.29 -6.63 28.31
CA ALA B 10 19.50 -5.40 24.95
CA ARG B 11 18.91 -8.76 23.33
CA LEU B 12 15.38 -8.93 24.67
CA VAL B 13 14.60 -5.48 23.32
CA LYS B 14 15.92 -6.46 19.91
CA LEU B 15 13.79 -9.58 19.95
CA LEU B 16 10.71 -7.57 20.81
CA LEU B 17 11.59 -5.21 18.01
CA GLY B 18 12.00 -8.25 15.80
CA ARG B 19 8.48 -9.22 16.81
CA HIS B 20 7.41 -5.76 15.78
CA GLY B 21 9.91 -6.24 12.99
CA SER B 22 8.94 -9.24 10.93
CA ALA B 23 5.50 -8.16 12.02
CA LEU B 24 6.49 -4.51 11.97
CA HIS B 25 3.60 -3.39 9.80
CA TRP B 26 1.72 -5.68 12.17
CA ALA B 27 2.88 -4.43 15.57
CA ALA B 28 3.52 -0.73 14.90
CA ALA B 29 -0.25 -0.57 14.44
CA GLY B 30 -1.83 -2.68 17.16
CA ALA B 31 0.29 -0.50 19.43
CA ALA B 32 -0.21 2.96 17.90
CA THR B 33 -3.94 2.68 18.60
CA VAL B 34 -3.04 2.47 22.28
CA LEU B 35 -1.69 5.97 21.46
CA LEU B 36 -4.81 7.44 19.85
CA VAL B 37 -6.90 6.20 22.79
CA ILE B 38 -4.60 8.31 25.01
CA VAL B 39 -5.07 11.29 22.65
CA LEU B 40 -8.84 10.82 23.04
CA LEU B 41 -8.93 10.76 26.82
CA ALA B 42 -6.19 13.41 26.57
CA GLY B 43 -8.06 15.90 24.37
CA SER B 44 -11.32 15.04 26.16
CA TYR B 45 -10.20 16.18 29.58
CA LEU B 46 -8.42 19.18 28.03
CA ALA B 47 -10.84 20.71 25.51
CA VAL B 48 -13.38 20.86 28.38
CA LEU B 49 -11.09 22.85 30.64
CA ALA B 50 -10.75 25.05 27.54
CA GLU B 51 -14.48 25.64 26.86
CA ARG B 52 -15.95 24.89 30.31
CA GLY B 53 -16.14 28.63 30.92
CA ALA B 54 -17.38 30.45 27.82
CA PRO B 55 -20.07 30.99 25.19
CA GLY B 56 -19.27 27.52 23.88
CA ALA B 57 -21.29 24.30 23.48
CA GLN B 58 -21.54 21.39 25.89
CA LEU B 59 -17.77 20.98 25.46
CA ILE B 60 -18.06 22.05 29.09
CA THR B 61 -18.30 18.55 30.53
CA TYR B 62 -15.60 15.86 30.65
CA PRO B 63 -18.08 12.99 30.00
CA ALA B 64 -19.19 15.02 26.95
CA ALA B 65 -15.82 15.93 25.47
CA LEU B 66 -15.15 12.17 25.25
CA TRP B 67 -18.03 11.42 22.88
CA TRP B 68 -16.68 14.49 21.04
CA SER B 69 -13.07 13.26 20.82
CA VAL B 70 -14.42 10.01 19.37
CA GLU B 71 -16.65 11.60 16.73
CA THR B 72 -13.87 14.08 15.91
CA ALA B 73 -11.13 11.42 15.90
CA THR B 74 -13.31 9.27 13.61
CA THR B 75 -13.80 12.59 11.72
CA VAL B 76 -17.56 12.09 11.42
CA GLY B 77 -18.38 15.61 12.65
CA TYR B 78 -21.92 15.03 13.95
CA GLY B 79 -22.02 18.77 14.61
CA ASP B 80 -23.87 17.90 17.85
CA LEU B 81 -20.72 19.24 19.52
CA TYR B 82 -17.60 21.25 18.67
CA PRO B 83 -15.14 23.68 20.17
CA VAL B 84 -15.43 27.48 20.01
CA THR B 85 -12.45 28.22 22.21
CA LEU B 86 -9.38 29.17 20.12
CA TRP B 87 -7.55 26.54 22.20
CA GLY B 88 -10.45 24.06 22.23
CA ARG B 89 -10.11 24.35 18.43
CA CYS B 90 -6.43 23.35 18.63
CA VAL B 91 -7.19 20.30 20.76
CA ALA B 92 -9.69 19.48 18.02
CA VAL B 93 -7.11 19.60 15.21
CA VAL B 94 -4.83 17.34 17.31
CA VAL B 95 -7.50 14.81 18.23
CA MET B 96 -8.23 14.89 14.48
CA VAL B 97 -4.94 13.92 12.82
CA ALA B 98 -4.48 11.41 15.66
CA GLY B 99 -7.41 9.56 14.06
CA ILE B 100 -6.69 10.22 10.37
CA THR B 101 -3.21 8.90 11.27
CA SER B 102 -3.71 6.28 13.98
CA PHE B 103 -6.15 4.80 11.45
CA GLY B 104 -3.90 5.13 8.38
CA LEU B 105 -1.27 2.87 9.94
CA VAL B 106 -3.90 0.15 10.46
CA THR B 107 -4.58 0.54 6.70
CA ALA B 108 -0.85 0.49 5.96
CA ALA B 109 -0.45 -2.65 8.08
CA LEU B 110 -3.23 -4.33 6.09
CA ALA B 111 -1.84 -2.97 2.81
CA THR B 112 1.39 -4.92 3.30
CA TRP B 113 -0.07 -8.02 4.96
CA PHE B 114 -1.80 -8.36 1.53
CA VAL B 115 1.67 -8.27 -0.05
CA GLY B 116 2.01 -11.76 1.55
CA ARG B 117 -1.04 -12.57 -0.57
CA GLU B 118 -0.20 -10.42 -3.60
CA GLN B 119 3.05 -12.41 -3.72
CA GLU B 120 1.13 -15.67 -4.04
CA ARG B 121 -0.98 -14.42 -6.75
CA ARG B 122 2.34 -13.27 -8.75
CA GLY B 123 3.63 -16.77 -8.42
CA HIS B 124 4.30 -19.22 -10.10
CA PHE B 125 7.04 -17.00 -11.69
CA VAL B 126 8.10 -18.24 -15.20
CA ARG B 127 8.33 -16.10 -18.42
CA HIS B 128 11.70 -14.18 -18.82
CA SER B 129 13.29 -15.82 -15.70
CA GLU B 130 14.70 -19.22 -15.84
CA LYS B 131 15.61 -18.42 -19.84
CA ALA B 132 17.81 -15.39 -18.13
CA ALA B 133 19.52 -17.50 -16.17
CA GLU B 134 20.32 -20.16 -18.80
CA GLU B 135 21.74 -17.00 -21.08
CA ALA B 136 24.16 -16.34 -18.16
CA TYR B 137 25.36 -19.60 -17.96
CA THR B 138 25.94 -19.86 -21.89
CA ARG B 139 28.14 -16.52 -21.44
CA THR B 140 30.25 -18.28 -18.96
CA THR B 141 30.83 -21.22 -20.93
CA ARG B 142 31.87 -18.84 -24.12
CA ALA B 143 34.54 -17.30 -21.64
CA LEU B 144 35.92 -20.57 -20.95
CA HIS B 145 36.21 -21.62 -24.46
CA GLU B 146 38.17 -18.11 -25.23
CA ARG B 147 40.65 -19.24 -22.40
CA PHE B 148 41.21 -22.73 -23.90
CA ASP B 149 45.09 -23.13 -23.96
CA ARG B 150 47.65 -23.04 -20.97
CA LEU B 151 49.32 -19.63 -20.00
CA GLU B 152 52.11 -17.85 -22.11
CA ARG B 153 55.26 -19.79 -23.25
CA MET B 154 53.93 -22.85 -21.07
CA LEU B 155 53.67 -24.96 -23.72
CA ASP B 156 57.29 -24.16 -25.12
CA ASP B 157 58.61 -24.98 -21.47
CA ASN B 158 56.95 -28.46 -21.83
CA ARG B 159 58.13 -29.23 -25.49
CA ARG B 160 55.39 -29.91 -28.13
CA MET C 1 -13.57 -44.16 3.95
CA PRO C 2 -13.55 -41.56 6.71
CA PRO C 3 -9.85 -40.62 6.33
CA MET C 4 -10.06 -40.33 2.57
CA LEU C 5 -13.05 -38.02 2.82
CA SER C 6 -11.30 -35.86 5.40
CA GLY C 7 -8.25 -35.49 3.21
CA LEU C 8 -10.36 -34.44 0.27
CA LEU C 9 -12.11 -31.80 2.34
CA ALA C 10 -8.79 -30.43 3.51
CA ARG C 11 -7.49 -30.13 -0.03
CA LEU C 12 -10.59 -28.26 -1.15
CA VAL C 13 -10.24 -25.80 1.70
CA LYS C 14 -6.62 -25.19 0.82
CA LEU C 15 -7.57 -24.59 -2.79
CA LEU C 16 -10.23 -22.10 -1.77
CA LEU C 17 -7.66 -20.42 0.42
CA GLY C 18 -5.35 -20.46 -2.57
CA ARG C 19 -8.08 -18.67 -4.46
CA HIS C 20 -8.17 -16.16 -1.65
CA GLY C 21 -4.42 -16.62 -1.64
CA SER C 22 -3.02 -15.69 -5.01
CA ALA C 23 -5.98 -13.35 -4.94
CA LEU C 24 -5.71 -12.90 -1.19
CA HIS C 25 -5.69 -9.12 -1.29
CA TRP C 26 -8.74 -9.82 -3.35
CA ALA C 27 -11.08 -12.13 -1.43
CA ALA C 28 -10.52 -11.04 2.18
CA ALA C 29 -12.19 -7.81 1.03
CA GLY C 30 -15.12 -8.75 -1.17
CA ALA C 31 -16.08 -10.88 1.82
CA ALA C 32 -15.38 -8.51 4.74
CA THR C 33 -17.95 -6.09 3.33
CA VAL C 34 -20.52 -8.84 3.83
CA LEU C 35 -19.43 -8.28 7.46
CA LEU C 36 -19.90 -4.50 7.65
CA VAL C 37 -23.37 -4.88 6.12
CA ILE C 38 -24.19 -7.14 9.09
CA VAL C 39 -22.75 -4.52 11.48
CA LEU C 40 -25.06 -1.96 9.84
CA LEU C 41 -28.27 -3.94 10.17
CA ALA C 42 -26.83 -5.05 13.52
CA GLY C 43 -26.22 -1.59 15.01
CA SER C 44 -29.39 -0.31 13.33
CA TYR C 45 -31.76 -2.63 15.15
CA LEU C 46 -29.79 -2.18 18.36
CA ALA C 47 -29.11 1.57 18.73
CA VAL C 48 -32.90 2.03 18.35
CA LEU C 49 -33.75 -0.29 21.22
CA ALA C 50 -31.17 1.85 23.06
CA GLU C 51 -32.67 5.30 22.31
CA ARG C 52 -36.28 4.33 21.49
CA GLY C 53 -37.23 5.41 25.01
CA ALA C 54 -35.47 8.64 25.97
CA PRO C 55 -34.77 12.32 25.31
CA GLY C 56 -32.93 11.24 22.19
CA ALA C 57 -33.38 11.95 18.46
CA GLN C 58 -35.27 9.88 15.90
CA LEU C 59 -32.82 7.05 16.71
CA ILE C 60 -36.14 5.68 18.01
CA THR C 61 -37.15 3.93 14.80
CA TYR C 62 -35.54 0.88 13.17
CA PRO C 63 -36.07 2.19 9.61
CA ALA C 64 -34.30 5.37 10.80
CA ALA C 65 -31.32 3.85 12.62
CA LEU C 66 -30.43 2.19 9.28
CA TRP C 67 -29.94 5.46 7.37
CA TRP C 68 -27.95 6.40 10.49
CA SER C 69 -25.71 3.32 10.50
CA VAL C 70 -24.91 4.05 6.85
CA GLU C 71 -24.07 7.73 7.33
CA THR C 72 -22.10 6.85 10.48
CA ALA C 73 -20.37 3.86 8.88
CA THR C 74 -19.44 6.04 5.90
CA THR C 75 -18.41 8.55 8.65
CA VAL C 76 -20.15 11.45 6.92
CA GLY C 77 -21.95 12.59 10.09
CA TYR C 78 -24.89 14.46 8.52
CA GLY C 79 -25.85 15.43 12.06
CA ASP C 80 -29.46 14.83 11.00
CA LEU C 81 -29.29 11.95 13.46
CA TYR C 82 -27.09 10.65 16.29
CA PRO C 83 -27.24 8.75 19.53
CA VAL C 84 -27.62 10.33 22.99
CA THR C 85 -27.91 7.07 24.89
CA LEU C 86 -24.59 6.14 26.57
CA TRP C 87 -25.11 2.72 24.93
CA GLY C 88 -26.46 4.13 21.65
CA ARG C 89 -23.14 6.00 21.62
CA CYS C 90 -21.22 2.70 21.92
CA VAL C 91 -23.14 1.14 19.03
CA ALA C 92 -22.12 4.27 17.14
CA VAL C 93 -18.38 3.82 17.80
CA VAL C 94 -18.69 0.17 16.66
CA VAL C 95 -20.69 0.91 13.51
CA MET C 96 -17.94 3.51 12.94
CA VAL C 97 -14.69 1.52 12.93
CA ALA C 98 -16.59 -1.19 11.03
CA GLY C 99 -16.66 1.33 8.16
CA ILE C 100 -13.24 2.96 8.61
CA THR C 101 -11.99 -0.65 8.62
CA SER C 102 -14.30 -2.60 6.29
CA PHE C 103 -13.36 0.15 3.82
CA GLY C 104 -9.60 0.17 4.54
CA LEU C 105 -9.28 -3.46 3.46
CA VAL C 106 -10.88 -2.61 0.09
CA THR C 107 -8.15 0.06 -0.18
CA ALA C 108 -5.51 -2.45 0.92
CA ALA C 109 -6.79 -4.94 -1.65
CA LEU C 110 -6.45 -2.28 -4.37
CA ALA C 111 -3.08 -1.14 -2.99
CA THR C 112 -1.56 -4.56 -3.70
CA TRP C 113 -3.47 -5.35 -6.92
CA PHE C 114 -1.50 -2.28 -8.17
CA VAL C 115 1.69 -4.10 -7.13
CA GLY C 116 0.86 -6.39 -10.10
CA ARG C 117 1.05 -3.15 -12.10
CA GLU C 118 3.84 -1.47 -10.13
CA GLN C 119 5.88 -4.59 -10.95
CA GLU C 120 5.42 -4.01 -14.67
CA ARG C 121 6.44 -0.50 -14.48
CA ARG C 122 9.79 -1.61 -12.54
CA GLY C 123 10.53 -3.97 -15.35
CA HIS C 124 12.54 -4.41 -17.63
CA PHE C 125 15.13 -4.93 -14.81
CA VAL C 126 18.76 -4.29 -16.01
CA ARG C 127 21.38 -2.01 -14.27
CA HIS C 128 23.36 -3.78 -11.41
CA SER C 129 21.75 -7.24 -12.09
CA GLU C 130 22.93 -9.40 -14.82
CA LYS C 131 26.71 -7.68 -14.22
CA ALA C 132 26.18 -9.29 -10.46
CA ALA C 133 25.66 -12.38 -11.67
CA GLU C 134 28.54 -12.47 -14.18
CA GLU C 135 30.93 -11.30 -11.00
CA ALA C 136 29.72 -14.52 -9.28
CA TYR C 137 30.49 -16.64 -11.92
CA THR C 138 34.13 -15.08 -12.39
CA ARG C 139 34.62 -15.92 -8.48
CA THR C 140 33.85 -19.46 -9.18
CA THR C 141 36.09 -19.83 -11.96
CA ARG C 142 39.09 -18.15 -9.73
CA ALA C 143 38.31 -21.03 -7.14
CA LEU C 144 38.77 -23.56 -9.69
CA HIS C 145 41.98 -22.26 -10.95
CA GLU C 146 43.35 -22.19 -7.10
CA ARG C 147 42.43 -26.01 -7.04
CA PHE C 148 44.31 -26.81 -10.30
CA ASP C 149 46.49 -29.92 -9.39
CA ARG C 150 45.35 -33.47 -8.15
CA LEU C 151 45.12 -34.16 -4.30
CA GLU C 152 48.23 -34.59 -1.95
CA ARG C 153 51.06 -37.07 -2.86
CA MET C 154 48.80 -38.22 -5.92
CA LEU C 155 51.07 -37.31 -8.28
CA ASP C 156 54.13 -39.10 -6.49
CA ASP C 157 51.85 -42.36 -6.43
CA ASN C 158 51.59 -42.03 -10.28
CA ARG C 159 55.35 -41.25 -11.01
CA ARG C 160 56.15 -37.93 -12.83
CA MET D 1 33.80 29.61 -13.70
CA PRO D 2 30.17 29.68 -14.83
CA PRO D 3 30.08 26.05 -16.05
CA MET D 4 31.73 24.72 -12.93
CA LEU D 5 29.24 26.50 -10.72
CA SER D 6 26.33 25.21 -12.75
CA GLY D 7 27.55 21.63 -12.46
CA LEU D 8 27.88 21.95 -8.72
CA LEU D 9 24.34 23.26 -8.41
CA ALA D 10 23.03 20.37 -10.45
CA ARG D 11 24.77 17.82 -8.27
CA LEU D 12 23.35 19.36 -5.13
CA VAL D 13 19.85 19.24 -6.54
CA LYS D 14 20.27 15.60 -7.45
CA LEU D 15 21.50 14.85 -3.95
CA LEU D 16 18.50 16.58 -2.44
CA LEU D 17 16.30 14.60 -4.77
CA GLY D 18 18.18 11.53 -3.64
CA ARG D 19 17.28 12.48 -0.11
CA HIS D 20 13.70 12.70 -1.26
CA GLY D 21 14.59 9.69 -3.34
CA SER D 22 15.71 6.88 -1.10
CA ALA D 23 13.30 8.58 1.25
CA LEU D 24 11.03 9.59 -1.60
CA HIS D 25 7.88 8.16 -0.08
CA TRP D 26 9.27 9.27 3.00
CA ALA D 27 10.07 12.78 1.76
CA ALA D 28 7.36 13.36 -0.85
CA ALA D 29 5.02 13.31 2.16
CA GLY D 30 6.69 15.27 4.94
CA ALA D 31 6.91 17.96 2.26
CA ALA D 32 3.46 17.74 0.63
CA THR D 33 1.88 18.62 3.97
CA VAL D 34 3.74 21.92 3.77
CA LEU D 35 1.52 22.23 0.66
CA LEU D 36 -1.86 21.49 2.28
CA VAL D 37 -1.06 24.00 5.04
CA ILE D 38 -0.70 26.60 2.25
CA VAL D 39 -4.03 25.45 0.76
CA LEU D 40 -5.59 25.98 4.19
CA LEU D 41 -4.35 29.51 4.75
CA ALA D 42 -4.97 29.94 1.01
CA GLY D 43 -8.64 28.89 0.95
CA SER D 44 -9.17 30.55 4.34
CA TYR D 45 -8.31 34.05 3.20
CA LEU D 46 -10.15 33.47 -0.08
CA ALA D 47 -13.49 31.83 0.82
CA VAL D 48 -14.03 34.80 3.19
CA LEU D 49 -13.57 37.40 0.48
CA ALA D 50 -16.11 35.21 -1.36
CA GLU D 51 -18.82 35.09 1.35
CA ARG D 52 -17.90 38.20 3.39
CA GLY D 53 -20.69 40.06 1.61
CA ALA D 54 -23.79 37.88 1.29
CA PRO D 55 -26.55 35.83 2.93
CA GLY D 56 -23.86 33.37 3.97
CA ALA D 57 -22.63 32.07 7.34
CA GLN D 58 -19.72 33.35 9.41
CA LEU D 59 -17.50 32.48 6.43
CA ILE D 60 -17.27 36.28 6.54
CA THR D 61 -14.23 36.45 8.80
CA TYR D 62 -10.65 35.40 8.02
CA PRO D 63 -10.01 34.04 11.54
CA ALA D 64 -13.18 31.97 11.02
CA ALA D 65 -12.53 30.60 7.54
CA LEU D 66 -9.34 29.06 8.99
CA TRP D 67 -11.13 26.82 11.51
CA TRP D 68 -13.36 26.04 8.50
CA SER D 69 -10.51 25.10 6.13
CA VAL D 70 -9.23 22.74 8.83
CA GLU D 71 -12.54 21.02 9.53
CA THR D 72 -13.21 20.86 5.77
CA ALA D 73 -9.67 19.70 4.93
CA THR D 74 -9.96 17.02 7.63
CA THR D 75 -13.40 16.41 6.02
CA VAL D 76 -15.18 16.30 9.39
CA GLY D 77 -17.92 18.72 8.31
CA TYR D 78 -18.98 20.04 11.73
CA GLY D 79 -21.71 21.95 9.88
CA ASP D 80 -20.97 24.83 12.27
CA LEU D 81 -19.72 26.59 9.12
CA TYR D 82 -19.86 26.21 5.34
CA PRO D 83 -19.89 28.22 2.16
CA VAL D 84 -23.02 29.40 0.33
CA THR D 85 -21.23 31.44 -2.29
CA LEU D 86 -20.99 29.55 -5.60
CA TRP D 87 -17.27 30.44 -5.47
CA GLY D 88 -16.93 29.87 -1.71
CA ARG D 89 -18.23 26.39 -2.59
CA CYS D 90 -15.40 25.91 -5.11
CA VAL D 91 -12.74 26.95 -2.57
CA ALA D 92 -14.39 24.31 -0.37
CA VAL D 93 -13.99 21.50 -2.92
CA VAL D 94 -10.32 22.48 -3.35
CA VAL D 95 -9.53 22.73 0.35
CA MET D 96 -11.23 19.30 0.46
CA VAL D 97 -9.23 17.14 -1.95
CA ALA D 98 -6.11 18.89 -0.65
CA GLY D 99 -6.82 17.02 2.61
CA ILE D 100 -8.15 13.73 1.21
CA THR D 101 -4.94 13.81 -0.87
CA SER D 102 -2.30 15.52 1.28
CA PHE D 103 -3.32 12.85 3.81
CA GLY D 104 -3.37 9.89 1.40
CA LEU D 105 0.32 10.35 0.61
CA VAL D 106 1.16 10.15 4.33
CA THR D 107 -0.76 6.82 4.25
CA ALA D 108 1.07 5.79 1.07
CA ALA D 109 4.41 6.67 2.69
CA LEU D 110 3.53 4.46 5.67
CA ALA D 111 2.15 1.74 3.38
CA THR D 112 5.59 1.25 1.81
CA TRP D 113 7.72 1.88 4.90
CA PHE D 114 5.91 -1.30 6.11
CA VAL D 115 7.22 -3.04 2.99
CA GLY D 116 10.61 -2.76 4.77
CA ARG D 117 8.86 -4.77 7.50
CA GLU D 118 6.66 -6.93 5.28
CA GLN D 119 9.93 -8.00 3.63
CA GLU D 120 11.29 -9.26 6.95
CA ARG D 121 8.29 -11.18 7.71
CA ARG D 122 8.54 -12.96 4.08
CA GLY D 123 12.05 -13.94 4.93
CA HIS D 124 13.75 -16.42 5.50
CA PHE D 125 13.01 -17.39 1.83
CA VAL D 126 13.38 -21.19 1.19
CA ARG D 127 10.78 -23.49 -0.53
CA HIS D 128 11.02 -23.51 -4.42
CA SER D 129 14.18 -21.28 -4.49
CA GLU D 130 17.53 -22.68 -3.85
CA LYS D 131 16.08 -26.24 -5.51
CA ALA D 132 15.52 -23.80 -8.78
CA ALA D 133 18.72 -22.83 -8.84
CA GLU D 134 20.33 -26.27 -8.39
CA GLU D 135 17.92 -27.45 -11.55
CA ALA D 136 19.71 -24.70 -13.57
CA TYR D 137 22.93 -25.73 -12.78
CA THR D 138 22.16 -29.54 -13.60
CA ARG D 139 20.93 -28.17 -17.18
CA THR D 140 24.26 -26.63 -17.68
CA THR D 141 26.18 -29.54 -16.82
CA ARG D 142 23.87 -31.79 -19.36
CA ALA D 143 24.96 -29.18 -22.11
CA LEU D 144 28.46 -29.77 -21.41
CA HIS D 145 28.26 -33.44 -21.51
CA GLU D 146 26.38 -33.13 -25.12
CA ARG D 147 29.53 -31.09 -26.24
CA PHE D 148 32.03 -33.73 -25.01
CA ASP D 149 34.44 -34.25 -28.05
CA ARG D 150 36.75 -31.65 -29.86
CA LEU D 151 35.37 -29.72 -32.98
CA GLU D 152 34.82 -31.32 -36.51
CA ARG D 153 37.66 -33.33 -38.23
CA MET D 154 40.00 -32.22 -35.21
CA LEU D 155 40.61 -35.40 -34.18
CA ASP D 156 41.51 -36.74 -37.79
CA ASP D 157 44.07 -33.72 -38.01
CA ASN D 158 45.73 -35.10 -34.79
CA ARG D 159 45.76 -38.89 -35.80
CA ARG D 160 43.91 -41.36 -33.47
CA MET A 1 -7.64 -5.91 -45.96
CA PRO A 2 -10.09 -6.65 -43.15
CA PRO A 3 -7.75 -8.97 -41.20
CA MET A 4 -4.82 -6.60 -41.44
CA LEU A 5 -6.90 -3.72 -40.13
CA SER A 6 -8.19 -5.81 -37.26
CA GLY A 7 -4.69 -6.80 -36.23
CA LEU A 8 -3.56 -3.19 -36.25
CA LEU A 9 -6.47 -2.18 -34.04
CA ALA A 10 -5.63 -4.93 -31.58
CA ARG A 11 -2.02 -3.86 -31.33
CA LEU A 12 -3.02 -0.27 -30.65
CA VAL A 13 -5.34 -1.34 -27.87
CA LYS A 14 -2.62 -3.41 -26.30
CA LEU A 15 -0.25 -0.47 -26.47
CA LEU A 16 -2.79 1.78 -24.80
CA LEU A 17 -3.25 -0.88 -22.16
CA GLY A 18 0.52 -0.97 -21.86
CA ARG A 19 0.38 2.75 -21.23
CA HIS A 20 -2.16 2.04 -18.55
CA GLY A 21 -0.01 -0.97 -17.85
CA SER A 22 3.47 0.14 -16.94
CA ALA A 23 1.55 3.10 -15.62
CA LEU A 24 -1.40 0.95 -14.67
CA HIS A 25 -1.61 2.19 -11.11
CA TRP A 26 -1.01 5.06 -12.22
CA ALA A 27 -3.67 5.02 -14.95
CA ALA A 28 -6.48 3.02 -13.32
CA ALA A 29 -6.74 6.04 -11.01
CA GLY A 30 -6.39 9.15 -13.14
CA ALA A 31 -9.21 7.54 -15.11
CA ALA A 32 -11.49 6.25 -12.33
CA THR A 33 -11.93 9.82 -11.10
CA VAL A 34 -13.49 10.59 -14.48
CA LEU A 35 -15.98 7.99 -13.18
CA LEU A 36 -16.75 9.56 -9.79
CA VAL A 37 -17.32 12.92 -11.50
CA ILE A 38 -20.03 11.17 -13.54
CA VAL A 39 -21.49 9.68 -10.33
CA LEU A 40 -21.62 13.22 -8.93
CA LEU A 41 -23.45 14.84 -11.83
CA ALA A 42 -25.36 11.53 -11.98
CA GLY A 43 -26.61 11.47 -8.38
CA SER A 44 -27.03 15.25 -8.46
CA TYR A 45 -29.61 15.30 -11.21
CA LEU A 46 -31.27 12.20 -9.75
CA ALA A 47 -31.57 12.79 -6.00
CA VAL A 48 -33.35 16.07 -6.88
CA LEU A 49 -35.98 14.37 -9.01
CA ALA A 50 -36.32 12.14 -5.92
CA GLU A 51 -36.84 14.89 -3.30
CA ARG A 52 -38.03 17.77 -5.52
CA GLY A 53 -41.58 16.98 -4.44
CA ALA A 54 -41.74 16.23 -0.72
CA PRO A 55 -41.15 17.32 2.88
CA GLY A 56 -37.44 17.21 2.14
CA ALA A 57 -34.63 19.81 2.22
CA GLN A 58 -33.33 21.92 -0.65
CA LEU A 59 -32.41 18.63 -2.36
CA ILE A 60 -35.16 19.99 -4.62
CA THR A 61 -32.87 21.90 -6.97
CA TYR A 62 -30.34 20.47 -9.45
CA PRO A 63 -27.78 23.25 -8.82
CA ALA A 64 -28.12 22.35 -5.12
CA ALA A 65 -27.87 18.57 -5.32
CA LEU A 66 -24.44 19.11 -6.94
CA TRP A 67 -22.89 20.87 -3.94
CA TRP A 68 -24.52 18.00 -2.03
CA SER A 69 -23.02 15.21 -4.14
CA VAL A 70 -19.61 16.81 -3.60
CA GLU A 71 -19.89 17.18 0.18
CA THR A 72 -21.38 13.67 0.38
CA ALA A 73 -18.83 12.15 -2.01
CA THR A 74 -16.04 13.79 0.01
CA THR A 75 -18.02 12.41 3.01
CA VAL A 76 -17.78 15.67 4.93
CA GLY A 77 -21.51 15.76 5.75
CA TYR A 78 -21.96 19.50 6.31
CA GLY A 79 -25.55 18.67 7.30
CA ASP A 80 -26.55 21.81 5.38
CA LEU A 81 -28.25 19.36 3.02
CA TYR A 82 -29.29 15.69 2.89
CA PRO A 83 -31.90 13.40 1.45
CA VAL A 84 -35.14 12.38 3.18
CA THR A 85 -36.59 10.46 0.27
CA LEU A 86 -36.10 6.69 0.71
CA TRP A 87 -34.70 6.78 -2.84
CA GLY A 88 -32.82 10.07 -2.36
CA ARG A 89 -31.17 8.18 0.52
CA CYS A 90 -30.06 5.40 -1.87
CA VAL A 91 -28.55 7.88 -4.32
CA ALA A 92 -26.71 9.20 -1.26
CA VAL A 93 -25.19 5.82 -0.34
CA VAL A 94 -24.07 5.41 -3.98
CA VAL A 95 -22.58 8.89 -4.33
CA MET A 96 -20.87 7.98 -1.04
CA VAL A 97 -18.91 4.80 -1.78
CA ALA A 98 -18.09 6.34 -5.19
CA GLY A 99 -15.97 8.82 -3.18
CA ILE A 100 -14.65 6.51 -0.45
CA THR A 101 -13.63 4.30 -3.39
CA SER A 102 -12.76 6.65 -6.27
CA PHE A 103 -10.44 8.20 -3.65
CA GLY A 104 -9.02 4.93 -2.28
CA LEU A 105 -7.59 4.01 -5.68
CA VAL A 106 -5.73 7.34 -5.82
CA THR A 107 -4.28 6.32 -2.42
CA ALA A 108 -3.53 2.83 -3.74
CA ALA A 109 -1.83 4.33 -6.80
CA LEU A 110 0.36 6.46 -4.52
CA ALA A 111 0.93 3.52 -2.15
CA THR A 112 2.67 1.56 -4.90
CA TRP A 113 4.40 4.47 -6.66
CA PHE A 114 6.23 4.69 -3.27
CA VAL A 115 7.24 1.05 -3.77
CA GLY A 116 9.50 2.49 -6.52
CA ARG A 117 10.97 4.54 -3.66
CA GLU A 118 10.68 1.92 -0.91
CA GLN A 119 12.76 -0.28 -3.22
CA GLU A 120 15.58 2.27 -3.41
CA ARG A 121 15.72 2.58 0.21
CA ARG A 122 16.00 -1.46 0.51
CA GLY A 123 18.91 -1.33 -1.84
CA HIS A 124 20.99 1.20 0.32
CA PHE A 125 21.76 -1.11 3.34
CA VAL A 126 24.66 -3.67 3.76
CA ARG A 127 23.23 -7.23 3.34
CA HIS A 128 24.15 -10.99 3.64
CA SER A 129 23.16 -12.15 0.01
CA GLU A 130 26.40 -12.57 -1.51
CA LYS A 131 27.34 -15.16 1.64
CA ALA A 132 24.08 -17.22 0.11
CA ALA A 133 25.48 -17.41 -2.97
CA GLU A 134 28.95 -18.46 -1.96
CA GLU A 135 27.09 -21.44 0.26
CA ALA A 136 25.58 -22.58 -3.04
CA TYR A 137 28.65 -22.71 -4.79
CA THR A 138 30.43 -24.69 -1.89
CA ARG A 139 27.42 -27.33 -2.24
CA THR A 140 28.22 -27.76 -5.79
CA THR A 141 31.80 -28.31 -5.32
CA ARG A 142 30.98 -31.07 -2.47
CA ALA A 143 28.84 -32.87 -5.24
CA LEU A 144 31.62 -32.94 -7.50
CA HIS A 145 34.06 -34.32 -5.02
CA GLU A 146 31.39 -37.23 -4.20
CA ARG A 147 31.49 -38.04 -8.05
CA PHE A 148 34.49 -38.70 -7.72
CA ASP A 149 36.45 -39.56 -11.01
CA ARG A 150 35.00 -39.47 -14.61
CA LEU A 151 37.81 -41.80 -16.03
CA GLU A 152 35.48 -44.77 -16.85
CA ARG A 153 35.90 -45.69 -20.60
CA MET A 154 39.06 -43.46 -20.54
CA LEU A 155 40.88 -46.10 -18.48
CA ASP A 156 40.00 -48.79 -21.00
CA ASP A 157 41.35 -46.67 -23.87
CA ASN A 158 44.70 -46.23 -21.97
CA ARG A 159 44.97 -50.11 -21.39
CA ARG A 160 46.50 -52.15 -23.25
CA MET B 1 27.34 -8.94 36.70
CA PRO B 2 26.25 -5.51 35.51
CA PRO B 3 27.53 -5.90 31.92
CA MET B 4 26.00 -9.34 31.51
CA LEU B 5 22.63 -8.08 32.66
CA SER B 6 22.79 -5.13 30.31
CA GLY B 7 23.56 -7.35 27.34
CA LEU B 8 20.63 -9.59 28.15
CA LEU B 9 18.29 -6.63 28.31
CA ALA B 10 19.50 -5.40 24.95
CA ARG B 11 18.91 -8.76 23.33
CA LEU B 12 15.38 -8.93 24.67
CA VAL B 13 14.60 -5.48 23.32
CA LYS B 14 15.92 -6.46 19.91
CA LEU B 15 13.79 -9.58 19.95
CA LEU B 16 10.71 -7.57 20.81
CA LEU B 17 11.59 -5.21 18.01
CA GLY B 18 12.00 -8.25 15.80
CA ARG B 19 8.48 -9.22 16.81
CA HIS B 20 7.41 -5.76 15.78
CA GLY B 21 9.91 -6.24 12.99
CA SER B 22 8.94 -9.24 10.93
CA ALA B 23 5.50 -8.16 12.02
CA LEU B 24 6.49 -4.51 11.97
CA HIS B 25 3.60 -3.39 9.80
CA TRP B 26 1.72 -5.68 12.17
CA ALA B 27 2.88 -4.43 15.57
CA ALA B 28 3.52 -0.73 14.90
CA ALA B 29 -0.25 -0.57 14.44
CA GLY B 30 -1.83 -2.68 17.16
CA ALA B 31 0.29 -0.50 19.43
CA ALA B 32 -0.21 2.96 17.90
CA THR B 33 -3.94 2.68 18.60
CA VAL B 34 -3.04 2.47 22.28
CA LEU B 35 -1.69 5.97 21.46
CA LEU B 36 -4.81 7.44 19.85
CA VAL B 37 -6.90 6.20 22.79
CA ILE B 38 -4.60 8.31 25.01
CA VAL B 39 -5.07 11.29 22.65
CA LEU B 40 -8.84 10.82 23.04
CA LEU B 41 -8.93 10.76 26.82
CA ALA B 42 -6.19 13.41 26.57
CA GLY B 43 -8.06 15.90 24.37
CA SER B 44 -11.32 15.04 26.16
CA TYR B 45 -10.20 16.18 29.58
CA LEU B 46 -8.42 19.18 28.03
CA ALA B 47 -10.84 20.71 25.51
CA VAL B 48 -13.38 20.86 28.38
CA LEU B 49 -11.09 22.85 30.64
CA ALA B 50 -10.75 25.05 27.54
CA GLU B 51 -14.48 25.64 26.86
CA ARG B 52 -15.95 24.89 30.31
CA GLY B 53 -16.14 28.63 30.92
CA ALA B 54 -17.38 30.45 27.82
CA PRO B 55 -20.07 30.99 25.19
CA GLY B 56 -19.27 27.52 23.88
CA ALA B 57 -21.29 24.30 23.48
CA GLN B 58 -21.54 21.39 25.89
CA LEU B 59 -17.77 20.98 25.46
CA ILE B 60 -18.06 22.05 29.09
CA THR B 61 -18.30 18.55 30.53
CA TYR B 62 -15.60 15.86 30.65
CA PRO B 63 -18.08 12.99 30.00
CA ALA B 64 -19.19 15.02 26.95
CA ALA B 65 -15.82 15.93 25.47
CA LEU B 66 -15.15 12.17 25.25
CA TRP B 67 -18.03 11.42 22.88
CA TRP B 68 -16.68 14.49 21.04
CA SER B 69 -13.07 13.26 20.82
CA VAL B 70 -14.42 10.01 19.37
CA GLU B 71 -16.65 11.60 16.73
CA THR B 72 -13.87 14.08 15.91
CA ALA B 73 -11.13 11.42 15.90
CA THR B 74 -13.31 9.27 13.61
CA THR B 75 -13.80 12.59 11.72
CA VAL B 76 -17.56 12.09 11.42
CA GLY B 77 -18.38 15.61 12.65
CA TYR B 78 -21.92 15.03 13.95
CA GLY B 79 -22.02 18.77 14.61
CA ASP B 80 -23.87 17.90 17.85
CA LEU B 81 -20.72 19.24 19.52
CA TYR B 82 -17.60 21.25 18.67
CA PRO B 83 -15.14 23.68 20.17
CA VAL B 84 -15.43 27.48 20.01
CA THR B 85 -12.45 28.22 22.21
CA LEU B 86 -9.38 29.17 20.12
CA TRP B 87 -7.55 26.54 22.20
CA GLY B 88 -10.45 24.06 22.23
CA ARG B 89 -10.11 24.35 18.43
CA CYS B 90 -6.43 23.35 18.63
CA VAL B 91 -7.19 20.30 20.76
CA ALA B 92 -9.69 19.48 18.02
CA VAL B 93 -7.11 19.60 15.21
CA VAL B 94 -4.83 17.34 17.31
CA VAL B 95 -7.50 14.81 18.23
CA MET B 96 -8.23 14.89 14.48
CA VAL B 97 -4.94 13.92 12.82
CA ALA B 98 -4.48 11.41 15.66
CA GLY B 99 -7.41 9.56 14.06
CA ILE B 100 -6.69 10.22 10.37
CA THR B 101 -3.21 8.90 11.27
CA SER B 102 -3.71 6.28 13.98
CA PHE B 103 -6.15 4.80 11.45
CA GLY B 104 -3.90 5.13 8.38
CA LEU B 105 -1.27 2.87 9.94
CA VAL B 106 -3.90 0.15 10.46
CA THR B 107 -4.58 0.54 6.70
CA ALA B 108 -0.85 0.49 5.96
CA ALA B 109 -0.45 -2.65 8.08
CA LEU B 110 -3.23 -4.33 6.09
CA ALA B 111 -1.84 -2.97 2.81
CA THR B 112 1.39 -4.92 3.30
CA TRP B 113 -0.07 -8.02 4.96
CA PHE B 114 -1.80 -8.36 1.53
CA VAL B 115 1.67 -8.27 -0.05
CA GLY B 116 2.01 -11.76 1.55
CA ARG B 117 -1.04 -12.57 -0.57
CA GLU B 118 -0.20 -10.42 -3.60
CA GLN B 119 3.05 -12.41 -3.72
CA GLU B 120 1.20 -15.73 -3.94
CA ARG B 121 -0.86 -14.56 -6.69
CA ARG B 122 2.48 -13.40 -8.68
CA GLY B 123 3.82 -16.86 -8.23
CA HIS B 124 0.75 -18.63 -9.92
CA PHE B 125 1.29 -17.39 -13.56
CA VAL B 126 3.54 -18.93 -16.34
CA ARG B 127 6.68 -16.71 -16.73
CA HIS B 128 9.84 -16.20 -18.92
CA SER B 129 12.57 -16.37 -16.08
CA GLU B 130 14.00 -19.64 -16.67
CA LYS B 131 14.72 -18.39 -20.61
CA ALA B 132 16.95 -15.52 -18.64
CA ALA B 133 18.80 -17.87 -17.02
CA GLU B 134 19.52 -20.14 -19.93
CA GLU B 135 20.79 -16.73 -21.92
CA ALA B 136 23.30 -16.34 -19.09
CA TYR B 137 24.57 -19.62 -19.30
CA THR B 138 24.98 -19.41 -23.21
CA ARG B 139 27.14 -16.11 -22.51
CA THR B 140 29.38 -18.03 -20.33
CA THR B 141 29.93 -20.78 -22.68
CA ARG B 142 30.81 -18.08 -25.58
CA ALA B 143 33.54 -16.73 -23.11
CA LEU B 144 35.00 -19.99 -22.75
CA HIS B 145 35.16 -20.69 -26.43
CA GLU B 146 37.01 -17.14 -26.91
CA ARG B 147 39.63 -18.46 -24.30
CA PHE B 148 40.31 -20.72 -26.30
CA ASP B 149 42.90 -23.42 -25.06
CA ARG B 150 44.49 -23.59 -21.54
CA LEU B 151 47.47 -25.83 -22.76
CA GLU B 152 50.22 -23.19 -22.15
CA ARG B 153 52.93 -24.71 -19.84
CA MET B 154 51.27 -28.14 -20.55
CA LEU B 155 52.67 -28.07 -24.09
CA ASP B 156 56.18 -27.42 -22.78
CA ASP B 157 55.91 -30.38 -20.38
CA ASN B 158 54.89 -32.68 -23.33
CA ARG B 159 57.96 -31.46 -25.46
CA ARG B 160 60.78 -32.86 -25.60
CA MET C 1 -13.57 -44.16 3.95
CA PRO C 2 -13.55 -41.56 6.71
CA PRO C 3 -9.85 -40.62 6.33
CA MET C 4 -10.06 -40.33 2.57
CA LEU C 5 -13.05 -38.02 2.82
CA SER C 6 -11.30 -35.86 5.40
CA GLY C 7 -8.25 -35.49 3.21
CA LEU C 8 -10.36 -34.44 0.27
CA LEU C 9 -12.11 -31.80 2.34
CA ALA C 10 -8.79 -30.43 3.51
CA ARG C 11 -7.49 -30.13 -0.03
CA LEU C 12 -10.59 -28.26 -1.15
CA VAL C 13 -10.24 -25.80 1.70
CA LYS C 14 -6.62 -25.19 0.82
CA LEU C 15 -7.57 -24.59 -2.79
CA LEU C 16 -10.23 -22.10 -1.77
CA LEU C 17 -7.66 -20.42 0.42
CA GLY C 18 -5.35 -20.46 -2.57
CA ARG C 19 -8.08 -18.67 -4.46
CA HIS C 20 -8.17 -16.16 -1.65
CA GLY C 21 -4.42 -16.62 -1.64
CA SER C 22 -3.02 -15.69 -5.01
CA ALA C 23 -5.98 -13.35 -4.94
CA LEU C 24 -5.71 -12.90 -1.19
CA HIS C 25 -5.69 -9.12 -1.29
CA TRP C 26 -8.74 -9.82 -3.35
CA ALA C 27 -11.08 -12.13 -1.43
CA ALA C 28 -10.52 -11.04 2.18
CA ALA C 29 -12.19 -7.81 1.03
CA GLY C 30 -15.12 -8.75 -1.17
CA ALA C 31 -16.08 -10.88 1.82
CA ALA C 32 -15.38 -8.51 4.74
CA THR C 33 -17.95 -6.09 3.33
CA VAL C 34 -20.52 -8.84 3.83
CA LEU C 35 -19.43 -8.28 7.46
CA LEU C 36 -19.90 -4.50 7.65
CA VAL C 37 -23.37 -4.88 6.12
CA ILE C 38 -24.19 -7.14 9.09
CA VAL C 39 -22.75 -4.52 11.48
CA LEU C 40 -25.06 -1.96 9.84
CA LEU C 41 -28.27 -3.94 10.17
CA ALA C 42 -26.83 -5.05 13.52
CA GLY C 43 -26.22 -1.59 15.01
CA SER C 44 -29.39 -0.31 13.33
CA TYR C 45 -31.76 -2.63 15.15
CA LEU C 46 -29.79 -2.18 18.36
CA ALA C 47 -29.11 1.57 18.73
CA VAL C 48 -32.90 2.03 18.35
CA LEU C 49 -33.75 -0.29 21.22
CA ALA C 50 -31.17 1.85 23.06
CA GLU C 51 -32.67 5.30 22.31
CA ARG C 52 -36.28 4.33 21.49
CA GLY C 53 -37.23 5.41 25.01
CA ALA C 54 -35.47 8.64 25.97
CA PRO C 55 -34.77 12.32 25.31
CA GLY C 56 -32.93 11.24 22.19
CA ALA C 57 -33.38 11.95 18.46
CA GLN C 58 -35.27 9.88 15.90
CA LEU C 59 -32.82 7.05 16.71
CA ILE C 60 -36.14 5.68 18.01
CA THR C 61 -37.15 3.93 14.80
CA TYR C 62 -35.54 0.88 13.17
CA PRO C 63 -36.07 2.19 9.61
CA ALA C 64 -34.30 5.37 10.80
CA ALA C 65 -31.32 3.85 12.62
CA LEU C 66 -30.43 2.19 9.28
CA TRP C 67 -29.94 5.46 7.37
CA TRP C 68 -27.95 6.40 10.49
CA SER C 69 -25.71 3.32 10.50
CA VAL C 70 -24.91 4.05 6.85
CA GLU C 71 -24.07 7.73 7.33
CA THR C 72 -22.10 6.85 10.48
CA ALA C 73 -20.37 3.86 8.88
CA THR C 74 -19.44 6.04 5.90
CA THR C 75 -18.41 8.55 8.65
CA VAL C 76 -20.15 11.45 6.92
CA GLY C 77 -21.95 12.59 10.09
CA TYR C 78 -24.89 14.46 8.52
CA GLY C 79 -25.85 15.43 12.06
CA ASP C 80 -29.46 14.83 11.00
CA LEU C 81 -29.29 11.95 13.46
CA TYR C 82 -27.09 10.65 16.29
CA PRO C 83 -27.24 8.75 19.53
CA VAL C 84 -27.62 10.33 22.99
CA THR C 85 -27.91 7.07 24.89
CA LEU C 86 -24.59 6.14 26.57
CA TRP C 87 -25.11 2.72 24.93
CA GLY C 88 -26.46 4.13 21.65
CA ARG C 89 -23.14 6.00 21.62
CA CYS C 90 -21.22 2.70 21.92
CA VAL C 91 -23.14 1.14 19.03
CA ALA C 92 -22.12 4.27 17.14
CA VAL C 93 -18.38 3.82 17.80
CA VAL C 94 -18.69 0.17 16.66
CA VAL C 95 -20.69 0.91 13.51
CA MET C 96 -17.94 3.51 12.94
CA VAL C 97 -14.69 1.52 12.93
CA ALA C 98 -16.59 -1.19 11.03
CA GLY C 99 -16.66 1.33 8.16
CA ILE C 100 -13.24 2.96 8.61
CA THR C 101 -11.99 -0.65 8.62
CA SER C 102 -14.30 -2.60 6.29
CA PHE C 103 -13.36 0.15 3.82
CA GLY C 104 -9.60 0.17 4.54
CA LEU C 105 -9.28 -3.46 3.46
CA VAL C 106 -10.88 -2.61 0.09
CA THR C 107 -8.15 0.06 -0.18
CA ALA C 108 -5.51 -2.45 0.92
CA ALA C 109 -6.79 -4.94 -1.65
CA LEU C 110 -6.45 -2.28 -4.37
CA ALA C 111 -3.08 -1.14 -2.99
CA THR C 112 -1.56 -4.56 -3.70
CA TRP C 113 -3.47 -5.35 -6.92
CA PHE C 114 -1.50 -2.28 -8.17
CA VAL C 115 1.69 -4.10 -7.13
CA GLY C 116 0.86 -6.39 -10.10
CA ARG C 117 1.05 -3.15 -12.10
CA GLU C 118 3.84 -1.47 -10.13
CA GLN C 119 5.88 -4.59 -10.95
CA GLU C 120 5.38 -4.14 -14.70
CA ARG C 121 6.46 -0.67 -14.57
CA ARG C 122 9.82 -1.81 -12.60
CA GLY C 123 10.49 -4.25 -15.37
CA HIS C 124 10.41 -1.55 -18.21
CA PHE C 125 13.63 0.40 -17.27
CA VAL C 126 17.31 -0.36 -18.28
CA ARG C 127 19.12 -1.85 -15.20
CA HIS C 128 22.62 -2.97 -13.93
CA SER C 129 21.74 -6.67 -12.89
CA GLU C 130 23.29 -8.54 -15.54
CA LYS C 131 26.86 -6.58 -14.56
CA ALA C 132 26.16 -8.41 -10.92
CA ALA C 133 26.02 -11.48 -12.35
CA GLU C 134 29.05 -11.24 -14.55
CA GLU C 135 31.08 -10.03 -11.15
CA ALA C 136 30.03 -13.36 -9.65
CA TYR C 137 31.20 -15.33 -12.34
CA THR C 138 34.67 -13.48 -12.44
CA ARG C 139 34.96 -14.43 -8.54
CA THR C 140 34.50 -17.97 -9.38
CA THR C 141 37.02 -18.06 -12.03
CA ARG C 142 39.68 -16.28 -9.53
CA ALA C 143 38.96 -19.28 -7.10
CA LEU C 144 39.74 -21.69 -9.63
CA HIS C 145 42.97 -20.08 -10.65
CA GLU C 146 44.03 -20.07 -6.75
CA ARG C 147 43.39 -23.95 -6.85
CA PHE C 148 45.65 -24.15 -8.96
CA ASP C 149 46.25 -27.71 -10.51
CA ARG C 150 44.17 -30.90 -9.77
CA LEU C 151 47.00 -33.30 -11.03
CA GLU C 152 47.74 -34.88 -7.58
CA ARG C 153 47.40 -38.74 -7.86
CA MET C 154 47.42 -38.20 -11.71
CA LEU C 155 51.13 -37.37 -11.56
CA ASP C 156 51.87 -40.57 -9.66
CA ASP C 157 49.99 -42.63 -12.27
CA ASN C 158 52.12 -41.03 -15.07
CA ARG C 159 55.44 -41.86 -13.16
CA ARG C 160 57.21 -44.45 -13.56
CA MET D 1 33.80 29.61 -13.70
CA PRO D 2 30.17 29.68 -14.83
CA PRO D 3 30.08 26.05 -16.05
CA MET D 4 31.73 24.72 -12.93
CA LEU D 5 29.24 26.50 -10.72
CA SER D 6 26.33 25.21 -12.75
CA GLY D 7 27.55 21.63 -12.46
CA LEU D 8 27.88 21.95 -8.72
CA LEU D 9 24.34 23.26 -8.41
CA ALA D 10 23.03 20.37 -10.45
CA ARG D 11 24.77 17.82 -8.27
CA LEU D 12 23.35 19.36 -5.13
CA VAL D 13 19.85 19.24 -6.54
CA LYS D 14 20.27 15.60 -7.45
CA LEU D 15 21.50 14.85 -3.95
CA LEU D 16 18.50 16.58 -2.44
CA LEU D 17 16.30 14.60 -4.77
CA GLY D 18 18.18 11.53 -3.64
CA ARG D 19 17.28 12.48 -0.11
CA HIS D 20 13.70 12.70 -1.26
CA GLY D 21 14.59 9.69 -3.34
CA SER D 22 15.71 6.88 -1.10
CA ALA D 23 13.30 8.58 1.25
CA LEU D 24 11.03 9.59 -1.60
CA HIS D 25 7.88 8.16 -0.08
CA TRP D 26 9.27 9.27 3.00
CA ALA D 27 10.07 12.78 1.76
CA ALA D 28 7.36 13.36 -0.85
CA ALA D 29 5.02 13.31 2.16
CA GLY D 30 6.69 15.27 4.94
CA ALA D 31 6.91 17.96 2.26
CA ALA D 32 3.46 17.74 0.63
CA THR D 33 1.88 18.62 3.97
CA VAL D 34 3.74 21.92 3.77
CA LEU D 35 1.52 22.23 0.66
CA LEU D 36 -1.86 21.49 2.28
CA VAL D 37 -1.06 24.00 5.04
CA ILE D 38 -0.70 26.60 2.25
CA VAL D 39 -4.03 25.45 0.76
CA LEU D 40 -5.59 25.98 4.19
CA LEU D 41 -4.35 29.51 4.75
CA ALA D 42 -4.97 29.94 1.01
CA GLY D 43 -8.64 28.89 0.95
CA SER D 44 -9.17 30.55 4.34
CA TYR D 45 -8.31 34.05 3.20
CA LEU D 46 -10.15 33.47 -0.08
CA ALA D 47 -13.49 31.83 0.82
CA VAL D 48 -14.03 34.80 3.19
CA LEU D 49 -13.57 37.40 0.48
CA ALA D 50 -16.11 35.21 -1.36
CA GLU D 51 -18.82 35.09 1.35
CA ARG D 52 -17.90 38.20 3.39
CA GLY D 53 -20.69 40.06 1.61
CA ALA D 54 -23.79 37.88 1.29
CA PRO D 55 -26.55 35.83 2.93
CA GLY D 56 -23.86 33.37 3.97
CA ALA D 57 -22.63 32.07 7.34
CA GLN D 58 -19.72 33.35 9.41
CA LEU D 59 -17.50 32.48 6.43
CA ILE D 60 -17.27 36.28 6.54
CA THR D 61 -14.23 36.45 8.80
CA TYR D 62 -10.65 35.40 8.02
CA PRO D 63 -10.01 34.04 11.54
CA ALA D 64 -13.18 31.97 11.02
CA ALA D 65 -12.53 30.60 7.54
CA LEU D 66 -9.34 29.06 8.99
CA TRP D 67 -11.13 26.82 11.51
CA TRP D 68 -13.36 26.04 8.50
CA SER D 69 -10.51 25.10 6.13
CA VAL D 70 -9.23 22.74 8.83
CA GLU D 71 -12.54 21.02 9.53
CA THR D 72 -13.21 20.86 5.77
CA ALA D 73 -9.67 19.70 4.93
CA THR D 74 -9.96 17.02 7.63
CA THR D 75 -13.40 16.41 6.02
CA VAL D 76 -15.18 16.30 9.39
CA GLY D 77 -17.92 18.72 8.31
CA TYR D 78 -18.98 20.04 11.73
CA GLY D 79 -21.71 21.95 9.88
CA ASP D 80 -20.97 24.83 12.27
CA LEU D 81 -19.72 26.59 9.12
CA TYR D 82 -19.86 26.21 5.34
CA PRO D 83 -19.89 28.22 2.16
CA VAL D 84 -23.02 29.40 0.33
CA THR D 85 -21.23 31.44 -2.29
CA LEU D 86 -20.99 29.55 -5.60
CA TRP D 87 -17.27 30.44 -5.47
CA GLY D 88 -16.93 29.87 -1.71
CA ARG D 89 -18.23 26.39 -2.59
CA CYS D 90 -15.40 25.91 -5.11
CA VAL D 91 -12.74 26.95 -2.57
CA ALA D 92 -14.39 24.31 -0.37
CA VAL D 93 -13.99 21.50 -2.92
CA VAL D 94 -10.32 22.48 -3.35
CA VAL D 95 -9.53 22.73 0.35
CA MET D 96 -11.23 19.30 0.46
CA VAL D 97 -9.23 17.14 -1.95
CA ALA D 98 -6.11 18.89 -0.65
CA GLY D 99 -6.82 17.02 2.61
CA ILE D 100 -8.15 13.73 1.21
CA THR D 101 -4.94 13.81 -0.87
CA SER D 102 -2.30 15.52 1.28
CA PHE D 103 -3.32 12.85 3.81
CA GLY D 104 -3.37 9.89 1.40
CA LEU D 105 0.32 10.35 0.61
CA VAL D 106 1.16 10.15 4.33
CA THR D 107 -0.76 6.82 4.25
CA ALA D 108 1.07 5.79 1.07
CA ALA D 109 4.41 6.67 2.69
CA LEU D 110 3.53 4.46 5.67
CA ALA D 111 2.15 1.74 3.38
CA THR D 112 5.59 1.25 1.81
CA TRP D 113 7.72 1.88 4.90
CA PHE D 114 5.91 -1.30 6.11
CA VAL D 115 7.22 -3.04 2.99
CA GLY D 116 10.61 -2.76 4.77
CA ARG D 117 8.86 -4.77 7.50
CA GLU D 118 6.66 -6.93 5.28
CA GLN D 119 9.93 -8.00 3.63
CA GLU D 120 11.41 -9.19 6.93
CA ARG D 121 8.46 -11.19 7.69
CA ARG D 122 8.74 -12.94 4.05
CA GLY D 123 12.29 -13.82 4.86
CA HIS D 124 11.41 -15.73 8.17
CA PHE D 125 9.55 -18.76 6.61
CA VAL D 126 11.04 -22.09 5.24
CA ARG D 127 10.92 -21.96 1.37
CA HIS D 128 11.54 -24.12 -1.80
CA SER D 129 14.10 -21.76 -3.64
CA GLU D 130 17.19 -23.54 -3.14
CA LYS D 131 15.33 -26.87 -4.89
CA ALA D 132 14.99 -24.24 -8.07
CA ALA D 133 18.33 -23.69 -8.14
CA GLU D 134 19.51 -27.25 -7.86
CA GLU D 135 16.93 -28.06 -11.00
CA ALA D 136 18.93 -25.49 -12.96
CA TYR D 137 22.08 -26.92 -12.27
CA THR D 138 20.86 -30.55 -13.19
CA ARG D 139 19.71 -28.95 -16.70
CA THR D 140 23.14 -27.76 -17.26
CA THR D 141 24.78 -30.94 -16.52
CA ARG D 142 22.22 -32.81 -19.05
CA ALA D 143 23.49 -30.27 -21.76
CA LEU D 144 26.92 -31.18 -21.18
CA HIS D 145 26.34 -34.87 -21.36
CA GLU D 146 24.44 -34.26 -24.89
CA ARG D 147 27.75 -32.51 -26.05
CA PHE D 148 29.21 -35.21 -25.63
CA ASP D 149 33.10 -35.20 -26.18
CA ARG D 150 35.26 -32.09 -27.00
CA LEU D 151 38.22 -34.25 -28.41
CA GLU D 152 37.89 -33.03 -32.06
CA ARG D 153 41.30 -31.61 -33.23
CA MET D 154 42.79 -33.31 -30.07
CA LEU D 155 42.34 -36.71 -31.71
CA ASP D 156 44.19 -35.58 -34.82
CA ASP D 157 47.10 -34.32 -32.71
CA ASN D 158 47.34 -37.77 -30.97
CA ARG D 159 47.38 -39.61 -34.45
CA ARG D 160 49.96 -40.46 -36.06
CA MET A 1 -7.64 -5.91 -45.96
CA PRO A 2 -10.09 -6.65 -43.15
CA PRO A 3 -7.75 -8.97 -41.20
CA MET A 4 -4.82 -6.60 -41.44
CA LEU A 5 -6.90 -3.72 -40.13
CA SER A 6 -8.19 -5.81 -37.26
CA GLY A 7 -4.69 -6.80 -36.23
CA LEU A 8 -3.56 -3.19 -36.25
CA LEU A 9 -6.47 -2.18 -34.04
CA ALA A 10 -5.63 -4.93 -31.58
CA ARG A 11 -2.02 -3.86 -31.33
CA LEU A 12 -3.02 -0.27 -30.65
CA VAL A 13 -5.34 -1.34 -27.87
CA LYS A 14 -2.62 -3.41 -26.30
CA LEU A 15 -0.25 -0.47 -26.47
CA LEU A 16 -2.79 1.78 -24.80
CA LEU A 17 -3.25 -0.88 -22.16
CA GLY A 18 0.52 -0.97 -21.86
CA ARG A 19 0.38 2.75 -21.23
CA HIS A 20 -2.16 2.04 -18.55
CA GLY A 21 -0.01 -0.97 -17.85
CA SER A 22 3.47 0.14 -16.94
CA ALA A 23 1.55 3.10 -15.62
CA LEU A 24 -1.40 0.95 -14.67
CA HIS A 25 -1.61 2.19 -11.11
CA TRP A 26 -1.01 5.06 -12.22
CA ALA A 27 -3.67 5.02 -14.95
CA ALA A 28 -6.48 3.02 -13.32
CA ALA A 29 -6.74 6.04 -11.01
CA GLY A 30 -6.39 9.15 -13.14
CA ALA A 31 -9.21 7.54 -15.11
CA ALA A 32 -11.49 6.25 -12.33
CA THR A 33 -11.93 9.82 -11.10
CA VAL A 34 -13.49 10.59 -14.48
CA LEU A 35 -15.98 7.99 -13.18
CA LEU A 36 -16.75 9.56 -9.79
CA VAL A 37 -17.32 12.92 -11.50
CA ILE A 38 -20.03 11.17 -13.54
CA VAL A 39 -21.49 9.68 -10.33
CA LEU A 40 -21.62 13.22 -8.93
CA LEU A 41 -23.45 14.84 -11.83
CA ALA A 42 -25.36 11.53 -11.98
CA GLY A 43 -26.61 11.47 -8.38
CA SER A 44 -27.03 15.25 -8.46
CA TYR A 45 -29.61 15.30 -11.21
CA LEU A 46 -31.27 12.20 -9.75
CA ALA A 47 -31.57 12.79 -6.00
CA VAL A 48 -33.35 16.07 -6.88
CA LEU A 49 -35.98 14.37 -9.01
CA ALA A 50 -36.32 12.14 -5.92
CA GLU A 51 -36.84 14.89 -3.30
CA ARG A 52 -38.03 17.77 -5.52
CA GLY A 53 -41.58 16.98 -4.44
CA ALA A 54 -41.74 16.23 -0.72
CA PRO A 55 -41.15 17.32 2.88
CA GLY A 56 -37.44 17.21 2.14
CA ALA A 57 -34.63 19.81 2.22
CA GLN A 58 -33.33 21.92 -0.65
CA LEU A 59 -32.41 18.63 -2.36
CA ILE A 60 -35.16 19.99 -4.62
CA THR A 61 -32.87 21.90 -6.97
CA TYR A 62 -30.34 20.47 -9.45
CA PRO A 63 -27.78 23.25 -8.82
CA ALA A 64 -28.12 22.35 -5.12
CA ALA A 65 -27.87 18.57 -5.32
CA LEU A 66 -24.44 19.11 -6.94
CA TRP A 67 -22.89 20.87 -3.94
CA TRP A 68 -24.52 18.00 -2.03
CA SER A 69 -23.02 15.21 -4.14
CA VAL A 70 -19.61 16.81 -3.60
CA GLU A 71 -19.89 17.18 0.18
CA THR A 72 -21.38 13.67 0.38
CA ALA A 73 -18.83 12.15 -2.01
CA THR A 74 -16.04 13.79 0.01
CA THR A 75 -18.02 12.41 3.01
CA VAL A 76 -17.78 15.67 4.93
CA GLY A 77 -21.51 15.76 5.75
CA TYR A 78 -21.96 19.50 6.31
CA GLY A 79 -25.55 18.67 7.30
CA ASP A 80 -26.55 21.81 5.38
CA LEU A 81 -28.25 19.36 3.02
CA TYR A 82 -29.29 15.69 2.89
CA PRO A 83 -31.90 13.40 1.45
CA VAL A 84 -35.14 12.38 3.18
CA THR A 85 -36.59 10.46 0.27
CA LEU A 86 -36.10 6.69 0.71
CA TRP A 87 -34.70 6.78 -2.84
CA GLY A 88 -32.82 10.07 -2.36
CA ARG A 89 -31.17 8.18 0.52
CA CYS A 90 -30.06 5.40 -1.87
CA VAL A 91 -28.55 7.88 -4.32
CA ALA A 92 -26.71 9.20 -1.26
CA VAL A 93 -25.19 5.82 -0.34
CA VAL A 94 -24.07 5.41 -3.98
CA VAL A 95 -22.58 8.89 -4.33
CA MET A 96 -20.87 7.98 -1.04
CA VAL A 97 -18.91 4.80 -1.78
CA ALA A 98 -18.09 6.34 -5.19
CA GLY A 99 -15.97 8.82 -3.18
CA ILE A 100 -14.65 6.51 -0.45
CA THR A 101 -13.63 4.30 -3.39
CA SER A 102 -12.76 6.65 -6.27
CA PHE A 103 -10.44 8.20 -3.65
CA GLY A 104 -9.02 4.93 -2.28
CA LEU A 105 -7.59 4.01 -5.68
CA VAL A 106 -5.73 7.34 -5.82
CA THR A 107 -4.28 6.32 -2.42
CA ALA A 108 -3.53 2.83 -3.74
CA ALA A 109 -1.83 4.33 -6.80
CA LEU A 110 0.36 6.46 -4.52
CA ALA A 111 0.93 3.52 -2.15
CA THR A 112 2.67 1.56 -4.90
CA TRP A 113 4.40 4.47 -6.66
CA PHE A 114 6.23 4.69 -3.27
CA VAL A 115 7.24 1.05 -3.77
CA GLY A 116 9.50 2.49 -6.52
CA ARG A 117 10.97 4.54 -3.66
CA GLU A 118 10.68 1.92 -0.91
CA GLN A 119 12.76 -0.28 -3.22
CA GLU A 120 15.58 2.26 -3.41
CA ARG A 121 15.72 2.58 0.21
CA ARG A 122 16.00 -1.46 0.51
CA GLY A 123 18.90 -1.33 -1.84
CA HIS A 124 21.68 -2.42 -1.05
CA PHE A 125 20.39 -5.76 0.50
CA VAL A 126 17.34 -5.97 2.90
CA ARG A 127 18.80 -7.84 4.85
CA HIS A 128 21.95 -10.11 4.59
CA SER A 129 22.80 -11.86 1.21
CA GLU A 130 26.19 -12.15 0.06
CA LYS A 131 26.83 -14.83 3.25
CA ALA A 132 23.84 -16.89 1.26
CA ALA A 133 25.61 -16.98 -1.60
CA GLU A 134 28.96 -17.93 -0.22
CA GLU A 135 26.92 -21.04 1.69
CA ALA A 136 25.91 -22.13 -1.82
CA TYR A 137 29.11 -22.14 -3.16
CA THR A 138 30.64 -24.12 -0.07
CA ARG A 139 27.73 -26.87 -0.90
CA THR A 140 29.06 -27.19 -4.29
CA THR A 141 32.50 -27.58 -3.41
CA ARG A 142 31.39 -30.47 -0.63
CA ALA A 143 29.74 -32.27 -3.79
CA LEU A 144 32.84 -32.25 -5.56
CA HIS A 145 34.90 -33.52 -2.84
CA GLU A 146 32.15 -36.63 -2.42
CA ARG A 147 32.93 -37.31 -6.22
CA PHE A 148 36.86 -37.26 -5.84
CA ASP A 149 39.31 -38.85 -8.44
CA ARG A 150 37.64 -38.18 -11.94
CA LEU A 151 37.39 -40.69 -14.91
CA GLU A 152 36.58 -44.48 -14.70
CA ARG A 153 37.83 -45.47 -18.27
CA MET A 154 40.87 -43.09 -17.93
CA LEU A 155 42.57 -45.61 -15.64
CA ASP A 156 42.08 -48.40 -18.16
CA ASP A 157 43.62 -46.27 -20.90
CA ASN A 158 46.74 -45.66 -18.67
CA ARG A 159 47.09 -49.51 -17.95
CA ARG A 160 50.47 -50.70 -19.54
CA MET B 1 27.34 -8.94 36.70
CA PRO B 2 26.25 -5.51 35.51
CA PRO B 3 27.53 -5.90 31.92
CA MET B 4 26.00 -9.34 31.51
CA LEU B 5 22.63 -8.08 32.66
CA SER B 6 22.79 -5.13 30.31
CA GLY B 7 23.56 -7.35 27.34
CA LEU B 8 20.63 -9.59 28.15
CA LEU B 9 18.29 -6.63 28.31
CA ALA B 10 19.50 -5.40 24.95
CA ARG B 11 18.91 -8.76 23.33
CA LEU B 12 15.38 -8.93 24.67
CA VAL B 13 14.60 -5.48 23.32
CA LYS B 14 15.92 -6.46 19.91
CA LEU B 15 13.79 -9.58 19.95
CA LEU B 16 10.71 -7.57 20.81
CA LEU B 17 11.59 -5.21 18.01
CA GLY B 18 12.00 -8.25 15.80
CA ARG B 19 8.48 -9.22 16.81
CA HIS B 20 7.41 -5.76 15.78
CA GLY B 21 9.91 -6.24 12.99
CA SER B 22 8.94 -9.24 10.93
CA ALA B 23 5.50 -8.16 12.02
CA LEU B 24 6.49 -4.51 11.97
CA HIS B 25 3.60 -3.39 9.80
CA TRP B 26 1.72 -5.68 12.17
CA ALA B 27 2.88 -4.43 15.57
CA ALA B 28 3.52 -0.73 14.90
CA ALA B 29 -0.25 -0.57 14.44
CA GLY B 30 -1.83 -2.68 17.16
CA ALA B 31 0.29 -0.50 19.43
CA ALA B 32 -0.21 2.96 17.90
CA THR B 33 -3.94 2.68 18.60
CA VAL B 34 -3.04 2.47 22.28
CA LEU B 35 -1.69 5.97 21.46
CA LEU B 36 -4.81 7.44 19.85
CA VAL B 37 -6.90 6.20 22.79
CA ILE B 38 -4.60 8.31 25.01
CA VAL B 39 -5.07 11.29 22.65
CA LEU B 40 -8.84 10.82 23.04
CA LEU B 41 -8.93 10.76 26.82
CA ALA B 42 -6.19 13.41 26.57
CA GLY B 43 -8.06 15.90 24.37
CA SER B 44 -11.32 15.04 26.16
CA TYR B 45 -10.20 16.18 29.58
CA LEU B 46 -8.42 19.18 28.03
CA ALA B 47 -10.84 20.71 25.51
CA VAL B 48 -13.38 20.86 28.38
CA LEU B 49 -11.09 22.85 30.64
CA ALA B 50 -10.75 25.05 27.54
CA GLU B 51 -14.48 25.64 26.86
CA ARG B 52 -15.95 24.89 30.31
CA GLY B 53 -16.14 28.63 30.92
CA ALA B 54 -17.38 30.45 27.82
CA PRO B 55 -20.07 30.99 25.19
CA GLY B 56 -19.27 27.52 23.88
CA ALA B 57 -21.29 24.30 23.48
CA GLN B 58 -21.54 21.39 25.89
CA LEU B 59 -17.77 20.98 25.46
CA ILE B 60 -18.06 22.05 29.09
CA THR B 61 -18.30 18.55 30.53
CA TYR B 62 -15.60 15.86 30.65
CA PRO B 63 -18.08 12.99 30.00
CA ALA B 64 -19.19 15.02 26.95
CA ALA B 65 -15.82 15.93 25.47
CA LEU B 66 -15.15 12.17 25.25
CA TRP B 67 -18.03 11.42 22.88
CA TRP B 68 -16.68 14.49 21.04
CA SER B 69 -13.07 13.26 20.82
CA VAL B 70 -14.42 10.01 19.37
CA GLU B 71 -16.65 11.60 16.73
CA THR B 72 -13.87 14.08 15.91
CA ALA B 73 -11.13 11.42 15.90
CA THR B 74 -13.31 9.27 13.61
CA THR B 75 -13.80 12.59 11.72
CA VAL B 76 -17.56 12.09 11.42
CA GLY B 77 -18.38 15.61 12.65
CA TYR B 78 -21.92 15.03 13.95
CA GLY B 79 -22.02 18.77 14.61
CA ASP B 80 -23.87 17.90 17.85
CA LEU B 81 -20.72 19.24 19.52
CA TYR B 82 -17.60 21.25 18.67
CA PRO B 83 -15.14 23.68 20.17
CA VAL B 84 -15.43 27.48 20.01
CA THR B 85 -12.45 28.22 22.21
CA LEU B 86 -9.38 29.17 20.12
CA TRP B 87 -7.55 26.54 22.20
CA GLY B 88 -10.45 24.06 22.23
CA ARG B 89 -10.11 24.35 18.43
CA CYS B 90 -6.43 23.35 18.63
CA VAL B 91 -7.19 20.30 20.76
CA ALA B 92 -9.69 19.48 18.02
CA VAL B 93 -7.11 19.60 15.21
CA VAL B 94 -4.83 17.34 17.31
CA VAL B 95 -7.50 14.81 18.23
CA MET B 96 -8.23 14.89 14.48
CA VAL B 97 -4.94 13.92 12.82
CA ALA B 98 -4.48 11.41 15.66
CA GLY B 99 -7.41 9.56 14.06
CA ILE B 100 -6.69 10.22 10.37
CA THR B 101 -3.21 8.90 11.27
CA SER B 102 -3.71 6.28 13.98
CA PHE B 103 -6.15 4.80 11.45
CA GLY B 104 -3.90 5.13 8.38
CA LEU B 105 -1.27 2.87 9.94
CA VAL B 106 -3.90 0.15 10.46
CA THR B 107 -4.58 0.54 6.70
CA ALA B 108 -0.85 0.49 5.96
CA ALA B 109 -0.45 -2.65 8.08
CA LEU B 110 -3.23 -4.33 6.09
CA ALA B 111 -1.84 -2.97 2.81
CA THR B 112 1.39 -4.92 3.30
CA TRP B 113 -0.07 -8.02 4.96
CA PHE B 114 -1.80 -8.36 1.53
CA VAL B 115 1.67 -8.27 -0.05
CA GLY B 116 2.01 -11.76 1.55
CA ARG B 117 -1.04 -12.57 -0.57
CA GLU B 118 -0.20 -10.42 -3.60
CA GLN B 119 3.05 -12.41 -3.72
CA GLU B 120 1.21 -15.74 -3.94
CA ARG B 121 -0.86 -14.56 -6.69
CA ARG B 122 2.49 -13.40 -8.67
CA GLY B 123 3.81 -16.86 -8.24
CA HIS B 124 4.61 -18.61 -10.66
CA PHE B 125 6.59 -15.82 -12.55
CA VAL B 126 5.27 -12.19 -12.97
CA ARG B 127 6.04 -12.10 -15.96
CA HIS B 128 8.41 -14.21 -18.21
CA SER B 129 11.70 -15.70 -16.72
CA GLU B 130 12.82 -18.98 -17.62
CA LYS B 131 13.58 -17.45 -21.47
CA ALA B 132 16.09 -14.97 -19.28
CA ALA B 133 17.75 -17.58 -17.98
CA GLU B 134 18.20 -19.64 -21.08
CA GLU B 135 19.72 -16.15 -22.78
CA ALA B 136 22.33 -16.29 -20.01
CA TYR B 137 23.31 -19.58 -20.55
CA THR B 138 23.60 -19.07 -24.48
CA ARG B 139 26.10 -16.01 -23.52
CA THR B 140 28.20 -18.36 -21.68
CA THR B 141 28.42 -20.88 -24.21
CA ARG B 142 29.40 -17.92 -26.96
CA ALA B 143 32.38 -17.13 -24.42
CA LEU B 144 33.53 -20.52 -24.58
CA HIS B 145 33.45 -20.84 -28.21
CA GLU B 146 35.66 -17.31 -28.42
CA ARG B 147 38.24 -19.24 -26.15
CA PHE B 148 38.36 -22.51 -28.35
CA ASP B 149 41.25 -25.12 -28.19
CA ARG B 150 42.28 -25.24 -24.39
CA LEU B 151 45.91 -25.39 -22.97
CA GLU B 152 48.98 -23.39 -24.24
CA ARG B 153 51.75 -25.55 -22.49
CA MET B 154 49.80 -28.81 -23.31
CA LEU B 155 50.98 -28.58 -26.92
CA ASP B 156 54.59 -28.24 -25.85
CA ASP B 157 54.29 -31.33 -23.64
CA ASN B 158 52.92 -33.35 -26.66
CA ARG B 159 55.91 -32.14 -28.93
CA ARG B 160 58.04 -35.30 -29.84
CA MET C 1 -13.57 -44.16 3.95
CA PRO C 2 -13.55 -41.56 6.71
CA PRO C 3 -9.85 -40.62 6.33
CA MET C 4 -10.06 -40.33 2.57
CA LEU C 5 -13.05 -38.02 2.82
CA SER C 6 -11.30 -35.86 5.40
CA GLY C 7 -8.25 -35.49 3.21
CA LEU C 8 -10.36 -34.44 0.27
CA LEU C 9 -12.11 -31.80 2.34
CA ALA C 10 -8.79 -30.43 3.51
CA ARG C 11 -7.49 -30.13 -0.03
CA LEU C 12 -10.59 -28.26 -1.15
CA VAL C 13 -10.24 -25.80 1.70
CA LYS C 14 -6.62 -25.19 0.82
CA LEU C 15 -7.57 -24.59 -2.79
CA LEU C 16 -10.23 -22.10 -1.77
CA LEU C 17 -7.66 -20.42 0.42
CA GLY C 18 -5.35 -20.46 -2.57
CA ARG C 19 -8.08 -18.67 -4.46
CA HIS C 20 -8.17 -16.16 -1.65
CA GLY C 21 -4.42 -16.62 -1.64
CA SER C 22 -3.02 -15.69 -5.01
CA ALA C 23 -5.98 -13.35 -4.94
CA LEU C 24 -5.71 -12.90 -1.19
CA HIS C 25 -5.69 -9.12 -1.29
CA TRP C 26 -8.74 -9.82 -3.35
CA ALA C 27 -11.08 -12.13 -1.43
CA ALA C 28 -10.52 -11.04 2.18
CA ALA C 29 -12.19 -7.81 1.03
CA GLY C 30 -15.12 -8.75 -1.17
CA ALA C 31 -16.08 -10.88 1.82
CA ALA C 32 -15.38 -8.51 4.74
CA THR C 33 -17.95 -6.09 3.33
CA VAL C 34 -20.52 -8.84 3.83
CA LEU C 35 -19.43 -8.28 7.46
CA LEU C 36 -19.90 -4.50 7.65
CA VAL C 37 -23.37 -4.88 6.12
CA ILE C 38 -24.19 -7.14 9.09
CA VAL C 39 -22.75 -4.52 11.48
CA LEU C 40 -25.06 -1.96 9.84
CA LEU C 41 -28.27 -3.94 10.17
CA ALA C 42 -26.83 -5.05 13.52
CA GLY C 43 -26.22 -1.59 15.01
CA SER C 44 -29.39 -0.31 13.33
CA TYR C 45 -31.76 -2.63 15.15
CA LEU C 46 -29.79 -2.18 18.36
CA ALA C 47 -29.11 1.57 18.73
CA VAL C 48 -32.90 2.03 18.35
CA LEU C 49 -33.75 -0.29 21.22
CA ALA C 50 -31.17 1.85 23.06
CA GLU C 51 -32.67 5.30 22.31
CA ARG C 52 -36.28 4.33 21.49
CA GLY C 53 -37.23 5.41 25.01
CA ALA C 54 -35.47 8.64 25.97
CA PRO C 55 -34.77 12.32 25.31
CA GLY C 56 -32.93 11.24 22.19
CA ALA C 57 -33.38 11.95 18.46
CA GLN C 58 -35.27 9.88 15.90
CA LEU C 59 -32.82 7.05 16.71
CA ILE C 60 -36.14 5.68 18.01
CA THR C 61 -37.15 3.93 14.80
CA TYR C 62 -35.54 0.88 13.17
CA PRO C 63 -36.07 2.19 9.61
CA ALA C 64 -34.30 5.37 10.80
CA ALA C 65 -31.32 3.85 12.62
CA LEU C 66 -30.43 2.19 9.28
CA TRP C 67 -29.94 5.46 7.37
CA TRP C 68 -27.95 6.40 10.49
CA SER C 69 -25.71 3.32 10.50
CA VAL C 70 -24.91 4.05 6.85
CA GLU C 71 -24.07 7.73 7.33
CA THR C 72 -22.10 6.85 10.48
CA ALA C 73 -20.37 3.86 8.88
CA THR C 74 -19.44 6.04 5.90
CA THR C 75 -18.41 8.55 8.65
CA VAL C 76 -20.15 11.45 6.92
CA GLY C 77 -21.95 12.59 10.09
CA TYR C 78 -24.89 14.46 8.52
CA GLY C 79 -25.85 15.43 12.06
CA ASP C 80 -29.46 14.83 11.00
CA LEU C 81 -29.29 11.95 13.46
CA TYR C 82 -27.09 10.65 16.29
CA PRO C 83 -27.24 8.75 19.53
CA VAL C 84 -27.62 10.33 22.99
CA THR C 85 -27.91 7.07 24.89
CA LEU C 86 -24.59 6.14 26.57
CA TRP C 87 -25.11 2.72 24.93
CA GLY C 88 -26.46 4.13 21.65
CA ARG C 89 -23.14 6.00 21.62
CA CYS C 90 -21.22 2.70 21.92
CA VAL C 91 -23.14 1.14 19.03
CA ALA C 92 -22.12 4.27 17.14
CA VAL C 93 -18.38 3.82 17.80
CA VAL C 94 -18.69 0.17 16.66
CA VAL C 95 -20.69 0.91 13.51
CA MET C 96 -17.94 3.51 12.94
CA VAL C 97 -14.69 1.52 12.93
CA ALA C 98 -16.59 -1.19 11.03
CA GLY C 99 -16.66 1.33 8.16
CA ILE C 100 -13.24 2.96 8.61
CA THR C 101 -11.99 -0.65 8.62
CA SER C 102 -14.30 -2.60 6.29
CA PHE C 103 -13.36 0.15 3.82
CA GLY C 104 -9.60 0.17 4.54
CA LEU C 105 -9.28 -3.46 3.46
CA VAL C 106 -10.88 -2.61 0.09
CA THR C 107 -8.15 0.06 -0.18
CA ALA C 108 -5.51 -2.45 0.92
CA ALA C 109 -6.79 -4.94 -1.65
CA LEU C 110 -6.45 -2.28 -4.37
CA ALA C 111 -3.08 -1.14 -2.99
CA THR C 112 -1.56 -4.56 -3.70
CA TRP C 113 -3.47 -5.35 -6.92
CA PHE C 114 -1.50 -2.28 -8.17
CA VAL C 115 1.69 -4.10 -7.13
CA GLY C 116 0.86 -6.39 -10.10
CA ARG C 117 1.05 -3.15 -12.10
CA GLU C 118 3.84 -1.47 -10.13
CA GLN C 119 5.88 -4.59 -10.95
CA GLU C 120 5.38 -4.14 -14.70
CA ARG C 121 6.46 -0.67 -14.57
CA ARG C 122 9.82 -1.81 -12.60
CA GLY C 123 10.49 -4.23 -15.36
CA HIS C 124 13.11 -4.13 -17.00
CA PHE C 125 15.50 -3.73 -13.95
CA VAL C 126 14.81 -1.27 -11.02
CA ARG C 127 17.71 -0.24 -11.01
CA HIS C 128 21.08 -1.56 -12.45
CA SER C 129 21.73 -5.41 -12.61
CA GLU C 130 23.39 -6.90 -15.41
CA LYS C 131 26.88 -4.92 -14.14
CA ALA C 132 26.17 -7.20 -10.76
CA ALA C 133 26.22 -10.07 -12.53
CA GLU C 134 29.26 -9.43 -14.64
CA GLU C 135 31.17 -8.54 -11.06
CA ALA C 136 30.27 -12.09 -10.03
CA TYR C 137 31.56 -13.65 -12.85
CA THR C 138 34.96 -11.60 -12.70
CA ARG C 139 35.21 -13.05 -8.90
CA THR C 140 35.02 -16.44 -10.23
CA THR C 141 37.49 -16.09 -12.78
CA ARG C 142 40.06 -14.39 -9.99
CA ALA C 143 39.46 -17.81 -8.00
CA LEU C 144 40.53 -19.75 -10.81
CA HIS C 145 43.55 -17.85 -11.54
CA GLU C 146 44.60 -18.27 -7.53
CA ARG C 147 44.26 -22.13 -8.24
CA PHE C 148 46.47 -22.13 -11.50
CA ASP C 149 48.14 -25.33 -12.99
CA ARG C 150 45.52 -28.20 -12.35
CA LEU C 151 46.30 -31.83 -11.14
CA GLU C 152 48.85 -32.87 -8.40
CA ARG C 153 49.06 -36.67 -9.33
CA MET C 154 49.00 -35.80 -13.11
CA LEU C 155 52.63 -34.70 -12.91
CA ASP C 156 53.65 -37.97 -11.29
CA ASP C 157 51.93 -39.95 -14.04
CA ASN C 158 53.90 -37.94 -16.72
CA ARG C 159 57.30 -38.64 -14.85
CA ARG C 160 59.50 -40.87 -17.21
CA MET D 1 33.80 29.61 -13.70
CA PRO D 2 30.17 29.68 -14.83
CA PRO D 3 30.08 26.05 -16.05
CA MET D 4 31.73 24.72 -12.93
CA LEU D 5 29.24 26.50 -10.72
CA SER D 6 26.33 25.21 -12.75
CA GLY D 7 27.55 21.63 -12.46
CA LEU D 8 27.88 21.95 -8.72
CA LEU D 9 24.34 23.26 -8.41
CA ALA D 10 23.03 20.37 -10.45
CA ARG D 11 24.77 17.82 -8.27
CA LEU D 12 23.35 19.36 -5.13
CA VAL D 13 19.85 19.24 -6.54
CA LYS D 14 20.27 15.60 -7.45
CA LEU D 15 21.50 14.85 -3.95
CA LEU D 16 18.50 16.58 -2.44
CA LEU D 17 16.30 14.60 -4.77
CA GLY D 18 18.18 11.53 -3.64
CA ARG D 19 17.28 12.48 -0.11
CA HIS D 20 13.70 12.70 -1.26
CA GLY D 21 14.59 9.69 -3.34
CA SER D 22 15.71 6.88 -1.10
CA ALA D 23 13.30 8.58 1.25
CA LEU D 24 11.03 9.59 -1.60
CA HIS D 25 7.88 8.16 -0.08
CA TRP D 26 9.27 9.27 3.00
CA ALA D 27 10.07 12.78 1.76
CA ALA D 28 7.36 13.36 -0.85
CA ALA D 29 5.02 13.31 2.16
CA GLY D 30 6.69 15.27 4.94
CA ALA D 31 6.91 17.96 2.26
CA ALA D 32 3.46 17.74 0.63
CA THR D 33 1.88 18.62 3.97
CA VAL D 34 3.74 21.92 3.77
CA LEU D 35 1.52 22.23 0.66
CA LEU D 36 -1.86 21.49 2.28
CA VAL D 37 -1.06 24.00 5.04
CA ILE D 38 -0.70 26.60 2.25
CA VAL D 39 -4.03 25.45 0.76
CA LEU D 40 -5.59 25.98 4.19
CA LEU D 41 -4.35 29.51 4.75
CA ALA D 42 -4.97 29.94 1.01
CA GLY D 43 -8.64 28.89 0.95
CA SER D 44 -9.17 30.55 4.34
CA TYR D 45 -8.31 34.05 3.20
CA LEU D 46 -10.15 33.47 -0.08
CA ALA D 47 -13.49 31.83 0.82
CA VAL D 48 -14.03 34.80 3.19
CA LEU D 49 -13.57 37.40 0.48
CA ALA D 50 -16.11 35.21 -1.36
CA GLU D 51 -18.82 35.09 1.35
CA ARG D 52 -17.90 38.20 3.39
CA GLY D 53 -20.69 40.06 1.61
CA ALA D 54 -23.79 37.88 1.29
CA PRO D 55 -26.55 35.83 2.93
CA GLY D 56 -23.86 33.37 3.97
CA ALA D 57 -22.63 32.07 7.34
CA GLN D 58 -19.72 33.35 9.41
CA LEU D 59 -17.50 32.48 6.43
CA ILE D 60 -17.27 36.28 6.54
CA THR D 61 -14.23 36.45 8.80
CA TYR D 62 -10.65 35.40 8.02
CA PRO D 63 -10.01 34.04 11.54
CA ALA D 64 -13.18 31.97 11.02
CA ALA D 65 -12.53 30.60 7.54
CA LEU D 66 -9.34 29.06 8.99
CA TRP D 67 -11.13 26.82 11.51
CA TRP D 68 -13.36 26.04 8.50
CA SER D 69 -10.51 25.10 6.13
CA VAL D 70 -9.23 22.74 8.83
CA GLU D 71 -12.54 21.02 9.53
CA THR D 72 -13.21 20.86 5.77
CA ALA D 73 -9.67 19.70 4.93
CA THR D 74 -9.96 17.02 7.63
CA THR D 75 -13.40 16.41 6.02
CA VAL D 76 -15.18 16.30 9.39
CA GLY D 77 -17.92 18.72 8.31
CA TYR D 78 -18.98 20.04 11.73
CA GLY D 79 -21.71 21.95 9.88
CA ASP D 80 -20.97 24.83 12.27
CA LEU D 81 -19.72 26.59 9.12
CA TYR D 82 -19.86 26.21 5.34
CA PRO D 83 -19.89 28.22 2.16
CA VAL D 84 -23.02 29.40 0.33
CA THR D 85 -21.23 31.44 -2.29
CA LEU D 86 -20.99 29.55 -5.60
CA TRP D 87 -17.27 30.44 -5.47
CA GLY D 88 -16.93 29.87 -1.71
CA ARG D 89 -18.23 26.39 -2.59
CA CYS D 90 -15.40 25.91 -5.11
CA VAL D 91 -12.74 26.95 -2.57
CA ALA D 92 -14.39 24.31 -0.37
CA VAL D 93 -13.99 21.50 -2.92
CA VAL D 94 -10.32 22.48 -3.35
CA VAL D 95 -9.53 22.73 0.35
CA MET D 96 -11.23 19.30 0.46
CA VAL D 97 -9.23 17.14 -1.95
CA ALA D 98 -6.11 18.89 -0.65
CA GLY D 99 -6.82 17.02 2.61
CA ILE D 100 -8.15 13.73 1.21
CA THR D 101 -4.94 13.81 -0.87
CA SER D 102 -2.30 15.52 1.28
CA PHE D 103 -3.32 12.85 3.81
CA GLY D 104 -3.37 9.89 1.40
CA LEU D 105 0.32 10.35 0.61
CA VAL D 106 1.16 10.15 4.33
CA THR D 107 -0.76 6.82 4.25
CA ALA D 108 1.07 5.79 1.07
CA ALA D 109 4.41 6.67 2.69
CA LEU D 110 3.53 4.46 5.67
CA ALA D 111 2.15 1.74 3.38
CA THR D 112 5.59 1.25 1.81
CA TRP D 113 7.72 1.88 4.90
CA PHE D 114 5.91 -1.30 6.11
CA VAL D 115 7.22 -3.04 2.99
CA GLY D 116 10.61 -2.76 4.77
CA ARG D 117 8.86 -4.77 7.50
CA GLU D 118 6.66 -6.93 5.28
CA GLN D 119 9.93 -8.00 3.63
CA GLU D 120 11.41 -9.19 6.93
CA ARG D 121 8.46 -11.19 7.69
CA ARG D 122 8.74 -12.93 4.04
CA GLY D 123 12.28 -13.82 4.85
CA HIS D 124 13.27 -16.76 4.84
CA PHE D 125 11.57 -17.75 1.47
CA VAL D 126 7.92 -16.80 0.56
CA ARG D 127 7.28 -19.62 -0.49
CA HIS D 128 9.45 -22.66 -1.60
CA SER D 129 12.89 -22.05 -3.35
CA GLU D 130 15.73 -24.11 -2.63
CA LYS D 131 13.69 -27.25 -4.54
CA ALA D 132 13.87 -24.58 -7.71
CA ALA D 133 17.22 -24.39 -7.53
CA GLU D 134 18.02 -28.04 -7.16
CA GLU D 135 15.61 -28.57 -10.51
CA ALA D 136 18.06 -26.25 -12.28
CA TYR D 137 20.94 -27.98 -11.39
CA THR D 138 19.40 -31.50 -12.38
CA ARG D 139 18.74 -29.76 -15.99
CA THR D 140 22.30 -29.02 -16.26
CA THR D 141 23.52 -32.28 -15.38
CA ARG D 142 20.86 -33.93 -18.13
CA ALA D 143 22.73 -31.55 -20.74
CA LEU D 144 25.91 -32.94 -19.89
CA HIS D 145 24.92 -36.44 -20.08
CA GLU D 146 23.34 -35.63 -23.84
CA ARG D 147 26.98 -34.38 -24.68
CA PHE D 148 28.83 -37.56 -23.29
CA ASP D 149 32.48 -38.56 -24.27
CA ARG D 150 34.39 -35.13 -24.60
CA LEU D 151 36.95 -34.17 -27.39
CA GLU D 152 36.67 -34.94 -31.17
CA ARG D 153 40.43 -34.28 -32.11
CA MET D 154 41.59 -35.99 -28.81
CA LEU D 155 40.87 -39.39 -30.35
CA ASP D 156 42.93 -38.59 -33.42
CA ASP D 157 45.88 -37.54 -31.24
CA ASN D 158 45.69 -40.94 -29.36
CA ARG D 159 45.64 -42.92 -32.78
CA ARG D 160 48.94 -45.02 -32.96
CA MET A 1 -7.64 -5.91 -45.96
CA PRO A 2 -10.09 -6.65 -43.15
CA PRO A 3 -7.75 -8.97 -41.20
CA MET A 4 -4.82 -6.60 -41.44
CA LEU A 5 -6.90 -3.72 -40.13
CA SER A 6 -8.19 -5.81 -37.26
CA GLY A 7 -4.69 -6.80 -36.23
CA LEU A 8 -3.56 -3.19 -36.25
CA LEU A 9 -6.47 -2.18 -34.04
CA ALA A 10 -5.63 -4.93 -31.58
CA ARG A 11 -2.02 -3.86 -31.33
CA LEU A 12 -3.02 -0.27 -30.65
CA VAL A 13 -5.34 -1.34 -27.87
CA LYS A 14 -2.62 -3.41 -26.30
CA LEU A 15 -0.25 -0.47 -26.47
CA LEU A 16 -2.79 1.78 -24.80
CA LEU A 17 -3.25 -0.88 -22.16
CA GLY A 18 0.52 -0.97 -21.86
CA ARG A 19 0.38 2.75 -21.23
CA HIS A 20 -2.16 2.04 -18.55
CA GLY A 21 -0.01 -0.97 -17.85
CA SER A 22 3.47 0.14 -16.94
CA ALA A 23 1.55 3.10 -15.62
CA LEU A 24 -1.40 0.95 -14.67
CA HIS A 25 -1.61 2.19 -11.11
CA TRP A 26 -1.01 5.06 -12.22
CA ALA A 27 -3.67 5.02 -14.95
CA ALA A 28 -6.48 3.02 -13.32
CA ALA A 29 -6.74 6.04 -11.01
CA GLY A 30 -6.39 9.15 -13.14
CA ALA A 31 -9.21 7.54 -15.11
CA ALA A 32 -11.49 6.25 -12.33
CA THR A 33 -11.93 9.82 -11.10
CA VAL A 34 -13.49 10.59 -14.48
CA LEU A 35 -15.98 7.99 -13.18
CA LEU A 36 -16.75 9.56 -9.79
CA VAL A 37 -17.32 12.92 -11.50
CA ILE A 38 -20.03 11.17 -13.54
CA VAL A 39 -21.49 9.68 -10.33
CA LEU A 40 -21.62 13.22 -8.93
CA LEU A 41 -23.45 14.84 -11.83
CA ALA A 42 -25.36 11.53 -11.98
CA GLY A 43 -26.61 11.47 -8.38
CA SER A 44 -27.03 15.25 -8.46
CA TYR A 45 -29.61 15.30 -11.21
CA LEU A 46 -31.27 12.20 -9.75
CA ALA A 47 -31.57 12.79 -6.00
CA VAL A 48 -33.35 16.07 -6.88
CA LEU A 49 -35.98 14.37 -9.01
CA ALA A 50 -36.32 12.14 -5.92
CA GLU A 51 -36.84 14.89 -3.30
CA ARG A 52 -38.03 17.77 -5.52
CA GLY A 53 -41.58 16.98 -4.44
CA ALA A 54 -41.74 16.23 -0.72
CA PRO A 55 -41.15 17.32 2.88
CA GLY A 56 -37.44 17.21 2.14
CA ALA A 57 -34.63 19.81 2.22
CA GLN A 58 -33.33 21.92 -0.65
CA LEU A 59 -32.41 18.63 -2.36
CA ILE A 60 -35.16 19.99 -4.62
CA THR A 61 -32.87 21.90 -6.97
CA TYR A 62 -30.34 20.47 -9.45
CA PRO A 63 -27.78 23.25 -8.82
CA ALA A 64 -28.12 22.35 -5.12
CA ALA A 65 -27.87 18.57 -5.32
CA LEU A 66 -24.44 19.11 -6.94
CA TRP A 67 -22.89 20.87 -3.94
CA TRP A 68 -24.52 18.00 -2.03
CA SER A 69 -23.02 15.21 -4.14
CA VAL A 70 -19.61 16.81 -3.60
CA GLU A 71 -19.89 17.18 0.18
CA THR A 72 -21.38 13.67 0.38
CA ALA A 73 -18.83 12.15 -2.01
CA THR A 74 -16.04 13.79 0.01
CA THR A 75 -18.02 12.41 3.01
CA VAL A 76 -17.78 15.67 4.93
CA GLY A 77 -21.51 15.76 5.75
CA TYR A 78 -21.96 19.50 6.31
CA GLY A 79 -25.55 18.67 7.30
CA ASP A 80 -26.55 21.81 5.38
CA LEU A 81 -28.25 19.36 3.02
CA TYR A 82 -29.29 15.69 2.89
CA PRO A 83 -31.90 13.40 1.45
CA VAL A 84 -35.14 12.38 3.18
CA THR A 85 -36.59 10.46 0.27
CA LEU A 86 -36.10 6.69 0.71
CA TRP A 87 -34.70 6.78 -2.84
CA GLY A 88 -32.82 10.07 -2.36
CA ARG A 89 -31.17 8.18 0.52
CA CYS A 90 -30.06 5.40 -1.87
CA VAL A 91 -28.55 7.88 -4.32
CA ALA A 92 -26.71 9.20 -1.26
CA VAL A 93 -25.19 5.82 -0.34
CA VAL A 94 -24.07 5.41 -3.98
CA VAL A 95 -22.58 8.89 -4.33
CA MET A 96 -20.87 7.98 -1.04
CA VAL A 97 -18.91 4.80 -1.78
CA ALA A 98 -18.09 6.34 -5.19
CA GLY A 99 -15.97 8.82 -3.18
CA ILE A 100 -14.65 6.51 -0.45
CA THR A 101 -13.63 4.30 -3.39
CA SER A 102 -12.76 6.65 -6.27
CA PHE A 103 -10.44 8.20 -3.65
CA GLY A 104 -9.02 4.93 -2.28
CA LEU A 105 -7.59 4.01 -5.68
CA VAL A 106 -5.73 7.34 -5.82
CA THR A 107 -4.28 6.32 -2.42
CA ALA A 108 -3.53 2.83 -3.74
CA ALA A 109 -1.83 4.33 -6.80
CA LEU A 110 0.36 6.46 -4.52
CA ALA A 111 0.93 3.52 -2.15
CA THR A 112 2.67 1.56 -4.90
CA TRP A 113 4.40 4.47 -6.66
CA PHE A 114 6.23 4.69 -3.27
CA VAL A 115 7.24 1.05 -3.77
CA GLY A 116 9.50 2.49 -6.52
CA ARG A 117 10.97 4.54 -3.66
CA GLU A 118 10.68 1.92 -0.91
CA GLN A 119 12.76 -0.28 -3.22
CA GLU A 120 15.58 2.27 -3.41
CA ARG A 121 15.72 2.58 0.21
CA ARG A 122 16.00 -1.46 0.51
CA GLY A 123 18.91 -1.33 -1.84
CA HIS A 124 22.42 -0.06 -0.89
CA PHE A 125 24.96 -1.95 -3.15
CA VAL A 126 22.74 -4.00 -3.78
CA ARG A 127 20.52 -6.01 -1.27
CA HIS A 128 23.17 -8.63 -0.29
CA SER A 129 22.78 -12.47 -0.02
CA GLU A 130 26.06 -13.01 -1.41
CA LYS A 131 26.74 -15.67 1.78
CA ALA A 132 23.48 -17.57 0.07
CA ALA A 133 25.00 -17.80 -2.93
CA GLU A 134 28.40 -18.99 -1.77
CA GLU A 135 26.30 -21.91 0.34
CA ALA A 136 24.93 -22.98 -3.03
CA TYR A 137 28.05 -23.21 -4.66
CA THR A 138 29.66 -25.27 -1.67
CA ARG A 139 26.59 -27.81 -2.19
CA THR A 140 27.49 -28.25 -5.67
CA THR A 141 31.08 -28.87 -5.09
CA ARG A 142 30.03 -31.65 -2.28
CA ALA A 143 28.02 -33.37 -5.13
CA LEU A 144 30.83 -33.49 -7.32
CA HIS A 145 33.20 -34.94 -4.69
CA GLU A 146 30.44 -37.81 -4.07
CA ARG A 147 30.70 -38.58 -7.85
CA PHE A 148 33.66 -39.27 -7.44
CA ASP A 149 36.64 -40.26 -9.87
CA ARG A 150 37.06 -42.26 -13.21
CA LEU A 151 33.49 -43.00 -14.48
CA GLU A 152 32.43 -45.70 -15.68
CA ARG A 153 35.67 -47.76 -15.09
CA MET A 154 38.12 -45.34 -16.86
CA LEU A 155 41.01 -46.76 -14.88
CA ASP A 156 40.09 -50.31 -15.91
CA ASP A 157 40.02 -49.28 -19.59
CA ASN A 158 43.57 -47.80 -19.24
CA ARG A 159 44.90 -51.11 -17.58
CA ARG A 160 46.68 -50.03 -14.30
CA MET B 1 27.34 -8.94 36.70
CA PRO B 2 26.25 -5.51 35.51
CA PRO B 3 27.53 -5.90 31.92
CA MET B 4 26.00 -9.34 31.51
CA LEU B 5 22.63 -8.08 32.66
CA SER B 6 22.79 -5.13 30.31
CA GLY B 7 23.56 -7.35 27.34
CA LEU B 8 20.63 -9.59 28.15
CA LEU B 9 18.29 -6.63 28.31
CA ALA B 10 19.50 -5.40 24.95
CA ARG B 11 18.91 -8.76 23.33
CA LEU B 12 15.38 -8.93 24.67
CA VAL B 13 14.60 -5.48 23.32
CA LYS B 14 15.92 -6.46 19.91
CA LEU B 15 13.79 -9.58 19.95
CA LEU B 16 10.71 -7.57 20.81
CA LEU B 17 11.59 -5.21 18.01
CA GLY B 18 12.00 -8.25 15.80
CA ARG B 19 8.48 -9.22 16.81
CA HIS B 20 7.41 -5.76 15.78
CA GLY B 21 9.91 -6.24 12.99
CA SER B 22 8.94 -9.24 10.93
CA ALA B 23 5.50 -8.16 12.02
CA LEU B 24 6.49 -4.51 11.97
CA HIS B 25 3.60 -3.39 9.80
CA TRP B 26 1.72 -5.68 12.17
CA ALA B 27 2.88 -4.43 15.57
CA ALA B 28 3.52 -0.73 14.90
CA ALA B 29 -0.25 -0.57 14.44
CA GLY B 30 -1.83 -2.68 17.16
CA ALA B 31 0.29 -0.50 19.43
CA ALA B 32 -0.21 2.96 17.90
CA THR B 33 -3.94 2.68 18.60
CA VAL B 34 -3.04 2.47 22.28
CA LEU B 35 -1.69 5.97 21.46
CA LEU B 36 -4.81 7.44 19.85
CA VAL B 37 -6.90 6.20 22.79
CA ILE B 38 -4.60 8.31 25.01
CA VAL B 39 -5.07 11.29 22.65
CA LEU B 40 -8.84 10.82 23.04
CA LEU B 41 -8.93 10.76 26.82
CA ALA B 42 -6.19 13.41 26.57
CA GLY B 43 -8.06 15.90 24.37
CA SER B 44 -11.32 15.04 26.16
CA TYR B 45 -10.20 16.18 29.58
CA LEU B 46 -8.42 19.18 28.03
CA ALA B 47 -10.84 20.71 25.51
CA VAL B 48 -13.38 20.86 28.38
CA LEU B 49 -11.09 22.85 30.64
CA ALA B 50 -10.75 25.05 27.54
CA GLU B 51 -14.48 25.64 26.86
CA ARG B 52 -15.95 24.89 30.31
CA GLY B 53 -16.14 28.63 30.92
CA ALA B 54 -17.38 30.45 27.82
CA PRO B 55 -20.07 30.99 25.19
CA GLY B 56 -19.27 27.52 23.88
CA ALA B 57 -21.29 24.30 23.48
CA GLN B 58 -21.54 21.39 25.89
CA LEU B 59 -17.77 20.98 25.46
CA ILE B 60 -18.06 22.05 29.09
CA THR B 61 -18.30 18.55 30.53
CA TYR B 62 -15.60 15.86 30.65
CA PRO B 63 -18.08 12.99 30.00
CA ALA B 64 -19.19 15.02 26.95
CA ALA B 65 -15.82 15.93 25.47
CA LEU B 66 -15.15 12.17 25.25
CA TRP B 67 -18.03 11.42 22.88
CA TRP B 68 -16.68 14.49 21.04
CA SER B 69 -13.07 13.26 20.82
CA VAL B 70 -14.42 10.01 19.37
CA GLU B 71 -16.65 11.60 16.73
CA THR B 72 -13.87 14.08 15.91
CA ALA B 73 -11.13 11.42 15.90
CA THR B 74 -13.31 9.27 13.61
CA THR B 75 -13.80 12.59 11.72
CA VAL B 76 -17.56 12.09 11.42
CA GLY B 77 -18.38 15.61 12.65
CA TYR B 78 -21.92 15.03 13.95
CA GLY B 79 -22.02 18.77 14.61
CA ASP B 80 -23.87 17.90 17.85
CA LEU B 81 -20.72 19.24 19.52
CA TYR B 82 -17.60 21.25 18.67
CA PRO B 83 -15.14 23.68 20.17
CA VAL B 84 -15.43 27.48 20.01
CA THR B 85 -12.45 28.22 22.21
CA LEU B 86 -9.38 29.17 20.12
CA TRP B 87 -7.55 26.54 22.20
CA GLY B 88 -10.45 24.06 22.23
CA ARG B 89 -10.11 24.35 18.43
CA CYS B 90 -6.43 23.35 18.63
CA VAL B 91 -7.19 20.30 20.76
CA ALA B 92 -9.69 19.48 18.02
CA VAL B 93 -7.11 19.60 15.21
CA VAL B 94 -4.83 17.34 17.31
CA VAL B 95 -7.50 14.81 18.23
CA MET B 96 -8.23 14.89 14.48
CA VAL B 97 -4.94 13.92 12.82
CA ALA B 98 -4.48 11.41 15.66
CA GLY B 99 -7.41 9.56 14.06
CA ILE B 100 -6.69 10.22 10.37
CA THR B 101 -3.21 8.90 11.27
CA SER B 102 -3.71 6.28 13.98
CA PHE B 103 -6.15 4.80 11.45
CA GLY B 104 -3.90 5.13 8.38
CA LEU B 105 -1.27 2.87 9.94
CA VAL B 106 -3.90 0.15 10.46
CA THR B 107 -4.58 0.54 6.70
CA ALA B 108 -0.85 0.49 5.96
CA ALA B 109 -0.45 -2.65 8.08
CA LEU B 110 -3.23 -4.33 6.09
CA ALA B 111 -1.84 -2.97 2.81
CA THR B 112 1.39 -4.92 3.30
CA TRP B 113 -0.07 -8.02 4.96
CA PHE B 114 -1.80 -8.36 1.53
CA VAL B 115 1.67 -8.27 -0.05
CA GLY B 116 2.01 -11.76 1.55
CA ARG B 117 -1.04 -12.57 -0.57
CA GLU B 118 -0.20 -10.42 -3.60
CA GLN B 119 3.05 -12.41 -3.72
CA GLU B 120 1.20 -15.73 -3.94
CA ARG B 121 -0.86 -14.56 -6.69
CA ARG B 122 2.48 -13.40 -8.68
CA GLY B 123 3.82 -16.86 -8.23
CA HIS B 124 2.56 -19.93 -10.20
CA PHE B 125 5.56 -22.40 -10.46
CA VAL B 126 7.43 -20.07 -9.69
CA ARG B 127 7.70 -16.55 -11.34
CA HIS B 128 9.69 -17.62 -14.45
CA SER B 129 12.83 -15.96 -16.00
CA GLU B 130 14.29 -19.16 -16.76
CA LYS B 131 15.04 -17.67 -20.62
CA ALA B 132 17.24 -14.91 -18.45
CA ALA B 133 19.08 -17.32 -16.98
CA GLU B 134 19.83 -19.42 -20.02
CA GLU B 135 21.09 -15.87 -21.79
CA ALA B 136 23.58 -15.65 -18.92
CA TYR B 137 24.88 -18.89 -19.30
CA THR B 138 25.30 -18.47 -23.23
CA ARG B 139 27.47 -15.21 -22.33
CA THR B 140 29.67 -17.19 -20.26
CA THR B 141 30.23 -19.88 -22.73
CA ARG B 142 31.12 -17.00 -25.49
CA ALA B 143 33.84 -15.83 -22.99
CA LEU B 144 35.31 -19.06 -22.72
CA HIS B 145 35.44 -19.63 -26.50
CA GLU B 146 37.35 -16.08 -26.77
CA ARG B 147 39.94 -17.54 -24.28
CA PHE B 148 40.60 -19.72 -26.33
CA ASP B 149 42.93 -22.91 -26.32
CA ARG B 150 46.38 -23.95 -24.75
CA LEU B 151 47.32 -21.11 -22.29
CA GLU B 152 50.15 -19.80 -21.93
CA ARG B 153 51.92 -21.72 -24.80
CA MET B 154 50.95 -25.29 -23.67
CA LEU B 155 51.44 -26.57 -27.20
CA ASP B 156 54.92 -25.05 -27.36
CA ASP B 157 55.88 -26.74 -24.07
CA ASN B 158 54.76 -30.15 -25.51
CA ARG B 159 56.89 -29.61 -28.77
CA ARG B 160 54.49 -30.21 -31.76
CA MET C 1 -13.57 -44.16 3.95
CA PRO C 2 -13.55 -41.56 6.71
CA PRO C 3 -9.85 -40.62 6.33
CA MET C 4 -10.06 -40.33 2.57
CA LEU C 5 -13.05 -38.02 2.82
CA SER C 6 -11.30 -35.86 5.40
CA GLY C 7 -8.25 -35.49 3.21
CA LEU C 8 -10.36 -34.44 0.27
CA LEU C 9 -12.11 -31.80 2.34
CA ALA C 10 -8.79 -30.43 3.51
CA ARG C 11 -7.49 -30.13 -0.03
CA LEU C 12 -10.59 -28.26 -1.15
CA VAL C 13 -10.24 -25.80 1.70
CA LYS C 14 -6.62 -25.19 0.82
CA LEU C 15 -7.57 -24.59 -2.79
CA LEU C 16 -10.23 -22.10 -1.77
CA LEU C 17 -7.66 -20.42 0.42
CA GLY C 18 -5.35 -20.46 -2.57
CA ARG C 19 -8.08 -18.67 -4.46
CA HIS C 20 -8.17 -16.16 -1.65
CA GLY C 21 -4.42 -16.62 -1.64
CA SER C 22 -3.02 -15.69 -5.01
CA ALA C 23 -5.98 -13.35 -4.94
CA LEU C 24 -5.71 -12.90 -1.19
CA HIS C 25 -5.69 -9.12 -1.29
CA TRP C 26 -8.74 -9.82 -3.35
CA ALA C 27 -11.08 -12.13 -1.43
CA ALA C 28 -10.52 -11.04 2.18
CA ALA C 29 -12.19 -7.81 1.03
CA GLY C 30 -15.12 -8.75 -1.17
CA ALA C 31 -16.08 -10.88 1.82
CA ALA C 32 -15.38 -8.51 4.74
CA THR C 33 -17.95 -6.09 3.33
CA VAL C 34 -20.52 -8.84 3.83
CA LEU C 35 -19.43 -8.28 7.46
CA LEU C 36 -19.90 -4.50 7.65
CA VAL C 37 -23.37 -4.88 6.12
CA ILE C 38 -24.19 -7.14 9.09
CA VAL C 39 -22.75 -4.52 11.48
CA LEU C 40 -25.06 -1.96 9.84
CA LEU C 41 -28.27 -3.94 10.17
CA ALA C 42 -26.83 -5.05 13.52
CA GLY C 43 -26.22 -1.59 15.01
CA SER C 44 -29.39 -0.31 13.33
CA TYR C 45 -31.76 -2.63 15.15
CA LEU C 46 -29.79 -2.18 18.36
CA ALA C 47 -29.11 1.57 18.73
CA VAL C 48 -32.90 2.03 18.35
CA LEU C 49 -33.75 -0.29 21.22
CA ALA C 50 -31.17 1.85 23.06
CA GLU C 51 -32.67 5.30 22.31
CA ARG C 52 -36.28 4.33 21.49
CA GLY C 53 -37.23 5.41 25.01
CA ALA C 54 -35.47 8.64 25.97
CA PRO C 55 -34.77 12.32 25.31
CA GLY C 56 -32.93 11.24 22.19
CA ALA C 57 -33.38 11.95 18.46
CA GLN C 58 -35.27 9.88 15.90
CA LEU C 59 -32.82 7.05 16.71
CA ILE C 60 -36.14 5.68 18.01
CA THR C 61 -37.15 3.93 14.80
CA TYR C 62 -35.54 0.88 13.17
CA PRO C 63 -36.07 2.19 9.61
CA ALA C 64 -34.30 5.37 10.80
CA ALA C 65 -31.32 3.85 12.62
CA LEU C 66 -30.43 2.19 9.28
CA TRP C 67 -29.94 5.46 7.37
CA TRP C 68 -27.95 6.40 10.49
CA SER C 69 -25.71 3.32 10.50
CA VAL C 70 -24.91 4.05 6.85
CA GLU C 71 -24.07 7.73 7.33
CA THR C 72 -22.10 6.85 10.48
CA ALA C 73 -20.37 3.86 8.88
CA THR C 74 -19.44 6.04 5.90
CA THR C 75 -18.41 8.55 8.65
CA VAL C 76 -20.15 11.45 6.92
CA GLY C 77 -21.95 12.59 10.09
CA TYR C 78 -24.89 14.46 8.52
CA GLY C 79 -25.85 15.43 12.06
CA ASP C 80 -29.46 14.83 11.00
CA LEU C 81 -29.29 11.95 13.46
CA TYR C 82 -27.09 10.65 16.29
CA PRO C 83 -27.24 8.75 19.53
CA VAL C 84 -27.62 10.33 22.99
CA THR C 85 -27.91 7.07 24.89
CA LEU C 86 -24.59 6.14 26.57
CA TRP C 87 -25.11 2.72 24.93
CA GLY C 88 -26.46 4.13 21.65
CA ARG C 89 -23.14 6.00 21.62
CA CYS C 90 -21.22 2.70 21.92
CA VAL C 91 -23.14 1.14 19.03
CA ALA C 92 -22.12 4.27 17.14
CA VAL C 93 -18.38 3.82 17.80
CA VAL C 94 -18.69 0.17 16.66
CA VAL C 95 -20.69 0.91 13.51
CA MET C 96 -17.94 3.51 12.94
CA VAL C 97 -14.69 1.52 12.93
CA ALA C 98 -16.59 -1.19 11.03
CA GLY C 99 -16.66 1.33 8.16
CA ILE C 100 -13.24 2.96 8.61
CA THR C 101 -11.99 -0.65 8.62
CA SER C 102 -14.30 -2.60 6.29
CA PHE C 103 -13.36 0.15 3.82
CA GLY C 104 -9.60 0.17 4.54
CA LEU C 105 -9.28 -3.46 3.46
CA VAL C 106 -10.88 -2.61 0.09
CA THR C 107 -8.15 0.06 -0.18
CA ALA C 108 -5.51 -2.45 0.92
CA ALA C 109 -6.79 -4.94 -1.65
CA LEU C 110 -6.45 -2.28 -4.37
CA ALA C 111 -3.08 -1.14 -2.99
CA THR C 112 -1.56 -4.56 -3.70
CA TRP C 113 -3.47 -5.35 -6.92
CA PHE C 114 -1.50 -2.28 -8.17
CA VAL C 115 1.69 -4.10 -7.13
CA GLY C 116 0.86 -6.39 -10.10
CA ARG C 117 1.05 -3.15 -12.10
CA GLU C 118 3.84 -1.47 -10.13
CA GLN C 119 5.88 -4.59 -10.95
CA GLU C 120 5.38 -4.14 -14.70
CA ARG C 121 6.46 -0.67 -14.57
CA ARG C 122 9.82 -1.81 -12.60
CA GLY C 123 10.49 -4.25 -15.37
CA HIS C 124 11.74 -3.24 -18.87
CA PHE C 125 13.80 -6.25 -20.23
CA VAL C 126 13.95 -7.33 -17.35
CA ARG C 127 15.15 -5.47 -14.13
CA HIS C 128 18.93 -5.72 -14.83
CA SER C 129 21.77 -6.77 -12.40
CA GLU C 130 23.49 -8.56 -15.01
CA LYS C 131 26.99 -6.57 -13.78
CA ALA C 132 26.10 -8.52 -10.23
CA ALA C 133 26.08 -11.54 -11.73
CA GLU C 134 29.22 -11.19 -13.79
CA GLU C 135 31.06 -10.05 -10.23
CA ALA C 136 29.98 -13.44 -8.89
CA TYR C 137 31.29 -15.32 -11.55
CA THR C 138 34.78 -13.40 -11.45
CA ARG C 139 34.89 -14.47 -7.58
CA THR C 140 34.53 -17.95 -8.50
CA THR C 141 37.14 -17.96 -11.10
CA ARG C 142 39.67 -16.22 -8.41
CA ALA C 143 38.93 -19.28 -6.14
CA LEU C 144 39.80 -21.63 -8.66
CA HIS C 145 43.08 -19.90 -9.56
CA GLU C 146 44.02 -20.05 -5.64
CA ARG C 147 43.45 -23.88 -5.88
CA PHE C 148 45.72 -24.02 -7.93
CA ASP C 149 47.28 -26.90 -10.17
CA ARG C 150 47.91 -30.77 -9.83
CA LEU C 151 46.10 -31.87 -6.60
CA GLU C 152 47.20 -33.82 -4.40
CA ARG C 153 50.74 -34.29 -5.93
CA MET C 154 49.60 -35.33 -9.48
CA LEU C 155 52.94 -34.25 -10.89
CA ASP C 156 54.81 -36.35 -8.34
CA ASP C 157 52.73 -39.43 -9.25
CA ASN C 158 53.63 -38.92 -12.98
CA ARG C 159 57.46 -38.65 -12.13
CA ARG C 160 58.72 -35.38 -13.80
CA MET D 1 33.80 29.61 -13.70
CA PRO D 2 30.17 29.68 -14.83
CA PRO D 3 30.08 26.05 -16.05
CA MET D 4 31.73 24.72 -12.93
CA LEU D 5 29.24 26.50 -10.72
CA SER D 6 26.33 25.21 -12.75
CA GLY D 7 27.55 21.63 -12.46
CA LEU D 8 27.88 21.95 -8.72
CA LEU D 9 24.34 23.26 -8.41
CA ALA D 10 23.03 20.37 -10.45
CA ARG D 11 24.77 17.82 -8.27
CA LEU D 12 23.35 19.36 -5.13
CA VAL D 13 19.85 19.24 -6.54
CA LYS D 14 20.27 15.60 -7.45
CA LEU D 15 21.50 14.85 -3.95
CA LEU D 16 18.50 16.58 -2.44
CA LEU D 17 16.30 14.60 -4.77
CA GLY D 18 18.18 11.53 -3.64
CA ARG D 19 17.28 12.48 -0.11
CA HIS D 20 13.70 12.70 -1.26
CA GLY D 21 14.59 9.69 -3.34
CA SER D 22 15.71 6.88 -1.10
CA ALA D 23 13.30 8.58 1.25
CA LEU D 24 11.03 9.59 -1.60
CA HIS D 25 7.88 8.16 -0.08
CA TRP D 26 9.27 9.27 3.00
CA ALA D 27 10.07 12.78 1.76
CA ALA D 28 7.36 13.36 -0.85
CA ALA D 29 5.02 13.31 2.16
CA GLY D 30 6.69 15.27 4.94
CA ALA D 31 6.91 17.96 2.26
CA ALA D 32 3.46 17.74 0.63
CA THR D 33 1.88 18.62 3.97
CA VAL D 34 3.74 21.92 3.77
CA LEU D 35 1.52 22.23 0.66
CA LEU D 36 -1.86 21.49 2.28
CA VAL D 37 -1.06 24.00 5.04
CA ILE D 38 -0.70 26.60 2.25
CA VAL D 39 -4.03 25.45 0.76
CA LEU D 40 -5.59 25.98 4.19
CA LEU D 41 -4.35 29.51 4.75
CA ALA D 42 -4.97 29.94 1.01
CA GLY D 43 -8.64 28.89 0.95
CA SER D 44 -9.17 30.55 4.34
CA TYR D 45 -8.31 34.05 3.20
CA LEU D 46 -10.15 33.47 -0.08
CA ALA D 47 -13.49 31.83 0.82
CA VAL D 48 -14.03 34.80 3.19
CA LEU D 49 -13.57 37.40 0.48
CA ALA D 50 -16.11 35.21 -1.36
CA GLU D 51 -18.82 35.09 1.35
CA ARG D 52 -17.90 38.20 3.39
CA GLY D 53 -20.69 40.06 1.61
CA ALA D 54 -23.79 37.88 1.29
CA PRO D 55 -26.55 35.83 2.93
CA GLY D 56 -23.86 33.37 3.97
CA ALA D 57 -22.63 32.07 7.34
CA GLN D 58 -19.72 33.35 9.41
CA LEU D 59 -17.50 32.48 6.43
CA ILE D 60 -17.27 36.28 6.54
CA THR D 61 -14.23 36.45 8.80
CA TYR D 62 -10.65 35.40 8.02
CA PRO D 63 -10.01 34.04 11.54
CA ALA D 64 -13.18 31.97 11.02
CA ALA D 65 -12.53 30.60 7.54
CA LEU D 66 -9.34 29.06 8.99
CA TRP D 67 -11.13 26.82 11.51
CA TRP D 68 -13.36 26.04 8.50
CA SER D 69 -10.51 25.10 6.13
CA VAL D 70 -9.23 22.74 8.83
CA GLU D 71 -12.54 21.02 9.53
CA THR D 72 -13.21 20.86 5.77
CA ALA D 73 -9.67 19.70 4.93
CA THR D 74 -9.96 17.02 7.63
CA THR D 75 -13.40 16.41 6.02
CA VAL D 76 -15.18 16.30 9.39
CA GLY D 77 -17.92 18.72 8.31
CA TYR D 78 -18.98 20.04 11.73
CA GLY D 79 -21.71 21.95 9.88
CA ASP D 80 -20.97 24.83 12.27
CA LEU D 81 -19.72 26.59 9.12
CA TYR D 82 -19.86 26.21 5.34
CA PRO D 83 -19.89 28.22 2.16
CA VAL D 84 -23.02 29.40 0.33
CA THR D 85 -21.23 31.44 -2.29
CA LEU D 86 -20.99 29.55 -5.60
CA TRP D 87 -17.27 30.44 -5.47
CA GLY D 88 -16.93 29.87 -1.71
CA ARG D 89 -18.23 26.39 -2.59
CA CYS D 90 -15.40 25.91 -5.11
CA VAL D 91 -12.74 26.95 -2.57
CA ALA D 92 -14.39 24.31 -0.37
CA VAL D 93 -13.99 21.50 -2.92
CA VAL D 94 -10.32 22.48 -3.35
CA VAL D 95 -9.53 22.73 0.35
CA MET D 96 -11.23 19.30 0.46
CA VAL D 97 -9.23 17.14 -1.95
CA ALA D 98 -6.11 18.89 -0.65
CA GLY D 99 -6.82 17.02 2.61
CA ILE D 100 -8.15 13.73 1.21
CA THR D 101 -4.94 13.81 -0.87
CA SER D 102 -2.30 15.52 1.28
CA PHE D 103 -3.32 12.85 3.81
CA GLY D 104 -3.37 9.89 1.40
CA LEU D 105 0.32 10.35 0.61
CA VAL D 106 1.16 10.15 4.33
CA THR D 107 -0.76 6.82 4.25
CA ALA D 108 1.07 5.79 1.07
CA ALA D 109 4.41 6.67 2.69
CA LEU D 110 3.53 4.46 5.67
CA ALA D 111 2.15 1.74 3.38
CA THR D 112 5.59 1.25 1.81
CA TRP D 113 7.72 1.88 4.90
CA PHE D 114 5.91 -1.30 6.11
CA VAL D 115 7.22 -3.04 2.99
CA GLY D 116 10.61 -2.76 4.77
CA ARG D 117 8.86 -4.77 7.50
CA GLU D 118 6.66 -6.93 5.28
CA GLN D 119 9.93 -8.00 3.63
CA GLU D 120 11.41 -9.19 6.93
CA ARG D 121 8.46 -11.19 7.69
CA ARG D 122 8.74 -12.94 4.05
CA GLY D 123 12.29 -13.82 4.86
CA HIS D 124 13.32 -16.59 7.32
CA PHE D 125 16.76 -17.95 6.12
CA VAL D 126 16.25 -16.59 3.41
CA ARG D 127 13.13 -16.96 1.08
CA HIS D 128 14.03 -20.41 -0.37
CA SER D 129 13.94 -21.57 -4.07
CA GLU D 130 16.96 -23.49 -3.66
CA LYS D 131 14.94 -26.66 -5.54
CA ALA D 132 14.74 -23.89 -8.61
CA ALA D 133 18.07 -23.49 -8.67
CA GLU D 134 19.10 -27.12 -8.51
CA GLU D 135 16.47 -27.66 -11.70
CA ALA D 136 18.60 -25.13 -13.55
CA TYR D 137 21.69 -26.70 -12.92
CA THR D 138 20.29 -30.27 -13.97
CA ARG D 139 19.26 -28.50 -17.42
CA THR D 140 22.68 -27.43 -17.95
CA THR D 141 24.23 -30.71 -17.26
CA ARG D 142 21.59 -32.39 -19.89
CA ALA D 143 23.00 -29.87 -22.48
CA LEU D 144 26.38 -30.86 -21.93
CA HIS D 145 25.64 -34.60 -22.19
CA GLU D 146 23.87 -33.81 -25.72
CA ARG D 147 27.22 -32.20 -26.80
CA PHE D 148 28.57 -34.92 -26.42
CA ASP D 149 32.32 -36.21 -26.63
CA ARG D 150 35.51 -35.38 -28.76
CA LEU D 151 34.65 -32.20 -30.78
CA GLU D 152 35.31 -31.66 -33.81
CA ARG D 153 36.81 -35.16 -34.59
CA MET D 154 39.40 -35.23 -31.72
CA LEU D 155 39.48 -39.02 -31.86
CA ASP D 156 40.15 -38.95 -35.61
CA ASP D 157 43.07 -36.52 -35.10
CA ASN D 158 44.61 -38.93 -32.49
CA ARG D 159 44.28 -41.98 -34.95
CA ARG D 160 42.44 -44.78 -32.97
CA MET A 1 -7.64 -5.91 -45.96
CA PRO A 2 -10.09 -6.65 -43.15
CA PRO A 3 -7.75 -8.97 -41.20
CA MET A 4 -4.82 -6.60 -41.44
CA LEU A 5 -6.90 -3.72 -40.13
CA SER A 6 -8.19 -5.81 -37.26
CA GLY A 7 -4.69 -6.80 -36.23
CA LEU A 8 -3.56 -3.19 -36.25
CA LEU A 9 -6.47 -2.18 -34.04
CA ALA A 10 -5.63 -4.93 -31.58
CA ARG A 11 -2.02 -3.86 -31.33
CA LEU A 12 -3.02 -0.27 -30.65
CA VAL A 13 -5.34 -1.34 -27.87
CA LYS A 14 -2.62 -3.41 -26.30
CA LEU A 15 -0.25 -0.47 -26.47
CA LEU A 16 -2.79 1.78 -24.80
CA LEU A 17 -3.25 -0.88 -22.16
CA GLY A 18 0.52 -0.97 -21.86
CA ARG A 19 0.38 2.75 -21.23
CA HIS A 20 -2.16 2.04 -18.55
CA GLY A 21 -0.01 -0.97 -17.85
CA SER A 22 3.47 0.14 -16.94
CA ALA A 23 1.55 3.10 -15.62
CA LEU A 24 -1.40 0.95 -14.67
CA HIS A 25 -1.61 2.19 -11.11
CA TRP A 26 -1.01 5.06 -12.22
CA ALA A 27 -3.67 5.02 -14.95
CA ALA A 28 -6.48 3.02 -13.32
CA ALA A 29 -6.74 6.04 -11.01
CA GLY A 30 -6.39 9.15 -13.14
CA ALA A 31 -9.21 7.54 -15.11
CA ALA A 32 -11.49 6.25 -12.33
CA THR A 33 -11.93 9.82 -11.10
CA VAL A 34 -13.49 10.59 -14.48
CA LEU A 35 -15.98 7.99 -13.18
CA LEU A 36 -16.75 9.56 -9.79
CA VAL A 37 -17.32 12.92 -11.50
CA ILE A 38 -20.03 11.17 -13.54
CA VAL A 39 -21.49 9.68 -10.33
CA LEU A 40 -21.62 13.22 -8.93
CA LEU A 41 -23.45 14.84 -11.83
CA ALA A 42 -25.36 11.53 -11.98
CA GLY A 43 -26.61 11.47 -8.38
CA SER A 44 -27.03 15.25 -8.46
CA TYR A 45 -29.61 15.30 -11.21
CA LEU A 46 -31.27 12.20 -9.75
CA ALA A 47 -31.57 12.79 -6.00
CA VAL A 48 -33.35 16.07 -6.88
CA LEU A 49 -35.98 14.37 -9.01
CA ALA A 50 -36.32 12.14 -5.92
CA GLU A 51 -36.84 14.89 -3.30
CA ARG A 52 -38.03 17.77 -5.52
CA GLY A 53 -41.58 16.98 -4.44
CA ALA A 54 -41.74 16.23 -0.72
CA PRO A 55 -41.15 17.32 2.88
CA GLY A 56 -37.44 17.21 2.14
CA ALA A 57 -34.63 19.81 2.22
CA GLN A 58 -33.33 21.92 -0.65
CA LEU A 59 -32.41 18.63 -2.36
CA ILE A 60 -35.16 19.99 -4.62
CA THR A 61 -32.87 21.90 -6.97
CA TYR A 62 -30.34 20.47 -9.45
CA PRO A 63 -27.78 23.25 -8.82
CA ALA A 64 -28.12 22.35 -5.12
CA ALA A 65 -27.87 18.57 -5.32
CA LEU A 66 -24.44 19.11 -6.94
CA TRP A 67 -22.89 20.87 -3.94
CA TRP A 68 -24.52 18.00 -2.03
CA SER A 69 -23.02 15.21 -4.14
CA VAL A 70 -19.61 16.81 -3.60
CA GLU A 71 -19.89 17.18 0.18
CA THR A 72 -21.38 13.67 0.38
CA ALA A 73 -18.83 12.15 -2.01
CA THR A 74 -16.04 13.79 0.01
CA THR A 75 -18.02 12.41 3.01
CA VAL A 76 -17.78 15.67 4.93
CA GLY A 77 -21.51 15.76 5.75
CA TYR A 78 -21.96 19.50 6.31
CA GLY A 79 -25.55 18.67 7.30
CA ASP A 80 -26.55 21.81 5.38
CA LEU A 81 -28.25 19.36 3.02
CA TYR A 82 -29.29 15.69 2.89
CA PRO A 83 -31.90 13.40 1.45
CA VAL A 84 -35.14 12.38 3.18
CA THR A 85 -36.59 10.46 0.27
CA LEU A 86 -36.10 6.69 0.71
CA TRP A 87 -34.70 6.78 -2.84
CA GLY A 88 -32.82 10.07 -2.36
CA ARG A 89 -31.17 8.18 0.52
CA CYS A 90 -30.06 5.40 -1.87
CA VAL A 91 -28.55 7.88 -4.32
CA ALA A 92 -26.71 9.20 -1.26
CA VAL A 93 -25.19 5.82 -0.34
CA VAL A 94 -24.07 5.41 -3.98
CA VAL A 95 -22.58 8.89 -4.33
CA MET A 96 -20.87 7.98 -1.04
CA VAL A 97 -18.91 4.80 -1.78
CA ALA A 98 -18.09 6.34 -5.19
CA GLY A 99 -15.97 8.82 -3.18
CA ILE A 100 -14.65 6.51 -0.45
CA THR A 101 -13.63 4.30 -3.39
CA SER A 102 -12.76 6.65 -6.27
CA PHE A 103 -10.44 8.20 -3.65
CA GLY A 104 -9.02 4.93 -2.28
CA LEU A 105 -7.59 4.01 -5.68
CA VAL A 106 -5.73 7.34 -5.82
CA THR A 107 -4.28 6.32 -2.42
CA ALA A 108 -3.53 2.83 -3.74
CA ALA A 109 -1.83 4.33 -6.80
CA LEU A 110 0.36 6.46 -4.52
CA ALA A 111 0.93 3.52 -2.15
CA THR A 112 2.67 1.56 -4.90
CA TRP A 113 4.40 4.47 -6.66
CA PHE A 114 6.23 4.69 -3.27
CA VAL A 115 7.24 1.05 -3.77
CA GLY A 116 9.50 2.49 -6.52
CA ARG A 117 10.97 4.54 -3.66
CA GLU A 118 10.68 1.92 -0.91
CA GLN A 119 12.76 -0.28 -3.22
CA GLU A 120 15.58 2.27 -3.41
CA ARG A 121 15.72 2.58 0.21
CA ARG A 122 16.00 -1.46 0.51
CA GLY A 123 18.91 -1.33 -1.85
CA HIS A 124 21.21 0.85 -1.82
CA PHE A 125 23.51 -2.33 -1.92
CA VAL A 126 23.59 -3.85 -5.49
CA ARG A 127 24.73 -7.53 -4.81
CA HIS A 128 23.35 -8.27 -1.27
CA SER A 129 23.46 -12.17 -0.71
CA GLU A 130 26.60 -12.45 -2.54
CA LYS A 131 27.88 -15.02 0.50
CA ALA A 132 24.60 -17.18 -0.75
CA ALA A 133 25.70 -17.31 -3.94
CA GLU A 134 29.31 -18.23 -3.24
CA GLU A 135 27.77 -21.29 -0.91
CA ALA A 136 26.01 -22.48 -4.06
CA TYR A 137 28.88 -22.48 -6.11
CA THR A 138 31.04 -24.41 -3.38
CA ARG A 139 28.14 -27.16 -3.48
CA THR A 140 28.58 -27.53 -7.11
CA THR A 141 32.23 -27.90 -7.00
CA ARG A 142 31.81 -30.74 -4.12
CA ALA A 143 29.50 -32.59 -6.67
CA LEU A 144 32.03 -32.52 -9.24
CA HIS A 145 34.78 -33.80 -7.02
CA GLU A 146 32.34 -36.86 -6.01
CA ARG A 147 32.09 -37.61 -9.80
CA PHE A 148 35.13 -38.13 -9.80
CA ASP A 149 36.72 -39.02 -13.30
CA ARG A 150 34.70 -38.45 -16.55
CA LEU A 151 34.84 -40.91 -19.57
CA GLU A 152 32.95 -43.94 -21.14
CA ARG A 153 35.41 -46.67 -19.88
CA MET A 154 38.39 -44.25 -20.21
CA LEU A 155 40.49 -46.48 -17.95
CA ASP A 156 39.70 -49.51 -20.13
CA ASP A 157 40.79 -47.62 -23.26
CA ASN A 158 44.14 -46.75 -21.58
CA ARG A 159 44.74 -50.52 -20.60
CA ARG A 160 44.05 -52.27 -23.96
CA MET B 1 27.34 -8.94 36.70
CA PRO B 2 26.25 -5.51 35.51
CA PRO B 3 27.53 -5.90 31.92
CA MET B 4 26.00 -9.34 31.51
CA LEU B 5 22.63 -8.08 32.66
CA SER B 6 22.79 -5.13 30.31
CA GLY B 7 23.56 -7.35 27.34
CA LEU B 8 20.63 -9.59 28.15
CA LEU B 9 18.29 -6.63 28.31
CA ALA B 10 19.50 -5.40 24.95
CA ARG B 11 18.91 -8.76 23.33
CA LEU B 12 15.38 -8.93 24.67
CA VAL B 13 14.60 -5.48 23.32
CA LYS B 14 15.92 -6.46 19.91
CA LEU B 15 13.79 -9.58 19.95
CA LEU B 16 10.71 -7.57 20.81
CA LEU B 17 11.59 -5.21 18.01
CA GLY B 18 12.00 -8.25 15.80
CA ARG B 19 8.48 -9.22 16.81
CA HIS B 20 7.41 -5.76 15.78
CA GLY B 21 9.91 -6.24 12.99
CA SER B 22 8.94 -9.24 10.93
CA ALA B 23 5.50 -8.16 12.02
CA LEU B 24 6.49 -4.51 11.97
CA HIS B 25 3.60 -3.39 9.80
CA TRP B 26 1.72 -5.68 12.17
CA ALA B 27 2.88 -4.43 15.57
CA ALA B 28 3.52 -0.73 14.90
CA ALA B 29 -0.25 -0.57 14.44
CA GLY B 30 -1.83 -2.68 17.16
CA ALA B 31 0.29 -0.50 19.43
CA ALA B 32 -0.21 2.96 17.90
CA THR B 33 -3.94 2.68 18.60
CA VAL B 34 -3.04 2.47 22.28
CA LEU B 35 -1.69 5.97 21.46
CA LEU B 36 -4.81 7.44 19.85
CA VAL B 37 -6.90 6.20 22.79
CA ILE B 38 -4.60 8.31 25.01
CA VAL B 39 -5.07 11.29 22.65
CA LEU B 40 -8.84 10.82 23.04
CA LEU B 41 -8.93 10.76 26.82
CA ALA B 42 -6.19 13.41 26.57
CA GLY B 43 -8.06 15.90 24.37
CA SER B 44 -11.32 15.04 26.16
CA TYR B 45 -10.20 16.18 29.58
CA LEU B 46 -8.42 19.18 28.03
CA ALA B 47 -10.84 20.71 25.51
CA VAL B 48 -13.38 20.86 28.38
CA LEU B 49 -11.09 22.85 30.64
CA ALA B 50 -10.75 25.05 27.54
CA GLU B 51 -14.48 25.64 26.86
CA ARG B 52 -15.95 24.89 30.31
CA GLY B 53 -16.14 28.63 30.92
CA ALA B 54 -17.38 30.45 27.82
CA PRO B 55 -20.07 30.99 25.19
CA GLY B 56 -19.27 27.52 23.88
CA ALA B 57 -21.29 24.30 23.48
CA GLN B 58 -21.54 21.39 25.89
CA LEU B 59 -17.77 20.98 25.46
CA ILE B 60 -18.06 22.05 29.09
CA THR B 61 -18.30 18.55 30.53
CA TYR B 62 -15.60 15.86 30.65
CA PRO B 63 -18.08 12.99 30.00
CA ALA B 64 -19.19 15.02 26.95
CA ALA B 65 -15.82 15.93 25.47
CA LEU B 66 -15.15 12.17 25.25
CA TRP B 67 -18.03 11.42 22.88
CA TRP B 68 -16.68 14.49 21.04
CA SER B 69 -13.07 13.26 20.82
CA VAL B 70 -14.42 10.01 19.37
CA GLU B 71 -16.65 11.60 16.73
CA THR B 72 -13.87 14.08 15.91
CA ALA B 73 -11.13 11.42 15.90
CA THR B 74 -13.31 9.27 13.61
CA THR B 75 -13.80 12.59 11.72
CA VAL B 76 -17.56 12.09 11.42
CA GLY B 77 -18.38 15.61 12.65
CA TYR B 78 -21.92 15.03 13.95
CA GLY B 79 -22.02 18.77 14.61
CA ASP B 80 -23.87 17.90 17.85
CA LEU B 81 -20.72 19.24 19.52
CA TYR B 82 -17.60 21.25 18.67
CA PRO B 83 -15.14 23.68 20.17
CA VAL B 84 -15.43 27.48 20.01
CA THR B 85 -12.45 28.22 22.21
CA LEU B 86 -9.38 29.17 20.12
CA TRP B 87 -7.55 26.54 22.20
CA GLY B 88 -10.45 24.06 22.23
CA ARG B 89 -10.11 24.35 18.43
CA CYS B 90 -6.43 23.35 18.63
CA VAL B 91 -7.19 20.30 20.76
CA ALA B 92 -9.69 19.48 18.02
CA VAL B 93 -7.11 19.60 15.21
CA VAL B 94 -4.83 17.34 17.31
CA VAL B 95 -7.50 14.81 18.23
CA MET B 96 -8.23 14.89 14.48
CA VAL B 97 -4.94 13.92 12.82
CA ALA B 98 -4.48 11.41 15.66
CA GLY B 99 -7.41 9.56 14.06
CA ILE B 100 -6.69 10.22 10.37
CA THR B 101 -3.21 8.90 11.27
CA SER B 102 -3.71 6.28 13.98
CA PHE B 103 -6.15 4.80 11.45
CA GLY B 104 -3.90 5.13 8.38
CA LEU B 105 -1.27 2.87 9.94
CA VAL B 106 -3.90 0.15 10.46
CA THR B 107 -4.58 0.54 6.70
CA ALA B 108 -0.85 0.49 5.96
CA ALA B 109 -0.45 -2.65 8.08
CA LEU B 110 -3.23 -4.33 6.09
CA ALA B 111 -1.84 -2.97 2.81
CA THR B 112 1.39 -4.92 3.30
CA TRP B 113 -0.07 -8.02 4.96
CA PHE B 114 -1.80 -8.36 1.53
CA VAL B 115 1.67 -8.27 -0.05
CA GLY B 116 2.01 -11.76 1.55
CA ARG B 117 -1.04 -12.57 -0.57
CA GLU B 118 -0.20 -10.42 -3.60
CA GLN B 119 3.05 -12.41 -3.72
CA GLU B 120 1.20 -15.73 -3.94
CA ARG B 121 -0.86 -14.56 -6.69
CA ARG B 122 2.48 -13.41 -8.68
CA GLY B 123 3.82 -16.86 -8.23
CA HIS B 124 2.14 -19.54 -8.52
CA PHE B 125 5.13 -20.56 -10.84
CA VAL B 126 8.24 -21.52 -8.73
CA ARG B 127 11.16 -21.07 -11.28
CA HIS B 128 9.90 -18.28 -13.64
CA SER B 129 12.98 -16.92 -15.68
CA GLU B 130 14.43 -20.24 -15.92
CA LYS B 131 15.23 -19.36 -19.94
CA ALA B 132 17.42 -16.32 -18.21
CA ALA B 133 19.23 -18.46 -16.34
CA GLU B 134 20.00 -21.02 -19.04
CA GLU B 135 21.31 -17.82 -21.29
CA ALA B 136 23.77 -17.14 -18.47
CA TYR B 137 25.04 -20.42 -18.31
CA THR B 138 25.54 -20.61 -22.25
CA ARG B 139 27.69 -17.26 -21.83
CA THR B 140 29.88 -18.93 -19.40
CA THR B 141 30.46 -21.92 -21.43
CA ARG B 142 31.43 -19.53 -24.58
CA ALA B 143 34.09 -17.95 -22.22
CA LEU B 144 35.54 -21.15 -21.44
CA HIS B 145 35.78 -22.26 -25.03
CA GLU B 146 37.68 -18.78 -25.83
CA ARG B 147 40.21 -19.80 -23.06
CA PHE B 148 40.93 -22.26 -24.78
CA ASP B 149 43.60 -24.72 -23.21
CA ARG B 150 44.56 -24.40 -19.48
CA LEU B 151 48.20 -24.91 -18.20
CA GLU B 152 51.43 -22.92 -17.25
CA ARG B 153 53.37 -23.69 -20.54
CA MET B 154 51.71 -27.17 -20.78
CA LEU B 155 52.70 -27.40 -24.46
CA ASP B 156 56.33 -26.60 -23.60
CA ASP B 157 56.38 -29.36 -20.96
CA ASN B 158 55.09 -31.89 -23.56
CA ARG B 159 57.88 -30.83 -26.13
CA ARG B 160 61.02 -30.97 -23.88
CA MET C 1 -13.57 -44.16 3.95
CA PRO C 2 -13.55 -41.56 6.71
CA PRO C 3 -9.85 -40.62 6.33
CA MET C 4 -10.06 -40.33 2.57
CA LEU C 5 -13.05 -38.02 2.82
CA SER C 6 -11.30 -35.86 5.40
CA GLY C 7 -8.25 -35.49 3.21
CA LEU C 8 -10.36 -34.44 0.27
CA LEU C 9 -12.11 -31.80 2.34
CA ALA C 10 -8.79 -30.43 3.51
CA ARG C 11 -7.49 -30.13 -0.03
CA LEU C 12 -10.59 -28.26 -1.15
CA VAL C 13 -10.24 -25.80 1.70
CA LYS C 14 -6.62 -25.19 0.82
CA LEU C 15 -7.57 -24.59 -2.79
CA LEU C 16 -10.23 -22.10 -1.77
CA LEU C 17 -7.66 -20.42 0.42
CA GLY C 18 -5.35 -20.46 -2.57
CA ARG C 19 -8.08 -18.67 -4.46
CA HIS C 20 -8.17 -16.16 -1.65
CA GLY C 21 -4.42 -16.62 -1.64
CA SER C 22 -3.02 -15.69 -5.01
CA ALA C 23 -5.98 -13.35 -4.94
CA LEU C 24 -5.71 -12.90 -1.19
CA HIS C 25 -5.69 -9.12 -1.29
CA TRP C 26 -8.74 -9.82 -3.35
CA ALA C 27 -11.08 -12.13 -1.43
CA ALA C 28 -10.52 -11.04 2.18
CA ALA C 29 -12.19 -7.81 1.03
CA GLY C 30 -15.12 -8.75 -1.17
CA ALA C 31 -16.08 -10.88 1.82
CA ALA C 32 -15.38 -8.51 4.74
CA THR C 33 -17.95 -6.09 3.33
CA VAL C 34 -20.52 -8.84 3.83
CA LEU C 35 -19.43 -8.28 7.46
CA LEU C 36 -19.90 -4.50 7.65
CA VAL C 37 -23.37 -4.88 6.12
CA ILE C 38 -24.19 -7.14 9.09
CA VAL C 39 -22.75 -4.52 11.48
CA LEU C 40 -25.06 -1.96 9.84
CA LEU C 41 -28.27 -3.94 10.17
CA ALA C 42 -26.83 -5.05 13.52
CA GLY C 43 -26.22 -1.59 15.01
CA SER C 44 -29.39 -0.31 13.33
CA TYR C 45 -31.76 -2.63 15.15
CA LEU C 46 -29.79 -2.18 18.36
CA ALA C 47 -29.11 1.57 18.73
CA VAL C 48 -32.90 2.03 18.35
CA LEU C 49 -33.75 -0.29 21.22
CA ALA C 50 -31.17 1.85 23.06
CA GLU C 51 -32.67 5.30 22.31
CA ARG C 52 -36.28 4.33 21.49
CA GLY C 53 -37.23 5.41 25.01
CA ALA C 54 -35.47 8.64 25.97
CA PRO C 55 -34.77 12.32 25.31
CA GLY C 56 -32.93 11.24 22.19
CA ALA C 57 -33.38 11.95 18.46
CA GLN C 58 -35.27 9.88 15.90
CA LEU C 59 -32.82 7.05 16.71
CA ILE C 60 -36.14 5.68 18.01
CA THR C 61 -37.15 3.93 14.80
CA TYR C 62 -35.54 0.88 13.17
CA PRO C 63 -36.07 2.19 9.61
CA ALA C 64 -34.30 5.37 10.80
CA ALA C 65 -31.32 3.85 12.62
CA LEU C 66 -30.43 2.19 9.28
CA TRP C 67 -29.94 5.46 7.37
CA TRP C 68 -27.95 6.40 10.49
CA SER C 69 -25.71 3.32 10.50
CA VAL C 70 -24.91 4.05 6.85
CA GLU C 71 -24.07 7.73 7.33
CA THR C 72 -22.10 6.85 10.48
CA ALA C 73 -20.37 3.86 8.88
CA THR C 74 -19.44 6.04 5.90
CA THR C 75 -18.41 8.55 8.65
CA VAL C 76 -20.15 11.45 6.92
CA GLY C 77 -21.95 12.59 10.09
CA TYR C 78 -24.89 14.46 8.52
CA GLY C 79 -25.85 15.43 12.06
CA ASP C 80 -29.46 14.83 11.00
CA LEU C 81 -29.29 11.95 13.46
CA TYR C 82 -27.09 10.65 16.29
CA PRO C 83 -27.24 8.75 19.53
CA VAL C 84 -27.62 10.33 22.99
CA THR C 85 -27.91 7.07 24.89
CA LEU C 86 -24.59 6.14 26.57
CA TRP C 87 -25.11 2.72 24.93
CA GLY C 88 -26.46 4.13 21.65
CA ARG C 89 -23.14 6.00 21.62
CA CYS C 90 -21.22 2.70 21.92
CA VAL C 91 -23.14 1.14 19.03
CA ALA C 92 -22.12 4.27 17.14
CA VAL C 93 -18.38 3.82 17.80
CA VAL C 94 -18.69 0.17 16.66
CA VAL C 95 -20.69 0.91 13.51
CA MET C 96 -17.94 3.51 12.94
CA VAL C 97 -14.69 1.52 12.93
CA ALA C 98 -16.59 -1.19 11.03
CA GLY C 99 -16.66 1.33 8.16
CA ILE C 100 -13.24 2.96 8.61
CA THR C 101 -11.99 -0.65 8.62
CA SER C 102 -14.30 -2.60 6.29
CA PHE C 103 -13.36 0.15 3.82
CA GLY C 104 -9.60 0.17 4.54
CA LEU C 105 -9.28 -3.46 3.46
CA VAL C 106 -10.88 -2.61 0.09
CA THR C 107 -8.15 0.06 -0.18
CA ALA C 108 -5.51 -2.45 0.92
CA ALA C 109 -6.79 -4.94 -1.65
CA LEU C 110 -6.45 -2.28 -4.37
CA ALA C 111 -3.08 -1.14 -2.99
CA THR C 112 -1.56 -4.56 -3.70
CA TRP C 113 -3.47 -5.35 -6.92
CA PHE C 114 -1.50 -2.28 -8.17
CA VAL C 115 1.69 -4.10 -7.13
CA GLY C 116 0.86 -6.39 -10.10
CA ARG C 117 1.05 -3.15 -12.10
CA GLU C 118 3.84 -1.47 -10.13
CA GLN C 119 5.88 -4.59 -10.95
CA GLU C 120 5.38 -4.14 -14.70
CA ARG C 121 6.46 -0.67 -14.57
CA ARG C 122 9.82 -1.81 -12.60
CA GLY C 123 10.49 -4.25 -15.37
CA HIS C 124 10.07 -3.68 -18.46
CA PHE C 125 13.72 -5.09 -18.68
CA VAL C 126 13.72 -8.96 -18.34
CA ARG C 127 17.39 -9.71 -17.23
CA HIS C 128 18.42 -6.52 -15.28
CA SER C 129 21.67 -7.38 -13.22
CA GLU C 130 22.96 -9.47 -15.89
CA LYS C 131 26.68 -7.65 -15.23
CA ALA C 132 26.13 -9.26 -11.47
CA ALA C 133 25.73 -12.38 -12.69
CA GLU C 134 28.65 -12.39 -15.14
CA GLU C 135 30.94 -11.12 -11.93
CA ALA C 136 29.84 -14.32 -10.19
CA TYR C 137 30.69 -16.49 -12.82
CA THR C 138 34.28 -14.83 -13.26
CA ARG C 139 34.78 -15.61 -9.38
CA THR C 140 34.07 -19.15 -9.96
CA THR C 141 36.37 -19.52 -12.80
CA ARG C 142 39.30 -17.79 -10.58
CA ALA C 143 38.61 -20.59 -7.97
CA LEU C 144 39.05 -23.20 -10.41
CA HIS C 145 42.28 -21.83 -11.76
CA GLU C 146 43.66 -21.71 -7.96
CA ARG C 147 42.79 -25.50 -7.78
CA PHE C 148 44.85 -25.96 -10.04
CA ASP C 149 45.19 -29.69 -11.30
CA ARG C 150 42.56 -32.33 -10.29
CA LEU C 151 43.50 -36.01 -9.43
CA GLU C 152 44.27 -38.35 -6.40
CA ARG C 153 48.12 -38.35 -6.84
CA MET C 154 47.77 -38.10 -10.67
CA LEU C 155 51.39 -36.98 -10.96
CA ASP C 156 52.56 -39.98 -8.93
CA ASP C 157 50.63 -42.35 -11.22
CA ASN C 158 52.35 -40.80 -14.30
CA ARG C 159 55.90 -41.24 -12.66
CA ARG C 160 55.72 -44.92 -11.52
CA MET D 1 33.80 29.61 -13.70
CA PRO D 2 30.17 29.68 -14.83
CA PRO D 3 30.08 26.05 -16.05
CA MET D 4 31.73 24.72 -12.93
CA LEU D 5 29.24 26.50 -10.72
CA SER D 6 26.33 25.21 -12.75
CA GLY D 7 27.55 21.63 -12.46
CA LEU D 8 27.88 21.95 -8.72
CA LEU D 9 24.34 23.26 -8.41
CA ALA D 10 23.03 20.37 -10.45
CA ARG D 11 24.77 17.82 -8.27
CA LEU D 12 23.35 19.36 -5.13
CA VAL D 13 19.85 19.24 -6.54
CA LYS D 14 20.27 15.60 -7.45
CA LEU D 15 21.50 14.85 -3.95
CA LEU D 16 18.50 16.58 -2.44
CA LEU D 17 16.30 14.60 -4.77
CA GLY D 18 18.18 11.53 -3.64
CA ARG D 19 17.28 12.48 -0.11
CA HIS D 20 13.70 12.70 -1.26
CA GLY D 21 14.59 9.69 -3.34
CA SER D 22 15.71 6.88 -1.10
CA ALA D 23 13.30 8.58 1.25
CA LEU D 24 11.03 9.59 -1.60
CA HIS D 25 7.88 8.16 -0.08
CA TRP D 26 9.27 9.27 3.00
CA ALA D 27 10.07 12.78 1.76
CA ALA D 28 7.36 13.36 -0.85
CA ALA D 29 5.02 13.31 2.16
CA GLY D 30 6.69 15.27 4.94
CA ALA D 31 6.91 17.96 2.26
CA ALA D 32 3.46 17.74 0.63
CA THR D 33 1.88 18.62 3.97
CA VAL D 34 3.74 21.92 3.77
CA LEU D 35 1.52 22.23 0.66
CA LEU D 36 -1.86 21.49 2.28
CA VAL D 37 -1.06 24.00 5.04
CA ILE D 38 -0.70 26.60 2.25
CA VAL D 39 -4.03 25.45 0.76
CA LEU D 40 -5.59 25.98 4.19
CA LEU D 41 -4.35 29.51 4.75
CA ALA D 42 -4.97 29.94 1.01
CA GLY D 43 -8.64 28.89 0.95
CA SER D 44 -9.17 30.55 4.34
CA TYR D 45 -8.31 34.05 3.20
CA LEU D 46 -10.15 33.47 -0.08
CA ALA D 47 -13.49 31.83 0.82
CA VAL D 48 -14.03 34.80 3.19
CA LEU D 49 -13.57 37.40 0.48
CA ALA D 50 -16.11 35.21 -1.36
CA GLU D 51 -18.82 35.09 1.35
CA ARG D 52 -17.90 38.20 3.39
CA GLY D 53 -20.69 40.06 1.61
CA ALA D 54 -23.79 37.88 1.29
CA PRO D 55 -26.55 35.83 2.93
CA GLY D 56 -23.86 33.37 3.97
CA ALA D 57 -22.63 32.07 7.34
CA GLN D 58 -19.72 33.35 9.41
CA LEU D 59 -17.50 32.48 6.43
CA ILE D 60 -17.27 36.28 6.54
CA THR D 61 -14.23 36.45 8.80
CA TYR D 62 -10.65 35.40 8.02
CA PRO D 63 -10.01 34.04 11.54
CA ALA D 64 -13.18 31.97 11.02
CA ALA D 65 -12.53 30.60 7.54
CA LEU D 66 -9.34 29.06 8.99
CA TRP D 67 -11.13 26.82 11.51
CA TRP D 68 -13.36 26.04 8.50
CA SER D 69 -10.51 25.10 6.13
CA VAL D 70 -9.23 22.74 8.83
CA GLU D 71 -12.54 21.02 9.53
CA THR D 72 -13.21 20.86 5.77
CA ALA D 73 -9.67 19.70 4.93
CA THR D 74 -9.96 17.02 7.63
CA THR D 75 -13.40 16.41 6.02
CA VAL D 76 -15.18 16.30 9.39
CA GLY D 77 -17.92 18.72 8.31
CA TYR D 78 -18.98 20.04 11.73
CA GLY D 79 -21.71 21.95 9.88
CA ASP D 80 -20.97 24.83 12.27
CA LEU D 81 -19.72 26.59 9.12
CA TYR D 82 -19.86 26.21 5.34
CA PRO D 83 -19.89 28.22 2.16
CA VAL D 84 -23.02 29.40 0.33
CA THR D 85 -21.23 31.44 -2.29
CA LEU D 86 -20.99 29.55 -5.60
CA TRP D 87 -17.27 30.44 -5.47
CA GLY D 88 -16.93 29.87 -1.71
CA ARG D 89 -18.23 26.39 -2.59
CA CYS D 90 -15.40 25.91 -5.11
CA VAL D 91 -12.74 26.95 -2.57
CA ALA D 92 -14.39 24.31 -0.37
CA VAL D 93 -13.99 21.50 -2.92
CA VAL D 94 -10.32 22.48 -3.35
CA VAL D 95 -9.53 22.73 0.35
CA MET D 96 -11.23 19.30 0.46
CA VAL D 97 -9.23 17.14 -1.95
CA ALA D 98 -6.11 18.89 -0.65
CA GLY D 99 -6.82 17.02 2.61
CA ILE D 100 -8.15 13.73 1.21
CA THR D 101 -4.94 13.81 -0.87
CA SER D 102 -2.30 15.52 1.28
CA PHE D 103 -3.32 12.85 3.81
CA GLY D 104 -3.37 9.89 1.40
CA LEU D 105 0.32 10.35 0.61
CA VAL D 106 1.16 10.15 4.33
CA THR D 107 -0.76 6.82 4.25
CA ALA D 108 1.07 5.79 1.07
CA ALA D 109 4.41 6.67 2.69
CA LEU D 110 3.53 4.46 5.67
CA ALA D 111 2.15 1.74 3.38
CA THR D 112 5.59 1.25 1.81
CA TRP D 113 7.72 1.88 4.90
CA PHE D 114 5.91 -1.30 6.11
CA VAL D 115 7.22 -3.04 2.99
CA GLY D 116 10.61 -2.76 4.77
CA ARG D 117 8.86 -4.77 7.50
CA GLU D 118 6.66 -6.93 5.28
CA GLN D 119 9.93 -8.00 3.63
CA GLU D 120 11.41 -9.19 6.94
CA ARG D 121 8.46 -11.19 7.69
CA ARG D 122 8.75 -12.93 4.05
CA GLY D 123 12.29 -13.82 4.86
CA HIS D 124 13.34 -14.85 7.66
CA PHE D 125 14.98 -17.63 5.44
CA VAL D 126 18.13 -16.25 3.62
CA ARG D 127 18.53 -18.74 0.64
CA HIS D 128 14.90 -19.89 -0.09
CA SER D 129 14.86 -21.60 -3.64
CA GLU D 130 18.13 -23.09 -3.09
CA LYS D 131 16.57 -26.62 -4.70
CA ALA D 132 15.99 -24.15 -7.97
CA ALA D 133 19.26 -23.29 -8.09
CA GLU D 134 20.75 -26.76 -7.67
CA GLU D 135 18.25 -27.89 -10.77
CA ALA D 136 20.01 -25.23 -12.84
CA TYR D 137 23.28 -26.30 -12.12
CA THR D 138 22.40 -30.10 -12.90
CA ARG D 139 21.13 -28.76 -16.46
CA THR D 140 24.41 -27.24 -17.08
CA THR D 141 26.37 -30.21 -16.19
CA ARG D 142 24.02 -32.42 -18.66
CA ALA D 143 25.02 -29.90 -21.46
CA LEU D 144 28.54 -30.39 -20.84
CA HIS D 145 28.33 -34.15 -20.87
CA GLU D 146 26.43 -33.89 -24.43
CA ARG D 147 29.51 -31.86 -25.66
CA PHE D 148 31.23 -34.37 -25.14
CA ASP D 149 35.10 -33.97 -25.84
CA ARG D 150 36.61 -30.45 -26.37
CA LEU D 151 39.41 -29.74 -28.99
CA GLU D 152 39.95 -28.45 -32.63
CA ARG D 153 40.53 -31.95 -34.22
CA MET D 154 42.21 -33.23 -30.99
CA LEU D 155 41.72 -36.84 -32.14
CA ASP D 156 43.37 -36.07 -35.49
CA ASP D 157 46.39 -34.55 -33.72
CA ASN D 158 46.77 -37.73 -31.60
CA ARG D 159 46.63 -40.01 -34.80
CA ARG D 160 49.20 -38.23 -37.08
CA MET A 1 -7.64 -5.91 -45.96
CA PRO A 2 -10.09 -6.65 -43.15
CA PRO A 3 -7.75 -8.97 -41.20
CA MET A 4 -4.82 -6.60 -41.44
CA LEU A 5 -6.90 -3.72 -40.13
CA SER A 6 -8.19 -5.81 -37.26
CA GLY A 7 -4.69 -6.80 -36.23
CA LEU A 8 -3.56 -3.19 -36.25
CA LEU A 9 -6.47 -2.18 -34.04
CA ALA A 10 -5.63 -4.93 -31.58
CA ARG A 11 -2.02 -3.86 -31.33
CA LEU A 12 -3.02 -0.27 -30.65
CA VAL A 13 -5.34 -1.34 -27.87
CA LYS A 14 -2.62 -3.41 -26.30
CA LEU A 15 -0.25 -0.47 -26.47
CA LEU A 16 -2.79 1.78 -24.80
CA LEU A 17 -3.25 -0.88 -22.16
CA GLY A 18 0.52 -0.97 -21.86
CA ARG A 19 0.38 2.75 -21.23
CA HIS A 20 -2.16 2.04 -18.55
CA GLY A 21 -0.01 -0.97 -17.85
CA SER A 22 3.47 0.14 -16.94
CA ALA A 23 1.55 3.10 -15.62
CA LEU A 24 -1.40 0.95 -14.67
CA HIS A 25 -1.61 2.19 -11.11
CA TRP A 26 -1.01 5.06 -12.22
CA ALA A 27 -3.67 5.02 -14.95
CA ALA A 28 -6.48 3.02 -13.32
CA ALA A 29 -6.74 6.04 -11.01
CA GLY A 30 -6.39 9.15 -13.14
CA ALA A 31 -9.21 7.54 -15.11
CA ALA A 32 -11.49 6.25 -12.33
CA THR A 33 -11.93 9.82 -11.10
CA VAL A 34 -13.49 10.59 -14.48
CA LEU A 35 -15.98 7.99 -13.18
CA LEU A 36 -16.75 9.56 -9.79
CA VAL A 37 -17.32 12.92 -11.50
CA ILE A 38 -20.03 11.17 -13.54
CA VAL A 39 -21.49 9.68 -10.33
CA LEU A 40 -21.62 13.22 -8.93
CA LEU A 41 -23.45 14.84 -11.83
CA ALA A 42 -25.36 11.53 -11.98
CA GLY A 43 -26.61 11.47 -8.38
CA SER A 44 -27.03 15.25 -8.46
CA TYR A 45 -29.61 15.30 -11.21
CA LEU A 46 -31.27 12.20 -9.75
CA ALA A 47 -31.57 12.79 -6.00
CA VAL A 48 -33.35 16.07 -6.88
CA LEU A 49 -35.98 14.37 -9.01
CA ALA A 50 -36.32 12.14 -5.92
CA GLU A 51 -36.84 14.89 -3.30
CA ARG A 52 -38.03 17.77 -5.52
CA GLY A 53 -41.58 16.98 -4.44
CA ALA A 54 -41.74 16.23 -0.72
CA PRO A 55 -41.15 17.32 2.88
CA GLY A 56 -37.44 17.21 2.14
CA ALA A 57 -34.63 19.81 2.22
CA GLN A 58 -33.33 21.92 -0.65
CA LEU A 59 -32.41 18.63 -2.36
CA ILE A 60 -35.16 19.99 -4.62
CA THR A 61 -32.87 21.90 -6.97
CA TYR A 62 -30.34 20.47 -9.45
CA PRO A 63 -27.78 23.25 -8.82
CA ALA A 64 -28.12 22.35 -5.12
CA ALA A 65 -27.87 18.57 -5.32
CA LEU A 66 -24.44 19.11 -6.94
CA TRP A 67 -22.89 20.87 -3.94
CA TRP A 68 -24.52 18.00 -2.03
CA SER A 69 -23.02 15.21 -4.14
CA VAL A 70 -19.61 16.81 -3.60
CA GLU A 71 -19.89 17.18 0.18
CA THR A 72 -21.38 13.67 0.38
CA ALA A 73 -18.83 12.15 -2.01
CA THR A 74 -16.04 13.79 0.01
CA THR A 75 -18.02 12.41 3.01
CA VAL A 76 -17.78 15.67 4.93
CA GLY A 77 -21.51 15.76 5.75
CA TYR A 78 -21.96 19.50 6.31
CA GLY A 79 -25.55 18.67 7.30
CA ASP A 80 -26.55 21.81 5.38
CA LEU A 81 -28.25 19.36 3.02
CA TYR A 82 -29.29 15.69 2.89
CA PRO A 83 -31.90 13.40 1.45
CA VAL A 84 -35.14 12.38 3.18
CA THR A 85 -36.59 10.46 0.27
CA LEU A 86 -36.10 6.69 0.71
CA TRP A 87 -34.70 6.78 -2.84
CA GLY A 88 -32.82 10.07 -2.36
CA ARG A 89 -31.17 8.18 0.52
CA CYS A 90 -30.06 5.40 -1.87
CA VAL A 91 -28.55 7.88 -4.32
CA ALA A 92 -26.71 9.20 -1.26
CA VAL A 93 -25.19 5.82 -0.34
CA VAL A 94 -24.07 5.41 -3.98
CA VAL A 95 -22.58 8.89 -4.33
CA MET A 96 -20.87 7.98 -1.04
CA VAL A 97 -18.91 4.80 -1.78
CA ALA A 98 -18.09 6.34 -5.19
CA GLY A 99 -15.97 8.82 -3.18
CA ILE A 100 -14.65 6.51 -0.45
CA THR A 101 -13.63 4.30 -3.39
CA SER A 102 -12.76 6.65 -6.27
CA PHE A 103 -10.44 8.20 -3.65
CA GLY A 104 -9.02 4.93 -2.28
CA LEU A 105 -7.59 4.01 -5.68
CA VAL A 106 -5.73 7.34 -5.82
CA THR A 107 -4.28 6.32 -2.42
CA ALA A 108 -3.53 2.83 -3.74
CA ALA A 109 -1.83 4.33 -6.80
CA LEU A 110 0.36 6.46 -4.52
CA ALA A 111 0.93 3.52 -2.15
CA THR A 112 2.67 1.56 -4.90
CA TRP A 113 4.40 4.47 -6.66
CA PHE A 114 6.23 4.69 -3.27
CA VAL A 115 7.24 1.05 -3.77
CA GLY A 116 9.50 2.49 -6.52
CA ARG A 117 10.97 4.54 -3.66
CA GLU A 118 10.68 1.92 -0.91
CA GLN A 119 12.76 -0.28 -3.22
CA GLU A 120 15.54 2.28 -3.46
CA ARG A 121 15.71 2.57 0.19
CA ARG A 122 16.01 -1.44 0.46
CA GLY A 123 18.88 -1.33 -1.88
CA HIS A 124 21.31 0.85 0.20
CA PHE A 125 24.62 -1.05 -0.57
CA VAL A 126 22.97 -3.57 -3.11
CA ARG A 127 24.16 -7.16 -2.23
CA HIS A 128 21.25 -9.38 -0.80
CA SER A 129 22.60 -13.03 -0.33
CA GLU A 130 25.72 -13.39 -2.16
CA LYS A 131 26.89 -16.08 0.87
CA ALA A 132 23.54 -18.09 -0.49
CA ALA A 133 24.68 -18.20 -3.64
CA GLU A 134 28.25 -19.25 -2.94
CA GLU A 135 26.55 -22.30 -0.66
CA ALA A 136 24.83 -23.36 -3.90
CA TYR A 137 27.72 -23.43 -5.86
CA THR A 138 29.77 -25.49 -3.13
CA ARG A 139 26.74 -28.15 -3.35
CA THR A 140 27.30 -28.46 -6.96
CA THR A 141 30.88 -28.95 -6.77
CA ARG A 142 30.30 -31.84 -3.92
CA ALA A 143 27.99 -33.56 -6.60
CA LEU A 144 30.66 -33.54 -9.04
CA HIS A 145 33.22 -34.95 -6.80
CA GLU A 146 30.62 -37.95 -5.87
CA ARG A 147 30.47 -38.61 -9.75
CA PHE A 148 33.49 -39.30 -9.57
CA ASP A 149 34.03 -40.67 -13.13
CA ARG A 150 31.18 -42.38 -15.16
CA LEU A 151 32.79 -45.82 -16.03
CA GLU A 152 32.96 -48.96 -13.76
CA ARG A 153 33.33 -51.93 -16.27
CA MET A 154 34.10 -49.33 -19.06
CA LEU A 155 37.41 -48.51 -17.38
CA ASP A 156 38.38 -52.15 -17.27
CA ASP A 157 37.62 -52.54 -21.03
CA ASN A 158 39.93 -49.52 -21.76
CA ARG A 159 42.85 -51.10 -19.63
CA ARG A 160 43.68 -52.90 -16.28
CA MET B 1 27.34 -8.94 36.70
CA PRO B 2 26.25 -5.51 35.51
CA PRO B 3 27.53 -5.90 31.92
CA MET B 4 26.00 -9.34 31.51
CA LEU B 5 22.63 -8.08 32.66
CA SER B 6 22.79 -5.13 30.31
CA GLY B 7 23.56 -7.35 27.34
CA LEU B 8 20.63 -9.59 28.15
CA LEU B 9 18.29 -6.63 28.31
CA ALA B 10 19.50 -5.40 24.95
CA ARG B 11 18.91 -8.76 23.33
CA LEU B 12 15.38 -8.93 24.67
CA VAL B 13 14.60 -5.48 23.32
CA LYS B 14 15.92 -6.46 19.91
CA LEU B 15 13.79 -9.58 19.95
CA LEU B 16 10.71 -7.57 20.81
CA LEU B 17 11.59 -5.21 18.01
CA GLY B 18 12.00 -8.25 15.80
CA ARG B 19 8.48 -9.22 16.81
CA HIS B 20 7.41 -5.76 15.78
CA GLY B 21 9.91 -6.24 12.99
CA SER B 22 8.94 -9.24 10.93
CA ALA B 23 5.50 -8.16 12.02
CA LEU B 24 6.49 -4.51 11.97
CA HIS B 25 3.60 -3.39 9.80
CA TRP B 26 1.72 -5.68 12.17
CA ALA B 27 2.88 -4.43 15.57
CA ALA B 28 3.52 -0.73 14.90
CA ALA B 29 -0.25 -0.57 14.44
CA GLY B 30 -1.83 -2.68 17.16
CA ALA B 31 0.29 -0.50 19.43
CA ALA B 32 -0.21 2.96 17.90
CA THR B 33 -3.94 2.68 18.60
CA VAL B 34 -3.04 2.47 22.28
CA LEU B 35 -1.69 5.97 21.46
CA LEU B 36 -4.81 7.44 19.85
CA VAL B 37 -6.90 6.20 22.79
CA ILE B 38 -4.60 8.31 25.01
CA VAL B 39 -5.07 11.29 22.65
CA LEU B 40 -8.84 10.82 23.04
CA LEU B 41 -8.93 10.76 26.82
CA ALA B 42 -6.19 13.41 26.57
CA GLY B 43 -8.06 15.90 24.37
CA SER B 44 -11.32 15.04 26.16
CA TYR B 45 -10.20 16.18 29.58
CA LEU B 46 -8.42 19.18 28.03
CA ALA B 47 -10.84 20.71 25.51
CA VAL B 48 -13.38 20.86 28.38
CA LEU B 49 -11.09 22.85 30.64
CA ALA B 50 -10.75 25.05 27.54
CA GLU B 51 -14.48 25.64 26.86
CA ARG B 52 -15.95 24.89 30.31
CA GLY B 53 -16.14 28.63 30.92
CA ALA B 54 -17.38 30.45 27.82
CA PRO B 55 -20.07 30.99 25.19
CA GLY B 56 -19.27 27.52 23.88
CA ALA B 57 -21.29 24.30 23.48
CA GLN B 58 -21.54 21.39 25.89
CA LEU B 59 -17.77 20.98 25.46
CA ILE B 60 -18.06 22.05 29.09
CA THR B 61 -18.30 18.55 30.53
CA TYR B 62 -15.60 15.86 30.65
CA PRO B 63 -18.08 12.99 30.00
CA ALA B 64 -19.19 15.02 26.95
CA ALA B 65 -15.82 15.93 25.47
CA LEU B 66 -15.15 12.17 25.25
CA TRP B 67 -18.03 11.42 22.88
CA TRP B 68 -16.68 14.49 21.04
CA SER B 69 -13.07 13.26 20.82
CA VAL B 70 -14.42 10.01 19.37
CA GLU B 71 -16.65 11.60 16.73
CA THR B 72 -13.87 14.08 15.91
CA ALA B 73 -11.13 11.42 15.90
CA THR B 74 -13.31 9.27 13.61
CA THR B 75 -13.80 12.59 11.72
CA VAL B 76 -17.56 12.09 11.42
CA GLY B 77 -18.38 15.61 12.65
CA TYR B 78 -21.92 15.03 13.95
CA GLY B 79 -22.02 18.77 14.61
CA ASP B 80 -23.87 17.90 17.85
CA LEU B 81 -20.72 19.24 19.52
CA TYR B 82 -17.60 21.25 18.67
CA PRO B 83 -15.14 23.68 20.17
CA VAL B 84 -15.43 27.48 20.01
CA THR B 85 -12.45 28.22 22.21
CA LEU B 86 -9.38 29.17 20.12
CA TRP B 87 -7.55 26.54 22.20
CA GLY B 88 -10.45 24.06 22.23
CA ARG B 89 -10.11 24.35 18.43
CA CYS B 90 -6.43 23.35 18.63
CA VAL B 91 -7.19 20.30 20.76
CA ALA B 92 -9.69 19.48 18.02
CA VAL B 93 -7.11 19.60 15.21
CA VAL B 94 -4.83 17.34 17.31
CA VAL B 95 -7.50 14.81 18.23
CA MET B 96 -8.23 14.89 14.48
CA VAL B 97 -4.94 13.92 12.82
CA ALA B 98 -4.48 11.41 15.66
CA GLY B 99 -7.41 9.56 14.06
CA ILE B 100 -6.69 10.22 10.37
CA THR B 101 -3.21 8.90 11.27
CA SER B 102 -3.71 6.28 13.98
CA PHE B 103 -6.15 4.80 11.45
CA GLY B 104 -3.90 5.13 8.38
CA LEU B 105 -1.27 2.87 9.94
CA VAL B 106 -3.90 0.15 10.46
CA THR B 107 -4.58 0.54 6.70
CA ALA B 108 -0.85 0.49 5.96
CA ALA B 109 -0.45 -2.65 8.08
CA LEU B 110 -3.23 -4.33 6.09
CA ALA B 111 -1.84 -2.97 2.81
CA THR B 112 1.39 -4.92 3.30
CA TRP B 113 -0.07 -8.02 4.96
CA PHE B 114 -1.80 -8.36 1.53
CA VAL B 115 1.67 -8.27 -0.05
CA GLY B 116 2.01 -11.76 1.55
CA ARG B 117 -1.04 -12.57 -0.57
CA GLU B 118 -0.20 -10.42 -3.60
CA GLN B 119 3.05 -12.41 -3.72
CA GLU B 120 1.22 -15.73 -3.88
CA ARG B 121 -0.85 -14.55 -6.68
CA ARG B 122 2.49 -13.43 -8.63
CA GLY B 123 3.83 -16.85 -8.18
CA HIS B 124 1.14 -18.84 -10.13
CA PHE B 125 3.45 -21.41 -11.92
CA VAL B 126 6.75 -20.15 -10.15
CA ARG B 127 9.50 -19.70 -12.85
CA HIS B 128 10.42 -15.92 -13.41
CA SER B 129 13.46 -15.74 -15.89
CA GLU B 130 14.96 -19.04 -16.17
CA LYS B 131 15.87 -18.03 -20.15
CA ALA B 132 17.97 -15.01 -18.26
CA ALA B 133 19.75 -17.18 -16.43
CA GLU B 134 20.62 -19.67 -19.15
CA GLU B 135 21.95 -16.34 -21.29
CA ALA B 136 24.34 -15.77 -18.36
CA TYR B 137 25.64 -19.01 -18.30
CA THR B 138 26.22 -19.06 -22.23
CA ARG B 139 28.34 -15.69 -21.64
CA THR B 140 30.48 -17.47 -19.26
CA THR B 141 31.13 -20.34 -21.36
CA ARG B 142 32.12 -17.80 -24.43
CA ALA B 143 34.74 -16.30 -21.90
CA LEU B 144 36.20 -19.57 -21.33
CA HIS B 145 36.53 -20.46 -24.88
CA GLU B 146 38.39 -16.90 -25.52
CA ARG B 147 40.90 -18.06 -22.72
CA PHE B 148 41.67 -20.38 -24.62
CA ASP B 149 44.69 -21.79 -22.68
CA ARG B 150 46.93 -19.57 -20.39
CA LEU B 151 50.46 -20.20 -21.89
CA GLU B 152 52.04 -18.48 -24.98
CA ARG B 153 55.89 -18.82 -24.40
CA MET B 154 55.12 -21.40 -21.60
CA LEU B 155 53.88 -23.87 -24.19
CA ASP B 156 57.03 -23.51 -26.21
CA ASP B 157 59.19 -24.18 -23.08
CA ASN B 158 57.18 -27.43 -22.46
CA ARG B 159 57.72 -28.63 -26.18
CA ARG B 160 57.67 -27.48 -29.89
CA MET C 1 -13.57 -44.16 3.95
CA PRO C 2 -13.55 -41.56 6.71
CA PRO C 3 -9.85 -40.62 6.33
CA MET C 4 -10.06 -40.33 2.57
CA LEU C 5 -13.05 -38.02 2.82
CA SER C 6 -11.30 -35.86 5.40
CA GLY C 7 -8.25 -35.49 3.21
CA LEU C 8 -10.36 -34.44 0.27
CA LEU C 9 -12.11 -31.80 2.34
CA ALA C 10 -8.79 -30.43 3.51
CA ARG C 11 -7.49 -30.13 -0.03
CA LEU C 12 -10.59 -28.26 -1.15
CA VAL C 13 -10.24 -25.80 1.70
CA LYS C 14 -6.62 -25.19 0.82
CA LEU C 15 -7.57 -24.59 -2.79
CA LEU C 16 -10.23 -22.10 -1.77
CA LEU C 17 -7.66 -20.42 0.42
CA GLY C 18 -5.35 -20.46 -2.57
CA ARG C 19 -8.08 -18.67 -4.46
CA HIS C 20 -8.17 -16.16 -1.65
CA GLY C 21 -4.42 -16.62 -1.64
CA SER C 22 -3.02 -15.69 -5.01
CA ALA C 23 -5.98 -13.35 -4.94
CA LEU C 24 -5.71 -12.90 -1.19
CA HIS C 25 -5.69 -9.12 -1.29
CA TRP C 26 -8.74 -9.82 -3.35
CA ALA C 27 -11.08 -12.13 -1.43
CA ALA C 28 -10.52 -11.04 2.18
CA ALA C 29 -12.19 -7.81 1.03
CA GLY C 30 -15.12 -8.75 -1.17
CA ALA C 31 -16.08 -10.88 1.82
CA ALA C 32 -15.38 -8.51 4.74
CA THR C 33 -17.95 -6.09 3.33
CA VAL C 34 -20.52 -8.84 3.83
CA LEU C 35 -19.43 -8.28 7.46
CA LEU C 36 -19.90 -4.50 7.65
CA VAL C 37 -23.37 -4.88 6.12
CA ILE C 38 -24.19 -7.14 9.09
CA VAL C 39 -22.75 -4.52 11.48
CA LEU C 40 -25.06 -1.96 9.84
CA LEU C 41 -28.27 -3.94 10.17
CA ALA C 42 -26.83 -5.05 13.52
CA GLY C 43 -26.22 -1.59 15.01
CA SER C 44 -29.39 -0.31 13.33
CA TYR C 45 -31.76 -2.63 15.15
CA LEU C 46 -29.79 -2.18 18.36
CA ALA C 47 -29.11 1.57 18.73
CA VAL C 48 -32.90 2.03 18.35
CA LEU C 49 -33.75 -0.29 21.22
CA ALA C 50 -31.17 1.85 23.06
CA GLU C 51 -32.67 5.30 22.31
CA ARG C 52 -36.28 4.33 21.49
CA GLY C 53 -37.23 5.41 25.01
CA ALA C 54 -35.47 8.64 25.97
CA PRO C 55 -34.77 12.32 25.31
CA GLY C 56 -32.93 11.24 22.19
CA ALA C 57 -33.38 11.95 18.46
CA GLN C 58 -35.27 9.88 15.90
CA LEU C 59 -32.82 7.05 16.71
CA ILE C 60 -36.14 5.68 18.01
CA THR C 61 -37.15 3.93 14.80
CA TYR C 62 -35.54 0.88 13.17
CA PRO C 63 -36.07 2.19 9.61
CA ALA C 64 -34.30 5.37 10.80
CA ALA C 65 -31.32 3.85 12.62
CA LEU C 66 -30.43 2.19 9.28
CA TRP C 67 -29.94 5.46 7.37
CA TRP C 68 -27.95 6.40 10.49
CA SER C 69 -25.71 3.32 10.50
CA VAL C 70 -24.91 4.05 6.85
CA GLU C 71 -24.07 7.73 7.33
CA THR C 72 -22.10 6.85 10.48
CA ALA C 73 -20.37 3.86 8.88
CA THR C 74 -19.44 6.04 5.90
CA THR C 75 -18.41 8.55 8.65
CA VAL C 76 -20.15 11.45 6.92
CA GLY C 77 -21.95 12.59 10.09
CA TYR C 78 -24.89 14.46 8.52
CA GLY C 79 -25.85 15.43 12.06
CA ASP C 80 -29.46 14.83 11.00
CA LEU C 81 -29.29 11.95 13.46
CA TYR C 82 -27.09 10.65 16.29
CA PRO C 83 -27.24 8.75 19.53
CA VAL C 84 -27.62 10.33 22.99
CA THR C 85 -27.91 7.07 24.89
CA LEU C 86 -24.59 6.14 26.57
CA TRP C 87 -25.11 2.72 24.93
CA GLY C 88 -26.46 4.13 21.65
CA ARG C 89 -23.14 6.00 21.62
CA CYS C 90 -21.22 2.70 21.92
CA VAL C 91 -23.14 1.14 19.03
CA ALA C 92 -22.12 4.27 17.14
CA VAL C 93 -18.38 3.82 17.80
CA VAL C 94 -18.69 0.17 16.66
CA VAL C 95 -20.69 0.91 13.51
CA MET C 96 -17.94 3.51 12.94
CA VAL C 97 -14.69 1.52 12.93
CA ALA C 98 -16.59 -1.19 11.03
CA GLY C 99 -16.66 1.33 8.16
CA ILE C 100 -13.24 2.96 8.61
CA THR C 101 -11.99 -0.65 8.62
CA SER C 102 -14.30 -2.60 6.29
CA PHE C 103 -13.36 0.15 3.82
CA GLY C 104 -9.60 0.17 4.54
CA LEU C 105 -9.28 -3.46 3.46
CA VAL C 106 -10.88 -2.61 0.09
CA THR C 107 -8.15 0.06 -0.18
CA ALA C 108 -5.51 -2.45 0.92
CA ALA C 109 -6.79 -4.94 -1.65
CA LEU C 110 -6.45 -2.28 -4.37
CA ALA C 111 -3.08 -1.14 -2.99
CA THR C 112 -1.56 -4.56 -3.70
CA TRP C 113 -3.47 -5.35 -6.92
CA PHE C 114 -1.50 -2.28 -8.17
CA VAL C 115 1.69 -4.10 -7.13
CA GLY C 116 0.86 -6.39 -10.10
CA ARG C 117 1.05 -3.15 -12.10
CA GLU C 118 3.84 -1.47 -10.13
CA GLN C 119 5.88 -4.59 -10.95
CA GLU C 120 5.34 -4.18 -14.68
CA ARG C 121 6.45 -0.68 -14.55
CA ARG C 122 9.78 -1.85 -12.62
CA GLY C 123 10.46 -4.27 -15.35
CA HIS C 124 10.81 -1.80 -18.31
CA PHE C 125 13.79 -3.49 -20.15
CA VAL C 126 13.98 -6.58 -17.70
CA ARG C 127 17.68 -7.12 -16.66
CA HIS C 128 18.29 -6.27 -12.88
CA SER C 129 21.99 -7.24 -11.98
CA GLU C 130 23.34 -9.36 -14.61
CA LYS C 131 27.07 -7.58 -13.80
CA ALA C 132 26.34 -9.23 -10.07
CA ALA C 133 25.96 -12.31 -11.33
CA GLU C 134 28.95 -12.36 -13.67
CA GLU C 135 31.15 -11.14 -10.34
CA ALA C 136 29.94 -14.36 -8.70
CA TYR C 137 30.87 -16.49 -11.30
CA THR C 138 34.49 -14.85 -11.59
CA ARG C 139 34.82 -15.68 -7.67
CA THR C 140 34.15 -19.21 -8.38
CA THR C 141 36.53 -19.55 -11.09
CA ARG C 142 39.39 -17.83 -8.71
CA ALA C 143 38.56 -20.71 -6.17
CA LEU C 144 39.16 -23.24 -8.69
CA HIS C 145 42.39 -21.89 -9.81
CA GLU C 146 43.60 -21.81 -5.92
CA ARG C 147 42.72 -25.64 -5.88
CA PHE C 148 44.93 -25.99 -8.01
CA ASP C 149 45.07 -29.84 -8.14
CA ARG C 150 44.15 -32.06 -5.08
CA LEU C 151 47.37 -34.22 -4.68
CA GLU C 152 50.65 -33.20 -2.86
CA ARG C 153 52.27 -36.62 -1.86
CA MET C 154 49.75 -38.39 -4.24
CA LEU C 155 51.49 -36.85 -7.24
CA ASP C 156 54.85 -38.10 -6.08
CA ASP C 157 53.45 -41.68 -5.67
CA ASN C 158 52.13 -41.53 -9.31
CA ARG C 159 55.66 -40.36 -10.65
CA ARG C 160 58.63 -37.94 -10.00
CA MET D 1 33.80 29.61 -13.70
CA PRO D 2 30.17 29.68 -14.83
CA PRO D 3 30.08 26.05 -16.05
CA MET D 4 31.73 24.72 -12.93
CA LEU D 5 29.24 26.50 -10.72
CA SER D 6 26.33 25.21 -12.75
CA GLY D 7 27.55 21.63 -12.46
CA LEU D 8 27.88 21.95 -8.72
CA LEU D 9 24.34 23.26 -8.41
CA ALA D 10 23.03 20.37 -10.45
CA ARG D 11 24.77 17.82 -8.27
CA LEU D 12 23.35 19.36 -5.13
CA VAL D 13 19.85 19.24 -6.54
CA LYS D 14 20.27 15.60 -7.45
CA LEU D 15 21.50 14.85 -3.95
CA LEU D 16 18.50 16.58 -2.44
CA LEU D 17 16.30 14.60 -4.77
CA GLY D 18 18.18 11.53 -3.64
CA ARG D 19 17.28 12.48 -0.11
CA HIS D 20 13.70 12.70 -1.26
CA GLY D 21 14.59 9.69 -3.34
CA SER D 22 15.71 6.88 -1.10
CA ALA D 23 13.30 8.58 1.25
CA LEU D 24 11.03 9.59 -1.60
CA HIS D 25 7.88 8.16 -0.08
CA TRP D 26 9.27 9.27 3.00
CA ALA D 27 10.07 12.78 1.76
CA ALA D 28 7.36 13.36 -0.85
CA ALA D 29 5.02 13.31 2.16
CA GLY D 30 6.69 15.27 4.94
CA ALA D 31 6.91 17.96 2.26
CA ALA D 32 3.46 17.74 0.63
CA THR D 33 1.88 18.62 3.97
CA VAL D 34 3.74 21.92 3.77
CA LEU D 35 1.52 22.23 0.66
CA LEU D 36 -1.86 21.49 2.28
CA VAL D 37 -1.06 24.00 5.04
CA ILE D 38 -0.70 26.60 2.25
CA VAL D 39 -4.03 25.45 0.76
CA LEU D 40 -5.59 25.98 4.19
CA LEU D 41 -4.35 29.51 4.75
CA ALA D 42 -4.97 29.94 1.01
CA GLY D 43 -8.64 28.89 0.95
CA SER D 44 -9.17 30.55 4.34
CA TYR D 45 -8.31 34.05 3.20
CA LEU D 46 -10.15 33.47 -0.08
CA ALA D 47 -13.49 31.83 0.82
CA VAL D 48 -14.03 34.80 3.19
CA LEU D 49 -13.57 37.40 0.48
CA ALA D 50 -16.11 35.21 -1.36
CA GLU D 51 -18.82 35.09 1.35
CA ARG D 52 -17.90 38.20 3.39
CA GLY D 53 -20.69 40.06 1.61
CA ALA D 54 -23.79 37.88 1.29
CA PRO D 55 -26.55 35.83 2.93
CA GLY D 56 -23.86 33.37 3.97
CA ALA D 57 -22.63 32.07 7.34
CA GLN D 58 -19.72 33.35 9.41
CA LEU D 59 -17.50 32.48 6.43
CA ILE D 60 -17.27 36.28 6.54
CA THR D 61 -14.23 36.45 8.80
CA TYR D 62 -10.65 35.40 8.02
CA PRO D 63 -10.01 34.04 11.54
CA ALA D 64 -13.18 31.97 11.02
CA ALA D 65 -12.53 30.60 7.54
CA LEU D 66 -9.34 29.06 8.99
CA TRP D 67 -11.13 26.82 11.51
CA TRP D 68 -13.36 26.04 8.50
CA SER D 69 -10.51 25.10 6.13
CA VAL D 70 -9.23 22.74 8.83
CA GLU D 71 -12.54 21.02 9.53
CA THR D 72 -13.21 20.86 5.77
CA ALA D 73 -9.67 19.70 4.93
CA THR D 74 -9.96 17.02 7.63
CA THR D 75 -13.40 16.41 6.02
CA VAL D 76 -15.18 16.30 9.39
CA GLY D 77 -17.92 18.72 8.31
CA TYR D 78 -18.98 20.04 11.73
CA GLY D 79 -21.71 21.95 9.88
CA ASP D 80 -20.97 24.83 12.27
CA LEU D 81 -19.72 26.59 9.12
CA TYR D 82 -19.86 26.21 5.34
CA PRO D 83 -19.89 28.22 2.16
CA VAL D 84 -23.02 29.40 0.33
CA THR D 85 -21.23 31.44 -2.29
CA LEU D 86 -20.99 29.55 -5.60
CA TRP D 87 -17.27 30.44 -5.47
CA GLY D 88 -16.93 29.87 -1.71
CA ARG D 89 -18.23 26.39 -2.59
CA CYS D 90 -15.40 25.91 -5.11
CA VAL D 91 -12.74 26.95 -2.57
CA ALA D 92 -14.39 24.31 -0.37
CA VAL D 93 -13.99 21.50 -2.92
CA VAL D 94 -10.32 22.48 -3.35
CA VAL D 95 -9.53 22.73 0.35
CA MET D 96 -11.23 19.30 0.46
CA VAL D 97 -9.23 17.14 -1.95
CA ALA D 98 -6.11 18.89 -0.65
CA GLY D 99 -6.82 17.02 2.61
CA ILE D 100 -8.15 13.73 1.21
CA THR D 101 -4.94 13.81 -0.87
CA SER D 102 -2.30 15.52 1.28
CA PHE D 103 -3.32 12.85 3.81
CA GLY D 104 -3.37 9.89 1.40
CA LEU D 105 0.32 10.35 0.61
CA VAL D 106 1.16 10.15 4.33
CA THR D 107 -0.76 6.82 4.25
CA ALA D 108 1.07 5.79 1.07
CA ALA D 109 4.41 6.67 2.69
CA LEU D 110 3.53 4.46 5.67
CA ALA D 111 2.15 1.74 3.38
CA THR D 112 5.59 1.25 1.81
CA TRP D 113 7.72 1.88 4.90
CA PHE D 114 5.91 -1.30 6.11
CA VAL D 115 7.22 -3.04 2.99
CA GLY D 116 10.61 -2.76 4.77
CA ARG D 117 8.86 -4.77 7.50
CA GLU D 118 6.66 -6.93 5.28
CA GLN D 119 9.93 -8.00 3.63
CA GLU D 120 11.43 -9.13 6.93
CA ARG D 121 8.47 -11.16 7.69
CA ARG D 122 8.78 -12.90 4.06
CA GLY D 123 12.30 -13.78 4.84
CA HIS D 124 11.72 -16.03 7.93
CA PHE D 125 14.37 -18.79 7.17
CA VAL D 126 15.79 -16.99 3.96
CA ARG D 127 16.05 -19.60 1.10
CA HIS D 128 13.45 -18.91 -1.77
CA SER D 129 14.15 -21.44 -4.70
CA GLU D 130 17.42 -22.95 -4.20
CA LYS D 131 15.82 -26.43 -5.98
CA ALA D 132 15.27 -23.80 -9.13
CA ALA D 133 18.52 -22.98 -9.23
CA GLU D 134 20.01 -26.45 -8.94
CA GLU D 135 17.47 -27.44 -12.10
CA ALA D 136 19.30 -24.70 -14.05
CA TYR D 137 22.52 -25.86 -13.38
CA THR D 138 21.59 -29.62 -14.30
CA ARG D 139 20.33 -28.10 -17.82
CA THR D 140 23.66 -26.66 -18.35
CA THR D 141 25.54 -29.67 -17.60
CA ARG D 142 23.11 -31.76 -20.15
CA ALA D 143 24.21 -29.11 -22.86
CA LEU D 144 27.71 -29.80 -22.24
CA HIS D 145 27.41 -33.46 -22.45
CA GLU D 146 25.47 -33.01 -26.00
CA ARG D 147 28.66 -31.01 -27.13
CA PHE D 148 30.24 -33.63 -26.76
CA ASP D 149 33.62 -32.57 -28.27
CA ARG D 150 33.88 -29.86 -31.06
CA LEU D 151 35.81 -31.78 -33.84
CA GLU D 152 34.31 -34.23 -36.46
CA ARG D 153 36.87 -34.14 -39.41
CA MET D 154 39.37 -32.32 -37.04
CA LEU D 155 39.73 -35.49 -34.99
CA ASP D 156 40.51 -37.53 -38.05
CA ASP D 157 43.24 -35.02 -39.12
CA ASN D 158 44.84 -35.36 -35.61
CA ARG D 159 44.84 -39.30 -35.86
CA ARG D 160 42.69 -42.38 -36.87
CA MET A 1 -7.64 -5.91 -45.96
CA PRO A 2 -10.09 -6.65 -43.15
CA PRO A 3 -7.75 -8.97 -41.20
CA MET A 4 -4.82 -6.60 -41.44
CA LEU A 5 -6.90 -3.72 -40.13
CA SER A 6 -8.19 -5.81 -37.26
CA GLY A 7 -4.69 -6.80 -36.23
CA LEU A 8 -3.56 -3.19 -36.25
CA LEU A 9 -6.47 -2.18 -34.04
CA ALA A 10 -5.63 -4.93 -31.58
CA ARG A 11 -2.02 -3.86 -31.33
CA LEU A 12 -3.02 -0.27 -30.65
CA VAL A 13 -5.34 -1.34 -27.87
CA LYS A 14 -2.62 -3.41 -26.30
CA LEU A 15 -0.25 -0.47 -26.47
CA LEU A 16 -2.79 1.78 -24.80
CA LEU A 17 -3.25 -0.88 -22.16
CA GLY A 18 0.52 -0.97 -21.86
CA ARG A 19 0.38 2.75 -21.23
CA HIS A 20 -2.16 2.04 -18.55
CA GLY A 21 -0.01 -0.97 -17.85
CA SER A 22 3.47 0.14 -16.94
CA ALA A 23 1.55 3.10 -15.62
CA LEU A 24 -1.40 0.95 -14.67
CA HIS A 25 -1.61 2.19 -11.11
CA TRP A 26 -1.01 5.06 -12.22
CA ALA A 27 -3.67 5.02 -14.95
CA ALA A 28 -6.48 3.02 -13.32
CA ALA A 29 -6.74 6.04 -11.01
CA GLY A 30 -6.39 9.15 -13.14
CA ALA A 31 -9.21 7.54 -15.11
CA ALA A 32 -11.49 6.25 -12.33
CA THR A 33 -11.93 9.82 -11.10
CA VAL A 34 -13.49 10.59 -14.48
CA LEU A 35 -15.98 7.99 -13.18
CA LEU A 36 -16.75 9.56 -9.79
CA VAL A 37 -17.32 12.92 -11.50
CA ILE A 38 -20.03 11.17 -13.54
CA VAL A 39 -21.49 9.68 -10.33
CA LEU A 40 -21.62 13.22 -8.93
CA LEU A 41 -23.45 14.84 -11.83
CA ALA A 42 -25.36 11.53 -11.98
CA GLY A 43 -26.61 11.47 -8.38
CA SER A 44 -27.03 15.25 -8.46
CA TYR A 45 -29.61 15.30 -11.21
CA LEU A 46 -31.27 12.20 -9.75
CA ALA A 47 -31.57 12.79 -6.00
CA VAL A 48 -33.35 16.07 -6.88
CA LEU A 49 -35.98 14.37 -9.01
CA ALA A 50 -36.32 12.14 -5.92
CA GLU A 51 -36.84 14.89 -3.30
CA ARG A 52 -38.03 17.77 -5.52
CA GLY A 53 -41.58 16.98 -4.44
CA ALA A 54 -41.74 16.23 -0.72
CA PRO A 55 -41.15 17.32 2.88
CA GLY A 56 -37.44 17.21 2.14
CA ALA A 57 -34.63 19.81 2.22
CA GLN A 58 -33.33 21.92 -0.65
CA LEU A 59 -32.41 18.63 -2.36
CA ILE A 60 -35.16 19.99 -4.62
CA THR A 61 -32.87 21.90 -6.97
CA TYR A 62 -30.34 20.47 -9.45
CA PRO A 63 -27.78 23.25 -8.82
CA ALA A 64 -28.12 22.35 -5.12
CA ALA A 65 -27.87 18.57 -5.32
CA LEU A 66 -24.44 19.11 -6.94
CA TRP A 67 -22.89 20.87 -3.94
CA TRP A 68 -24.52 18.00 -2.03
CA SER A 69 -23.02 15.21 -4.14
CA VAL A 70 -19.61 16.81 -3.60
CA GLU A 71 -19.89 17.18 0.18
CA THR A 72 -21.38 13.67 0.38
CA ALA A 73 -18.83 12.15 -2.01
CA THR A 74 -16.04 13.79 0.01
CA THR A 75 -18.02 12.41 3.01
CA VAL A 76 -17.78 15.67 4.93
CA GLY A 77 -21.51 15.76 5.75
CA TYR A 78 -21.96 19.50 6.31
CA GLY A 79 -25.55 18.67 7.30
CA ASP A 80 -26.55 21.81 5.38
CA LEU A 81 -28.25 19.36 3.02
CA TYR A 82 -29.29 15.69 2.89
CA PRO A 83 -31.90 13.40 1.45
CA VAL A 84 -35.14 12.38 3.18
CA THR A 85 -36.59 10.46 0.27
CA LEU A 86 -36.10 6.69 0.71
CA TRP A 87 -34.70 6.78 -2.84
CA GLY A 88 -32.82 10.07 -2.36
CA ARG A 89 -31.17 8.18 0.52
CA CYS A 90 -30.06 5.40 -1.87
CA VAL A 91 -28.55 7.88 -4.32
CA ALA A 92 -26.71 9.20 -1.26
CA VAL A 93 -25.19 5.82 -0.34
CA VAL A 94 -24.07 5.41 -3.98
CA VAL A 95 -22.58 8.89 -4.33
CA MET A 96 -20.87 7.98 -1.04
CA VAL A 97 -18.91 4.80 -1.78
CA ALA A 98 -18.09 6.34 -5.19
CA GLY A 99 -15.97 8.82 -3.18
CA ILE A 100 -14.65 6.51 -0.45
CA THR A 101 -13.63 4.30 -3.39
CA SER A 102 -12.76 6.65 -6.27
CA PHE A 103 -10.44 8.20 -3.65
CA GLY A 104 -9.02 4.93 -2.28
CA LEU A 105 -7.59 4.01 -5.68
CA VAL A 106 -5.73 7.34 -5.82
CA THR A 107 -4.28 6.32 -2.42
CA ALA A 108 -3.53 2.83 -3.74
CA ALA A 109 -1.83 4.33 -6.80
CA LEU A 110 0.36 6.46 -4.52
CA ALA A 111 0.93 3.52 -2.15
CA THR A 112 2.67 1.56 -4.90
CA TRP A 113 4.40 4.47 -6.66
CA PHE A 114 6.23 4.69 -3.27
CA VAL A 115 7.24 1.05 -3.77
CA GLY A 116 9.50 2.49 -6.52
CA ARG A 117 10.97 4.54 -3.66
CA GLU A 118 10.68 1.92 -0.91
CA GLN A 119 12.76 -0.28 -3.22
CA GLU A 120 15.58 2.27 -3.40
CA ARG A 121 15.72 2.58 0.21
CA ARG A 122 16.00 -1.47 0.51
CA GLY A 123 18.91 -1.34 -1.84
CA HIS A 124 21.86 -1.41 -0.69
CA PHE A 125 22.04 -4.58 -2.99
CA VAL A 126 20.98 -6.43 -0.59
CA ARG A 127 24.14 -6.98 1.56
CA HIS A 128 24.62 -9.54 3.24
CA SER A 129 23.55 -11.66 0.17
CA GLU A 130 26.29 -11.63 -2.32
CA LYS A 131 28.57 -13.62 0.57
CA ALA A 132 25.53 -16.40 0.21
CA ALA A 133 25.99 -16.69 -3.11
CA GLU A 134 29.78 -16.97 -3.13
CA GLU A 135 29.27 -19.95 -0.28
CA ALA A 136 27.15 -21.74 -2.92
CA TYR A 137 29.54 -21.53 -5.48
CA THR A 138 32.47 -22.79 -3.15
CA ARG A 139 30.09 -25.96 -2.41
CA THR A 140 29.90 -26.68 -5.96
CA THR A 141 33.52 -26.46 -6.61
CA ARG A 142 34.13 -28.98 -3.44
CA ALA A 143 31.77 -31.46 -5.33
CA LEU A 144 33.64 -31.33 -8.31
CA HIS A 145 37.04 -31.87 -6.58
CA GLU A 146 35.37 -35.13 -4.84
CA ARG A 147 34.61 -36.36 -8.43
CA PHE A 148 37.58 -36.39 -9.00
CA ASP A 149 38.65 -36.99 -11.87
CA ARG A 150 36.93 -40.45 -12.47
CA LEU A 151 35.06 -41.35 -15.69
CA GLU A 152 35.50 -45.13 -14.91
CA ARG A 153 39.26 -46.24 -14.88
CA MET A 154 41.67 -43.46 -16.06
CA LEU A 155 44.32 -44.68 -13.67
CA ASP A 156 44.00 -48.25 -15.01
CA ASP A 157 44.45 -46.99 -18.60
CA ASN A 158 47.69 -45.17 -17.55
CA ARG A 159 49.10 -48.41 -15.82
CA ARG A 160 51.17 -48.25 -12.56
CA MET B 1 27.34 -8.94 36.70
CA PRO B 2 26.25 -5.51 35.51
CA PRO B 3 27.53 -5.90 31.92
CA MET B 4 26.00 -9.34 31.51
CA LEU B 5 22.63 -8.08 32.66
CA SER B 6 22.79 -5.13 30.31
CA GLY B 7 23.56 -7.35 27.34
CA LEU B 8 20.63 -9.59 28.15
CA LEU B 9 18.29 -6.63 28.31
CA ALA B 10 19.50 -5.40 24.95
CA ARG B 11 18.91 -8.76 23.33
CA LEU B 12 15.38 -8.93 24.67
CA VAL B 13 14.60 -5.48 23.32
CA LYS B 14 15.92 -6.46 19.91
CA LEU B 15 13.79 -9.58 19.95
CA LEU B 16 10.71 -7.57 20.81
CA LEU B 17 11.59 -5.21 18.01
CA GLY B 18 12.00 -8.25 15.80
CA ARG B 19 8.48 -9.22 16.81
CA HIS B 20 7.41 -5.76 15.78
CA GLY B 21 9.91 -6.24 12.99
CA SER B 22 8.94 -9.24 10.93
CA ALA B 23 5.50 -8.16 12.02
CA LEU B 24 6.49 -4.51 11.97
CA HIS B 25 3.60 -3.39 9.80
CA TRP B 26 1.72 -5.68 12.17
CA ALA B 27 2.88 -4.43 15.57
CA ALA B 28 3.52 -0.73 14.90
CA ALA B 29 -0.25 -0.57 14.44
CA GLY B 30 -1.83 -2.68 17.16
CA ALA B 31 0.29 -0.50 19.43
CA ALA B 32 -0.21 2.96 17.90
CA THR B 33 -3.94 2.68 18.60
CA VAL B 34 -3.04 2.47 22.28
CA LEU B 35 -1.69 5.97 21.46
CA LEU B 36 -4.81 7.44 19.85
CA VAL B 37 -6.90 6.20 22.79
CA ILE B 38 -4.60 8.31 25.01
CA VAL B 39 -5.07 11.29 22.65
CA LEU B 40 -8.84 10.82 23.04
CA LEU B 41 -8.93 10.76 26.82
CA ALA B 42 -6.19 13.41 26.57
CA GLY B 43 -8.06 15.90 24.37
CA SER B 44 -11.32 15.04 26.16
CA TYR B 45 -10.20 16.18 29.58
CA LEU B 46 -8.42 19.18 28.03
CA ALA B 47 -10.84 20.71 25.51
CA VAL B 48 -13.38 20.86 28.38
CA LEU B 49 -11.09 22.85 30.64
CA ALA B 50 -10.75 25.05 27.54
CA GLU B 51 -14.48 25.64 26.86
CA ARG B 52 -15.95 24.89 30.31
CA GLY B 53 -16.14 28.63 30.92
CA ALA B 54 -17.38 30.45 27.82
CA PRO B 55 -20.07 30.99 25.19
CA GLY B 56 -19.27 27.52 23.88
CA ALA B 57 -21.29 24.30 23.48
CA GLN B 58 -21.54 21.39 25.89
CA LEU B 59 -17.77 20.98 25.46
CA ILE B 60 -18.06 22.05 29.09
CA THR B 61 -18.30 18.55 30.53
CA TYR B 62 -15.60 15.86 30.65
CA PRO B 63 -18.08 12.99 30.00
CA ALA B 64 -19.19 15.02 26.95
CA ALA B 65 -15.82 15.93 25.47
CA LEU B 66 -15.15 12.17 25.25
CA TRP B 67 -18.03 11.42 22.88
CA TRP B 68 -16.68 14.49 21.04
CA SER B 69 -13.07 13.26 20.82
CA VAL B 70 -14.42 10.01 19.37
CA GLU B 71 -16.65 11.60 16.73
CA THR B 72 -13.87 14.08 15.91
CA ALA B 73 -11.13 11.42 15.90
CA THR B 74 -13.31 9.27 13.61
CA THR B 75 -13.80 12.59 11.72
CA VAL B 76 -17.56 12.09 11.42
CA GLY B 77 -18.38 15.61 12.65
CA TYR B 78 -21.92 15.03 13.95
CA GLY B 79 -22.02 18.77 14.61
CA ASP B 80 -23.87 17.90 17.85
CA LEU B 81 -20.72 19.24 19.52
CA TYR B 82 -17.60 21.25 18.67
CA PRO B 83 -15.14 23.68 20.17
CA VAL B 84 -15.43 27.48 20.01
CA THR B 85 -12.45 28.22 22.21
CA LEU B 86 -9.38 29.17 20.12
CA TRP B 87 -7.55 26.54 22.20
CA GLY B 88 -10.45 24.06 22.23
CA ARG B 89 -10.11 24.35 18.43
CA CYS B 90 -6.43 23.35 18.63
CA VAL B 91 -7.19 20.30 20.76
CA ALA B 92 -9.69 19.48 18.02
CA VAL B 93 -7.11 19.60 15.21
CA VAL B 94 -4.83 17.34 17.31
CA VAL B 95 -7.50 14.81 18.23
CA MET B 96 -8.23 14.89 14.48
CA VAL B 97 -4.94 13.92 12.82
CA ALA B 98 -4.48 11.41 15.66
CA GLY B 99 -7.41 9.56 14.06
CA ILE B 100 -6.69 10.22 10.37
CA THR B 101 -3.21 8.90 11.27
CA SER B 102 -3.71 6.28 13.98
CA PHE B 103 -6.15 4.80 11.45
CA GLY B 104 -3.90 5.13 8.38
CA LEU B 105 -1.27 2.87 9.94
CA VAL B 106 -3.90 0.15 10.46
CA THR B 107 -4.58 0.54 6.70
CA ALA B 108 -0.85 0.49 5.96
CA ALA B 109 -0.45 -2.65 8.08
CA LEU B 110 -3.23 -4.33 6.09
CA ALA B 111 -1.84 -2.97 2.81
CA THR B 112 1.39 -4.92 3.30
CA TRP B 113 -0.07 -8.02 4.96
CA PHE B 114 -1.80 -8.36 1.53
CA VAL B 115 1.67 -8.27 -0.05
CA GLY B 116 2.01 -11.76 1.55
CA ARG B 117 -1.04 -12.57 -0.57
CA GLU B 118 -0.20 -10.42 -3.60
CA GLN B 119 3.05 -12.41 -3.72
CA GLU B 120 1.20 -15.73 -3.95
CA ARG B 121 -0.86 -14.56 -6.69
CA ARG B 122 2.48 -13.40 -8.68
CA GLY B 123 3.81 -16.86 -8.24
CA HIS B 124 3.57 -18.95 -10.61
CA PHE B 125 7.47 -18.99 -10.19
CA VAL B 126 7.76 -16.54 -12.25
CA ARG B 127 7.44 -18.28 -15.70
CA HIS B 128 8.83 -17.22 -18.26
CA SER B 129 12.10 -16.81 -16.20
CA GLU B 130 13.59 -20.15 -15.62
CA LYS B 131 14.05 -20.38 -19.78
CA ALA B 132 16.34 -17.00 -19.11
CA ALA B 133 18.30 -18.60 -16.88
CA GLU B 134 18.91 -21.78 -18.84
CA GLU B 135 19.98 -19.29 -21.99
CA ALA B 136 22.65 -17.92 -19.62
CA TYR B 137 23.99 -21.04 -18.73
CA THR B 138 24.17 -22.26 -22.49
CA ARG B 139 26.29 -18.92 -23.16
CA THR B 140 28.67 -19.90 -20.60
CA THR B 141 29.15 -23.35 -21.80
CA ARG B 142 29.79 -21.85 -25.55
CA ALA B 143 32.64 -19.75 -23.92
CA LEU B 144 34.20 -22.56 -22.49
CA HIS B 145 34.10 -24.66 -25.72
CA GLU B 146 35.88 -21.50 -27.53
CA ARG B 147 38.67 -21.85 -24.87
CA PHE B 148 39.25 -24.62 -25.91
CA ASP B 149 41.30 -26.47 -24.47
CA ARG B 150 44.43 -24.12 -24.53
CA LEU B 151 46.65 -23.46 -21.49
CA GLU B 152 49.56 -22.34 -23.81
CA ARG B 153 50.83 -25.22 -26.13
CA MET B 154 49.26 -28.65 -25.29
CA LEU B 155 49.35 -29.63 -28.94
CA ASP B 156 53.06 -28.74 -29.17
CA ASP B 157 53.82 -30.91 -26.11
CA ASN B 158 52.02 -33.89 -27.79
CA ARG B 159 54.07 -33.41 -31.13
CA ARG B 160 52.48 -33.99 -34.60
CA MET C 1 -13.57 -44.16 3.95
CA PRO C 2 -13.55 -41.56 6.71
CA PRO C 3 -9.85 -40.62 6.33
CA MET C 4 -10.06 -40.33 2.57
CA LEU C 5 -13.05 -38.02 2.82
CA SER C 6 -11.30 -35.86 5.40
CA GLY C 7 -8.25 -35.49 3.21
CA LEU C 8 -10.36 -34.44 0.27
CA LEU C 9 -12.11 -31.80 2.34
CA ALA C 10 -8.79 -30.43 3.51
CA ARG C 11 -7.49 -30.13 -0.03
CA LEU C 12 -10.59 -28.26 -1.15
CA VAL C 13 -10.24 -25.80 1.70
CA LYS C 14 -6.62 -25.19 0.82
CA LEU C 15 -7.57 -24.59 -2.79
CA LEU C 16 -10.23 -22.10 -1.77
CA LEU C 17 -7.66 -20.42 0.42
CA GLY C 18 -5.35 -20.46 -2.57
CA ARG C 19 -8.08 -18.67 -4.46
CA HIS C 20 -8.17 -16.16 -1.65
CA GLY C 21 -4.42 -16.62 -1.64
CA SER C 22 -3.02 -15.69 -5.01
CA ALA C 23 -5.98 -13.35 -4.94
CA LEU C 24 -5.71 -12.90 -1.19
CA HIS C 25 -5.69 -9.12 -1.29
CA TRP C 26 -8.74 -9.82 -3.35
CA ALA C 27 -11.08 -12.13 -1.43
CA ALA C 28 -10.52 -11.04 2.18
CA ALA C 29 -12.19 -7.81 1.03
CA GLY C 30 -15.12 -8.75 -1.17
CA ALA C 31 -16.08 -10.88 1.82
CA ALA C 32 -15.38 -8.51 4.74
CA THR C 33 -17.95 -6.09 3.33
CA VAL C 34 -20.52 -8.84 3.83
CA LEU C 35 -19.43 -8.28 7.46
CA LEU C 36 -19.90 -4.50 7.65
CA VAL C 37 -23.37 -4.88 6.12
CA ILE C 38 -24.19 -7.14 9.09
CA VAL C 39 -22.75 -4.52 11.48
CA LEU C 40 -25.06 -1.96 9.84
CA LEU C 41 -28.27 -3.94 10.17
CA ALA C 42 -26.83 -5.05 13.52
CA GLY C 43 -26.22 -1.59 15.01
CA SER C 44 -29.39 -0.31 13.33
CA TYR C 45 -31.76 -2.63 15.15
CA LEU C 46 -29.79 -2.18 18.36
CA ALA C 47 -29.11 1.57 18.73
CA VAL C 48 -32.90 2.03 18.35
CA LEU C 49 -33.75 -0.29 21.22
CA ALA C 50 -31.17 1.85 23.06
CA GLU C 51 -32.67 5.30 22.31
CA ARG C 52 -36.28 4.33 21.49
CA GLY C 53 -37.23 5.41 25.01
CA ALA C 54 -35.47 8.64 25.97
CA PRO C 55 -34.77 12.32 25.31
CA GLY C 56 -32.93 11.24 22.19
CA ALA C 57 -33.38 11.95 18.46
CA GLN C 58 -35.27 9.88 15.90
CA LEU C 59 -32.82 7.05 16.71
CA ILE C 60 -36.14 5.68 18.01
CA THR C 61 -37.15 3.93 14.80
CA TYR C 62 -35.54 0.88 13.17
CA PRO C 63 -36.07 2.19 9.61
CA ALA C 64 -34.30 5.37 10.80
CA ALA C 65 -31.32 3.85 12.62
CA LEU C 66 -30.43 2.19 9.28
CA TRP C 67 -29.94 5.46 7.37
CA TRP C 68 -27.95 6.40 10.49
CA SER C 69 -25.71 3.32 10.50
CA VAL C 70 -24.91 4.05 6.85
CA GLU C 71 -24.07 7.73 7.33
CA THR C 72 -22.10 6.85 10.48
CA ALA C 73 -20.37 3.86 8.88
CA THR C 74 -19.44 6.04 5.90
CA THR C 75 -18.41 8.55 8.65
CA VAL C 76 -20.15 11.45 6.92
CA GLY C 77 -21.95 12.59 10.09
CA TYR C 78 -24.89 14.46 8.52
CA GLY C 79 -25.85 15.43 12.06
CA ASP C 80 -29.46 14.83 11.00
CA LEU C 81 -29.29 11.95 13.46
CA TYR C 82 -27.09 10.65 16.29
CA PRO C 83 -27.24 8.75 19.53
CA VAL C 84 -27.62 10.33 22.99
CA THR C 85 -27.91 7.07 24.89
CA LEU C 86 -24.59 6.14 26.57
CA TRP C 87 -25.11 2.72 24.93
CA GLY C 88 -26.46 4.13 21.65
CA ARG C 89 -23.14 6.00 21.62
CA CYS C 90 -21.22 2.70 21.92
CA VAL C 91 -23.14 1.14 19.03
CA ALA C 92 -22.12 4.27 17.14
CA VAL C 93 -18.38 3.82 17.80
CA VAL C 94 -18.69 0.17 16.66
CA VAL C 95 -20.69 0.91 13.51
CA MET C 96 -17.94 3.51 12.94
CA VAL C 97 -14.69 1.52 12.93
CA ALA C 98 -16.59 -1.19 11.03
CA GLY C 99 -16.66 1.33 8.16
CA ILE C 100 -13.24 2.96 8.61
CA THR C 101 -11.99 -0.65 8.62
CA SER C 102 -14.30 -2.60 6.29
CA PHE C 103 -13.36 0.15 3.82
CA GLY C 104 -9.60 0.17 4.54
CA LEU C 105 -9.28 -3.46 3.46
CA VAL C 106 -10.88 -2.61 0.09
CA THR C 107 -8.15 0.06 -0.18
CA ALA C 108 -5.51 -2.45 0.92
CA ALA C 109 -6.79 -4.94 -1.65
CA LEU C 110 -6.45 -2.28 -4.37
CA ALA C 111 -3.08 -1.14 -2.99
CA THR C 112 -1.56 -4.56 -3.70
CA TRP C 113 -3.47 -5.35 -6.92
CA PHE C 114 -1.50 -2.28 -8.17
CA VAL C 115 1.69 -4.10 -7.13
CA GLY C 116 0.86 -6.39 -10.10
CA ARG C 117 1.05 -3.15 -12.10
CA GLU C 118 3.84 -1.47 -10.13
CA GLN C 119 5.88 -4.59 -10.95
CA GLU C 120 5.39 -4.13 -14.70
CA ARG C 121 6.46 -0.67 -14.57
CA ARG C 122 9.82 -1.81 -12.60
CA GLY C 123 10.50 -4.24 -15.36
CA HIS C 124 12.54 -3.47 -17.66
CA PHE C 125 14.29 -6.73 -16.37
CA VAL C 126 15.95 -5.04 -14.21
CA ARG C 127 18.82 -3.52 -16.31
CA HIS C 128 21.62 -2.87 -15.14
CA SER C 129 21.63 -6.38 -13.46
CA GLU C 130 22.24 -8.95 -16.05
CA LYS C 131 26.00 -7.16 -16.56
CA ALA C 132 26.35 -8.17 -12.56
CA ALA C 133 25.71 -11.42 -13.17
CA GLU C 134 27.96 -11.89 -16.18
CA GLU C 135 30.94 -10.22 -13.83
CA ALA C 136 30.27 -13.10 -11.41
CA TYR C 137 30.54 -15.65 -13.80
CA THR C 138 33.89 -14.18 -15.30
CA ARG C 139 35.28 -14.36 -11.54
CA THR C 140 34.51 -17.91 -11.40
CA THR C 141 36.09 -18.79 -14.60
CA ARG C 142 39.45 -16.76 -13.40
CA ALA C 143 39.42 -19.16 -10.31
CA LEU C 144 39.33 -22.07 -12.28
CA HIS C 145 42.17 -20.95 -14.64
CA GLU C 146 44.36 -20.31 -11.28
CA ARG C 147 43.67 -24.02 -10.41
CA PHE C 148 45.11 -24.83 -12.93
CA ASP C 149 45.18 -27.82 -13.83
CA ARG C 150 46.70 -29.42 -10.61
CA LEU C 151 45.28 -32.56 -8.93
CA GLU C 152 48.69 -33.19 -7.18
CA ARG C 153 51.59 -33.89 -9.71
CA MET C 154 50.35 -34.27 -13.36
CA LEU C 155 53.55 -32.72 -14.65
CA ASP C 156 55.66 -35.17 -12.62
CA ASP C 157 53.71 -38.13 -14.08
CA ASN C 158 54.42 -36.82 -17.64
CA ARG C 159 58.27 -36.47 -16.87
CA ARG C 160 60.37 -33.56 -18.32
CA MET D 1 33.80 29.61 -13.70
CA PRO D 2 30.17 29.68 -14.83
CA PRO D 3 30.08 26.05 -16.05
CA MET D 4 31.73 24.72 -12.93
CA LEU D 5 29.24 26.50 -10.72
CA SER D 6 26.33 25.21 -12.75
CA GLY D 7 27.55 21.63 -12.46
CA LEU D 8 27.88 21.95 -8.72
CA LEU D 9 24.34 23.26 -8.41
CA ALA D 10 23.03 20.37 -10.45
CA ARG D 11 24.77 17.82 -8.27
CA LEU D 12 23.35 19.36 -5.13
CA VAL D 13 19.85 19.24 -6.54
CA LYS D 14 20.27 15.60 -7.45
CA LEU D 15 21.50 14.85 -3.95
CA LEU D 16 18.50 16.58 -2.44
CA LEU D 17 16.30 14.60 -4.77
CA GLY D 18 18.18 11.53 -3.64
CA ARG D 19 17.28 12.48 -0.11
CA HIS D 20 13.70 12.70 -1.26
CA GLY D 21 14.59 9.69 -3.34
CA SER D 22 15.71 6.88 -1.10
CA ALA D 23 13.30 8.58 1.25
CA LEU D 24 11.03 9.59 -1.60
CA HIS D 25 7.88 8.16 -0.08
CA TRP D 26 9.27 9.27 3.00
CA ALA D 27 10.07 12.78 1.76
CA ALA D 28 7.36 13.36 -0.85
CA ALA D 29 5.02 13.31 2.16
CA GLY D 30 6.69 15.27 4.94
CA ALA D 31 6.91 17.96 2.26
CA ALA D 32 3.46 17.74 0.63
CA THR D 33 1.88 18.62 3.97
CA VAL D 34 3.74 21.92 3.77
CA LEU D 35 1.52 22.23 0.66
CA LEU D 36 -1.86 21.49 2.28
CA VAL D 37 -1.06 24.00 5.04
CA ILE D 38 -0.70 26.60 2.25
CA VAL D 39 -4.03 25.45 0.76
CA LEU D 40 -5.59 25.98 4.19
CA LEU D 41 -4.35 29.51 4.75
CA ALA D 42 -4.97 29.94 1.01
CA GLY D 43 -8.64 28.89 0.95
CA SER D 44 -9.17 30.55 4.34
CA TYR D 45 -8.31 34.05 3.20
CA LEU D 46 -10.15 33.47 -0.08
CA ALA D 47 -13.49 31.83 0.82
CA VAL D 48 -14.03 34.80 3.19
CA LEU D 49 -13.57 37.40 0.48
CA ALA D 50 -16.11 35.21 -1.36
CA GLU D 51 -18.82 35.09 1.35
CA ARG D 52 -17.90 38.20 3.39
CA GLY D 53 -20.69 40.06 1.61
CA ALA D 54 -23.79 37.88 1.29
CA PRO D 55 -26.55 35.83 2.93
CA GLY D 56 -23.86 33.37 3.97
CA ALA D 57 -22.63 32.07 7.34
CA GLN D 58 -19.72 33.35 9.41
CA LEU D 59 -17.50 32.48 6.43
CA ILE D 60 -17.27 36.28 6.54
CA THR D 61 -14.23 36.45 8.80
CA TYR D 62 -10.65 35.40 8.02
CA PRO D 63 -10.01 34.04 11.54
CA ALA D 64 -13.18 31.97 11.02
CA ALA D 65 -12.53 30.60 7.54
CA LEU D 66 -9.34 29.06 8.99
CA TRP D 67 -11.13 26.82 11.51
CA TRP D 68 -13.36 26.04 8.50
CA SER D 69 -10.51 25.10 6.13
CA VAL D 70 -9.23 22.74 8.83
CA GLU D 71 -12.54 21.02 9.53
CA THR D 72 -13.21 20.86 5.77
CA ALA D 73 -9.67 19.70 4.93
CA THR D 74 -9.96 17.02 7.63
CA THR D 75 -13.40 16.41 6.02
CA VAL D 76 -15.18 16.30 9.39
CA GLY D 77 -17.92 18.72 8.31
CA TYR D 78 -18.98 20.04 11.73
CA GLY D 79 -21.71 21.95 9.88
CA ASP D 80 -20.97 24.83 12.27
CA LEU D 81 -19.72 26.59 9.12
CA TYR D 82 -19.86 26.21 5.34
CA PRO D 83 -19.89 28.22 2.16
CA VAL D 84 -23.02 29.40 0.33
CA THR D 85 -21.23 31.44 -2.29
CA LEU D 86 -20.99 29.55 -5.60
CA TRP D 87 -17.27 30.44 -5.47
CA GLY D 88 -16.93 29.87 -1.71
CA ARG D 89 -18.23 26.39 -2.59
CA CYS D 90 -15.40 25.91 -5.11
CA VAL D 91 -12.74 26.95 -2.57
CA ALA D 92 -14.39 24.31 -0.37
CA VAL D 93 -13.99 21.50 -2.92
CA VAL D 94 -10.32 22.48 -3.35
CA VAL D 95 -9.53 22.73 0.35
CA MET D 96 -11.23 19.30 0.46
CA VAL D 97 -9.23 17.14 -1.95
CA ALA D 98 -6.11 18.89 -0.65
CA GLY D 99 -6.82 17.02 2.61
CA ILE D 100 -8.15 13.73 1.21
CA THR D 101 -4.94 13.81 -0.87
CA SER D 102 -2.30 15.52 1.28
CA PHE D 103 -3.32 12.85 3.81
CA GLY D 104 -3.37 9.89 1.40
CA LEU D 105 0.32 10.35 0.61
CA VAL D 106 1.16 10.15 4.33
CA THR D 107 -0.76 6.82 4.25
CA ALA D 108 1.07 5.79 1.07
CA ALA D 109 4.41 6.67 2.69
CA LEU D 110 3.53 4.46 5.67
CA ALA D 111 2.15 1.74 3.38
CA THR D 112 5.59 1.25 1.81
CA TRP D 113 7.72 1.88 4.90
CA PHE D 114 5.91 -1.30 6.11
CA VAL D 115 7.22 -3.04 2.99
CA GLY D 116 10.61 -2.76 4.77
CA ARG D 117 8.86 -4.77 7.50
CA GLU D 118 6.66 -6.93 5.28
CA GLN D 119 9.93 -8.00 3.63
CA GLU D 120 11.41 -9.19 6.94
CA ARG D 121 8.46 -11.19 7.69
CA ARG D 122 8.74 -12.93 4.04
CA GLY D 123 12.28 -13.82 4.85
CA HIS D 124 12.97 -16.74 5.90
CA PHE D 125 15.27 -16.69 2.72
CA VAL D 126 12.86 -17.82 0.93
CA ARG D 127 12.89 -21.60 1.71
CA HIS D 128 11.99 -23.77 -0.33
CA SER D 129 14.14 -21.99 -3.04
CA GLU D 130 17.71 -22.71 -2.39
CA LYS D 131 16.77 -26.71 -3.15
CA ALA D 132 15.64 -25.14 -6.80
CA ALA D 133 18.66 -23.77 -7.31
CA GLU D 134 20.80 -26.73 -6.33
CA GLU D 135 18.43 -28.93 -8.95
CA ALA D 136 19.61 -26.47 -11.64
CA TYR D 137 23.03 -26.82 -10.95
CA THR D 138 22.84 -30.77 -10.89
CA ARG D 139 21.20 -30.44 -14.55
CA THR D 140 24.11 -28.58 -15.70
CA THR D 141 26.62 -30.92 -14.38
CA ARG D 142 24.57 -33.98 -16.15
CA ALA D 143 25.06 -31.98 -19.47
CA LEU D 144 28.54 -31.74 -19.10
CA HIS D 145 29.04 -35.46 -18.26
CA GLU D 146 26.97 -36.25 -21.67
CA ARG D 147 29.64 -34.12 -23.49
CA PHE D 148 31.75 -36.09 -22.60
CA ASP D 149 34.78 -35.53 -23.14
CA ARG D 150 34.65 -35.08 -27.02
CA LEU D 151 36.37 -32.18 -28.86
CA GLU D 152 36.31 -34.23 -32.17
CA ARG D 153 38.47 -37.49 -31.95
CA MET D 154 40.53 -37.74 -28.69
CA LEU D 155 40.13 -41.50 -28.68
CA ASP D 156 41.39 -41.74 -32.27
CA ASP D 157 44.49 -39.69 -31.36
CA ASN D 158 45.24 -42.11 -28.46
CA ARG D 159 44.89 -45.24 -30.83
CA ARG D 160 43.32 -48.56 -29.61
CA MET A 1 -7.64 -5.91 -45.96
CA PRO A 2 -10.09 -6.65 -43.15
CA PRO A 3 -7.75 -8.97 -41.20
CA MET A 4 -4.82 -6.60 -41.44
CA LEU A 5 -6.90 -3.72 -40.13
CA SER A 6 -8.19 -5.81 -37.26
CA GLY A 7 -4.69 -6.80 -36.23
CA LEU A 8 -3.56 -3.19 -36.25
CA LEU A 9 -6.47 -2.18 -34.04
CA ALA A 10 -5.63 -4.93 -31.58
CA ARG A 11 -2.02 -3.86 -31.33
CA LEU A 12 -3.02 -0.27 -30.65
CA VAL A 13 -5.34 -1.34 -27.87
CA LYS A 14 -2.62 -3.41 -26.30
CA LEU A 15 -0.25 -0.47 -26.47
CA LEU A 16 -2.79 1.78 -24.80
CA LEU A 17 -3.25 -0.88 -22.16
CA GLY A 18 0.52 -0.97 -21.86
CA ARG A 19 0.38 2.75 -21.23
CA HIS A 20 -2.16 2.04 -18.55
CA GLY A 21 -0.01 -0.97 -17.85
CA SER A 22 3.47 0.14 -16.94
CA ALA A 23 1.55 3.10 -15.62
CA LEU A 24 -1.40 0.95 -14.67
CA HIS A 25 -1.61 2.19 -11.11
CA TRP A 26 -1.01 5.06 -12.22
CA ALA A 27 -3.67 5.02 -14.95
CA ALA A 28 -6.48 3.02 -13.32
CA ALA A 29 -6.74 6.04 -11.01
CA GLY A 30 -6.39 9.15 -13.14
CA ALA A 31 -9.21 7.54 -15.11
CA ALA A 32 -11.49 6.25 -12.33
CA THR A 33 -11.93 9.82 -11.10
CA VAL A 34 -13.49 10.59 -14.48
CA LEU A 35 -15.98 7.99 -13.18
CA LEU A 36 -16.75 9.56 -9.79
CA VAL A 37 -17.32 12.92 -11.50
CA ILE A 38 -20.03 11.17 -13.54
CA VAL A 39 -21.49 9.68 -10.33
CA LEU A 40 -21.62 13.22 -8.93
CA LEU A 41 -23.45 14.84 -11.83
CA ALA A 42 -25.36 11.53 -11.98
CA GLY A 43 -26.61 11.47 -8.38
CA SER A 44 -27.03 15.25 -8.46
CA TYR A 45 -29.61 15.30 -11.21
CA LEU A 46 -31.27 12.20 -9.75
CA ALA A 47 -31.57 12.79 -6.00
CA VAL A 48 -33.35 16.07 -6.88
CA LEU A 49 -35.98 14.37 -9.01
CA ALA A 50 -36.32 12.14 -5.92
CA GLU A 51 -36.84 14.89 -3.30
CA ARG A 52 -38.03 17.77 -5.52
CA GLY A 53 -41.58 16.98 -4.44
CA ALA A 54 -41.74 16.23 -0.72
CA PRO A 55 -41.15 17.32 2.88
CA GLY A 56 -37.44 17.21 2.14
CA ALA A 57 -34.63 19.81 2.22
CA GLN A 58 -33.33 21.92 -0.65
CA LEU A 59 -32.41 18.63 -2.36
CA ILE A 60 -35.16 19.99 -4.62
CA THR A 61 -32.87 21.90 -6.97
CA TYR A 62 -30.34 20.47 -9.45
CA PRO A 63 -27.78 23.25 -8.82
CA ALA A 64 -28.12 22.35 -5.12
CA ALA A 65 -27.87 18.57 -5.32
CA LEU A 66 -24.44 19.11 -6.94
CA TRP A 67 -22.89 20.87 -3.94
CA TRP A 68 -24.52 18.00 -2.03
CA SER A 69 -23.02 15.21 -4.14
CA VAL A 70 -19.61 16.81 -3.60
CA GLU A 71 -19.89 17.18 0.18
CA THR A 72 -21.38 13.67 0.38
CA ALA A 73 -18.83 12.15 -2.01
CA THR A 74 -16.04 13.79 0.01
CA THR A 75 -18.02 12.41 3.01
CA VAL A 76 -17.78 15.67 4.93
CA GLY A 77 -21.51 15.76 5.75
CA TYR A 78 -21.96 19.50 6.31
CA GLY A 79 -25.55 18.67 7.30
CA ASP A 80 -26.55 21.81 5.38
CA LEU A 81 -28.25 19.36 3.02
CA TYR A 82 -29.29 15.69 2.89
CA PRO A 83 -31.90 13.40 1.45
CA VAL A 84 -35.14 12.38 3.18
CA THR A 85 -36.59 10.46 0.27
CA LEU A 86 -36.10 6.69 0.71
CA TRP A 87 -34.70 6.78 -2.84
CA GLY A 88 -32.82 10.07 -2.36
CA ARG A 89 -31.17 8.18 0.52
CA CYS A 90 -30.06 5.40 -1.87
CA VAL A 91 -28.55 7.88 -4.32
CA ALA A 92 -26.71 9.20 -1.26
CA VAL A 93 -25.19 5.82 -0.34
CA VAL A 94 -24.07 5.41 -3.98
CA VAL A 95 -22.58 8.89 -4.33
CA MET A 96 -20.87 7.98 -1.04
CA VAL A 97 -18.91 4.80 -1.78
CA ALA A 98 -18.09 6.34 -5.19
CA GLY A 99 -15.97 8.82 -3.18
CA ILE A 100 -14.65 6.51 -0.45
CA THR A 101 -13.63 4.30 -3.39
CA SER A 102 -12.76 6.65 -6.27
CA PHE A 103 -10.44 8.20 -3.65
CA GLY A 104 -9.02 4.93 -2.28
CA LEU A 105 -7.59 4.01 -5.68
CA VAL A 106 -5.73 7.34 -5.82
CA THR A 107 -4.28 6.32 -2.42
CA ALA A 108 -3.53 2.83 -3.74
CA ALA A 109 -1.83 4.33 -6.80
CA LEU A 110 0.36 6.46 -4.52
CA ALA A 111 0.93 3.52 -2.15
CA THR A 112 2.67 1.56 -4.90
CA TRP A 113 4.40 4.47 -6.66
CA PHE A 114 6.23 4.69 -3.27
CA VAL A 115 7.24 1.05 -3.77
CA GLY A 116 9.50 2.49 -6.52
CA ARG A 117 10.97 4.54 -3.66
CA GLU A 118 10.68 1.92 -0.91
CA GLN A 119 12.76 -0.28 -3.22
CA GLU A 120 15.58 2.27 -3.40
CA ARG A 121 15.72 2.58 0.21
CA ARG A 122 16.01 -1.46 0.51
CA GLY A 123 18.90 -1.33 -1.84
CA HIS A 124 21.42 0.68 0.34
CA PHE A 125 23.55 -1.24 3.00
CA VAL A 126 22.71 -4.90 3.92
CA ARG A 127 25.14 -7.92 4.15
CA HIS A 128 23.07 -11.02 3.07
CA SER A 129 23.59 -11.99 -0.67
CA GLU A 130 26.92 -12.35 -1.94
CA LYS A 131 27.51 -15.26 1.10
CA ALA A 132 24.40 -17.08 -0.98
CA ALA A 133 26.09 -17.04 -3.86
CA GLU A 134 29.46 -18.23 -2.61
CA GLU A 135 27.28 -21.37 -0.85
CA ALA A 136 26.20 -22.19 -4.41
CA TYR A 137 29.37 -22.24 -5.81
CA THR A 138 30.87 -24.48 -2.84
CA ARG A 139 27.86 -27.05 -3.81
CA THR A 140 29.13 -27.20 -7.21
CA THR A 141 32.58 -27.78 -6.41
CA ARG A 142 31.38 -30.81 -3.83
CA ALA A 143 29.64 -32.32 -7.05
CA LEU A 144 32.76 -32.27 -8.85
CA HIS A 145 34.79 -33.83 -6.27
CA GLU A 146 31.94 -36.82 -6.03
CA ARG A 147 32.65 -37.29 -9.87
CA PHE A 148 36.50 -37.47 -9.48
CA ASP A 149 38.44 -40.31 -11.32
CA ARG A 150 39.06 -40.85 -15.10
CA LEU A 151 36.05 -43.00 -16.23
CA GLU A 152 35.84 -46.87 -16.08
CA ARG A 153 35.93 -47.68 -19.91
CA MET A 154 38.26 -44.77 -20.93
CA LEU A 155 40.91 -46.08 -18.57
CA ASP A 156 40.71 -49.59 -20.00
CA ASP A 157 41.16 -48.16 -23.52
CA ASN A 158 44.39 -46.33 -22.38
CA ARG A 159 45.78 -49.58 -20.76
CA ARG A 160 46.01 -49.46 -16.90
CA MET B 1 27.34 -8.94 36.70
CA PRO B 2 26.25 -5.51 35.51
CA PRO B 3 27.53 -5.90 31.92
CA MET B 4 26.00 -9.34 31.51
CA LEU B 5 22.63 -8.08 32.66
CA SER B 6 22.79 -5.13 30.31
CA GLY B 7 23.56 -7.35 27.34
CA LEU B 8 20.63 -9.59 28.15
CA LEU B 9 18.29 -6.63 28.31
CA ALA B 10 19.50 -5.40 24.95
CA ARG B 11 18.91 -8.76 23.33
CA LEU B 12 15.38 -8.93 24.67
CA VAL B 13 14.60 -5.48 23.32
CA LYS B 14 15.92 -6.46 19.91
CA LEU B 15 13.79 -9.58 19.95
CA LEU B 16 10.71 -7.57 20.81
CA LEU B 17 11.59 -5.21 18.01
CA GLY B 18 12.00 -8.25 15.80
CA ARG B 19 8.48 -9.22 16.81
CA HIS B 20 7.41 -5.76 15.78
CA GLY B 21 9.91 -6.24 12.99
CA SER B 22 8.94 -9.24 10.93
CA ALA B 23 5.50 -8.16 12.02
CA LEU B 24 6.49 -4.51 11.97
CA HIS B 25 3.60 -3.39 9.80
CA TRP B 26 1.72 -5.68 12.17
CA ALA B 27 2.88 -4.43 15.57
CA ALA B 28 3.52 -0.73 14.90
CA ALA B 29 -0.25 -0.57 14.44
CA GLY B 30 -1.83 -2.68 17.16
CA ALA B 31 0.29 -0.50 19.43
CA ALA B 32 -0.21 2.96 17.90
CA THR B 33 -3.94 2.68 18.60
CA VAL B 34 -3.04 2.47 22.28
CA LEU B 35 -1.69 5.97 21.46
CA LEU B 36 -4.81 7.44 19.85
CA VAL B 37 -6.90 6.20 22.79
CA ILE B 38 -4.60 8.31 25.01
CA VAL B 39 -5.07 11.29 22.65
CA LEU B 40 -8.84 10.82 23.04
CA LEU B 41 -8.93 10.76 26.82
CA ALA B 42 -6.19 13.41 26.57
CA GLY B 43 -8.06 15.90 24.37
CA SER B 44 -11.32 15.04 26.16
CA TYR B 45 -10.20 16.18 29.58
CA LEU B 46 -8.42 19.18 28.03
CA ALA B 47 -10.84 20.71 25.51
CA VAL B 48 -13.38 20.86 28.38
CA LEU B 49 -11.09 22.85 30.64
CA ALA B 50 -10.75 25.05 27.54
CA GLU B 51 -14.48 25.64 26.86
CA ARG B 52 -15.95 24.89 30.31
CA GLY B 53 -16.14 28.63 30.92
CA ALA B 54 -17.38 30.45 27.82
CA PRO B 55 -20.07 30.99 25.19
CA GLY B 56 -19.27 27.52 23.88
CA ALA B 57 -21.29 24.30 23.48
CA GLN B 58 -21.54 21.39 25.89
CA LEU B 59 -17.77 20.98 25.46
CA ILE B 60 -18.06 22.05 29.09
CA THR B 61 -18.30 18.55 30.53
CA TYR B 62 -15.60 15.86 30.65
CA PRO B 63 -18.08 12.99 30.00
CA ALA B 64 -19.19 15.02 26.95
CA ALA B 65 -15.82 15.93 25.47
CA LEU B 66 -15.15 12.17 25.25
CA TRP B 67 -18.03 11.42 22.88
CA TRP B 68 -16.68 14.49 21.04
CA SER B 69 -13.07 13.26 20.82
CA VAL B 70 -14.42 10.01 19.37
CA GLU B 71 -16.65 11.60 16.73
CA THR B 72 -13.87 14.08 15.91
CA ALA B 73 -11.13 11.42 15.90
CA THR B 74 -13.31 9.27 13.61
CA THR B 75 -13.80 12.59 11.72
CA VAL B 76 -17.56 12.09 11.42
CA GLY B 77 -18.38 15.61 12.65
CA TYR B 78 -21.92 15.03 13.95
CA GLY B 79 -22.02 18.77 14.61
CA ASP B 80 -23.87 17.90 17.85
CA LEU B 81 -20.72 19.24 19.52
CA TYR B 82 -17.60 21.25 18.67
CA PRO B 83 -15.14 23.68 20.17
CA VAL B 84 -15.43 27.48 20.01
CA THR B 85 -12.45 28.22 22.21
CA LEU B 86 -9.38 29.17 20.12
CA TRP B 87 -7.55 26.54 22.20
CA GLY B 88 -10.45 24.06 22.23
CA ARG B 89 -10.11 24.35 18.43
CA CYS B 90 -6.43 23.35 18.63
CA VAL B 91 -7.19 20.30 20.76
CA ALA B 92 -9.69 19.48 18.02
CA VAL B 93 -7.11 19.60 15.21
CA VAL B 94 -4.83 17.34 17.31
CA VAL B 95 -7.50 14.81 18.23
CA MET B 96 -8.23 14.89 14.48
CA VAL B 97 -4.94 13.92 12.82
CA ALA B 98 -4.48 11.41 15.66
CA GLY B 99 -7.41 9.56 14.06
CA ILE B 100 -6.69 10.22 10.37
CA THR B 101 -3.21 8.90 11.27
CA SER B 102 -3.71 6.28 13.98
CA PHE B 103 -6.15 4.80 11.45
CA GLY B 104 -3.90 5.13 8.38
CA LEU B 105 -1.27 2.87 9.94
CA VAL B 106 -3.90 0.15 10.46
CA THR B 107 -4.58 0.54 6.70
CA ALA B 108 -0.85 0.49 5.96
CA ALA B 109 -0.45 -2.65 8.08
CA LEU B 110 -3.23 -4.33 6.09
CA ALA B 111 -1.84 -2.97 2.81
CA THR B 112 1.39 -4.92 3.30
CA TRP B 113 -0.07 -8.02 4.96
CA PHE B 114 -1.80 -8.36 1.53
CA VAL B 115 1.67 -8.27 -0.05
CA GLY B 116 2.01 -11.76 1.55
CA ARG B 117 -1.04 -12.57 -0.57
CA GLU B 118 -0.20 -10.42 -3.60
CA GLN B 119 3.05 -12.41 -3.72
CA GLU B 120 1.20 -15.73 -3.95
CA ARG B 121 -0.86 -14.56 -6.69
CA ARG B 122 2.49 -13.40 -8.67
CA GLY B 123 3.81 -16.86 -8.24
CA HIS B 124 1.22 -18.83 -10.35
CA PHE B 125 1.72 -19.03 -14.23
CA VAL B 126 4.34 -16.79 -15.99
CA ARG B 127 7.04 -17.83 -18.57
CA HIS B 128 10.06 -15.48 -17.95
CA SER B 129 12.83 -17.06 -15.70
CA GLU B 130 14.07 -20.32 -16.51
CA LYS B 131 15.09 -18.73 -20.31
CA ALA B 132 17.43 -16.26 -17.89
CA ALA B 133 18.99 -18.86 -16.49
CA GLU B 134 19.69 -20.90 -19.59
CA GLU B 135 21.31 -17.34 -21.14
CA ALA B 136 23.71 -17.52 -18.18
CA TYR B 137 24.74 -20.80 -18.68
CA THR B 138 25.32 -20.23 -22.61
CA ARG B 139 27.73 -17.18 -21.40
CA THR B 140 29.69 -19.56 -19.45
CA THR B 141 30.10 -22.04 -22.00
CA ARG B 142 31.30 -19.04 -24.63
CA ALA B 143 34.05 -18.30 -21.88
CA LEU B 144 35.20 -21.71 -22.00
CA HIS B 145 35.43 -21.97 -25.63
CA GLU B 146 37.62 -18.47 -25.61
CA ARG B 147 40.01 -20.41 -23.16
CA PHE B 148 40.34 -23.54 -25.43
CA ASP B 149 43.87 -25.03 -26.11
CA ARG B 150 46.29 -26.85 -23.71
CA LEU B 151 48.43 -24.00 -22.22
CA GLU B 152 51.67 -22.53 -23.77
CA ARG B 153 54.29 -23.83 -21.18
CA MET B 154 52.51 -27.17 -20.38
CA LEU B 155 52.71 -28.13 -24.03
CA ASP B 156 56.43 -27.40 -24.23
CA ASP B 157 57.00 -29.60 -21.16
CA ASN B 158 55.16 -32.54 -22.91
CA ARG B 159 57.27 -32.08 -26.14
CA ARG B 160 55.24 -30.82 -29.18
CA MET C 1 -13.57 -44.16 3.95
CA PRO C 2 -13.55 -41.56 6.71
CA PRO C 3 -9.85 -40.62 6.33
CA MET C 4 -10.06 -40.33 2.57
CA LEU C 5 -13.05 -38.02 2.82
CA SER C 6 -11.30 -35.86 5.40
CA GLY C 7 -8.25 -35.49 3.21
CA LEU C 8 -10.36 -34.44 0.27
CA LEU C 9 -12.11 -31.80 2.34
CA ALA C 10 -8.79 -30.43 3.51
CA ARG C 11 -7.49 -30.13 -0.03
CA LEU C 12 -10.59 -28.26 -1.15
CA VAL C 13 -10.24 -25.80 1.70
CA LYS C 14 -6.62 -25.19 0.82
CA LEU C 15 -7.57 -24.59 -2.79
CA LEU C 16 -10.23 -22.10 -1.77
CA LEU C 17 -7.66 -20.42 0.42
CA GLY C 18 -5.35 -20.46 -2.57
CA ARG C 19 -8.08 -18.67 -4.46
CA HIS C 20 -8.17 -16.16 -1.65
CA GLY C 21 -4.42 -16.62 -1.64
CA SER C 22 -3.02 -15.69 -5.01
CA ALA C 23 -5.98 -13.35 -4.94
CA LEU C 24 -5.71 -12.90 -1.19
CA HIS C 25 -5.69 -9.12 -1.29
CA TRP C 26 -8.74 -9.82 -3.35
CA ALA C 27 -11.08 -12.13 -1.43
CA ALA C 28 -10.52 -11.04 2.18
CA ALA C 29 -12.19 -7.81 1.03
CA GLY C 30 -15.12 -8.75 -1.17
CA ALA C 31 -16.08 -10.88 1.82
CA ALA C 32 -15.38 -8.51 4.74
CA THR C 33 -17.95 -6.09 3.33
CA VAL C 34 -20.52 -8.84 3.83
CA LEU C 35 -19.43 -8.28 7.46
CA LEU C 36 -19.90 -4.50 7.65
CA VAL C 37 -23.37 -4.88 6.12
CA ILE C 38 -24.19 -7.14 9.09
CA VAL C 39 -22.75 -4.52 11.48
CA LEU C 40 -25.06 -1.96 9.84
CA LEU C 41 -28.27 -3.94 10.17
CA ALA C 42 -26.83 -5.05 13.52
CA GLY C 43 -26.22 -1.59 15.01
CA SER C 44 -29.39 -0.31 13.33
CA TYR C 45 -31.76 -2.63 15.15
CA LEU C 46 -29.79 -2.18 18.36
CA ALA C 47 -29.11 1.57 18.73
CA VAL C 48 -32.90 2.03 18.35
CA LEU C 49 -33.75 -0.29 21.22
CA ALA C 50 -31.17 1.85 23.06
CA GLU C 51 -32.67 5.30 22.31
CA ARG C 52 -36.28 4.33 21.49
CA GLY C 53 -37.23 5.41 25.01
CA ALA C 54 -35.47 8.64 25.97
CA PRO C 55 -34.77 12.32 25.31
CA GLY C 56 -32.93 11.24 22.19
CA ALA C 57 -33.38 11.95 18.46
CA GLN C 58 -35.27 9.88 15.90
CA LEU C 59 -32.82 7.05 16.71
CA ILE C 60 -36.14 5.68 18.01
CA THR C 61 -37.15 3.93 14.80
CA TYR C 62 -35.54 0.88 13.17
CA PRO C 63 -36.07 2.19 9.61
CA ALA C 64 -34.30 5.37 10.80
CA ALA C 65 -31.32 3.85 12.62
CA LEU C 66 -30.43 2.19 9.28
CA TRP C 67 -29.94 5.46 7.37
CA TRP C 68 -27.95 6.40 10.49
CA SER C 69 -25.71 3.32 10.50
CA VAL C 70 -24.91 4.05 6.85
CA GLU C 71 -24.07 7.73 7.33
CA THR C 72 -22.10 6.85 10.48
CA ALA C 73 -20.37 3.86 8.88
CA THR C 74 -19.44 6.04 5.90
CA THR C 75 -18.41 8.55 8.65
CA VAL C 76 -20.15 11.45 6.92
CA GLY C 77 -21.95 12.59 10.09
CA TYR C 78 -24.89 14.46 8.52
CA GLY C 79 -25.85 15.43 12.06
CA ASP C 80 -29.46 14.83 11.00
CA LEU C 81 -29.29 11.95 13.46
CA TYR C 82 -27.09 10.65 16.29
CA PRO C 83 -27.24 8.75 19.53
CA VAL C 84 -27.62 10.33 22.99
CA THR C 85 -27.91 7.07 24.89
CA LEU C 86 -24.59 6.14 26.57
CA TRP C 87 -25.11 2.72 24.93
CA GLY C 88 -26.46 4.13 21.65
CA ARG C 89 -23.14 6.00 21.62
CA CYS C 90 -21.22 2.70 21.92
CA VAL C 91 -23.14 1.14 19.03
CA ALA C 92 -22.12 4.27 17.14
CA VAL C 93 -18.38 3.82 17.80
CA VAL C 94 -18.69 0.17 16.66
CA VAL C 95 -20.69 0.91 13.51
CA MET C 96 -17.94 3.51 12.94
CA VAL C 97 -14.69 1.52 12.93
CA ALA C 98 -16.59 -1.19 11.03
CA GLY C 99 -16.66 1.33 8.16
CA ILE C 100 -13.24 2.96 8.61
CA THR C 101 -11.99 -0.65 8.62
CA SER C 102 -14.30 -2.60 6.29
CA PHE C 103 -13.36 0.15 3.82
CA GLY C 104 -9.60 0.17 4.54
CA LEU C 105 -9.28 -3.46 3.46
CA VAL C 106 -10.88 -2.61 0.09
CA THR C 107 -8.15 0.06 -0.18
CA ALA C 108 -5.51 -2.45 0.92
CA ALA C 109 -6.79 -4.94 -1.65
CA LEU C 110 -6.45 -2.28 -4.37
CA ALA C 111 -3.08 -1.14 -2.99
CA THR C 112 -1.56 -4.56 -3.70
CA TRP C 113 -3.47 -5.35 -6.92
CA PHE C 114 -1.50 -2.28 -8.17
CA VAL C 115 1.69 -4.10 -7.13
CA GLY C 116 0.86 -6.39 -10.10
CA ARG C 117 1.05 -3.15 -12.10
CA GLU C 118 3.84 -1.47 -10.13
CA GLN C 119 5.88 -4.59 -10.95
CA GLU C 120 5.39 -4.13 -14.70
CA ARG C 121 6.46 -0.67 -14.57
CA ARG C 122 9.82 -1.81 -12.60
CA GLY C 123 10.49 -4.23 -15.36
CA HIS C 124 11.04 -1.74 -18.29
CA PHE C 125 14.58 -0.13 -18.73
CA VAL C 126 17.26 -0.46 -15.95
CA ARG C 127 20.97 -1.52 -16.34
CA HIS C 128 21.87 -3.41 -13.08
CA SER C 129 21.62 -7.29 -13.41
CA GLU C 130 23.27 -8.91 -16.14
CA LYS C 131 26.85 -7.13 -14.72
CA ALA C 132 25.86 -9.42 -11.38
CA ALA C 133 25.76 -12.25 -13.15
CA GLU C 134 28.92 -11.82 -15.18
CA GLU C 135 30.77 -11.05 -11.46
CA ALA C 136 29.60 -14.56 -10.53
CA TYR C 137 30.87 -16.18 -13.32
CA THR C 138 34.42 -14.33 -13.02
CA ARG C 139 34.43 -15.84 -9.23
CA THR C 140 34.08 -19.19 -10.62
CA THR C 141 36.66 -18.97 -13.08
CA ARG C 142 39.23 -17.50 -10.17
CA ALA C 143 38.35 -20.86 -8.27
CA LEU C 144 39.38 -22.81 -11.11
CA HIS C 145 42.56 -21.14 -11.66
CA GLU C 146 43.40 -21.68 -7.65
CA ARG C 147 42.83 -25.50 -8.43
CA PHE C 148 45.19 -25.57 -11.51
CA ASP C 149 47.80 -28.45 -11.82
CA ARG C 150 47.26 -32.21 -12.47
CA LEU C 151 46.90 -33.73 -8.94
CA GLU C 152 49.81 -34.93 -6.66
CA ARG C 153 49.18 -38.78 -6.74
CA MET C 154 47.86 -38.94 -10.37
CA LEU C 155 51.11 -37.45 -11.61
CA ASP C 156 53.21 -39.99 -9.72
CA ASP C 157 51.16 -42.81 -11.27
CA ASN C 158 51.89 -41.42 -14.82
CA ARG C 159 55.69 -41.17 -14.05
CA ARG C 160 57.03 -37.56 -13.85
CA MET D 1 33.80 29.61 -13.70
CA PRO D 2 30.17 29.68 -14.83
CA PRO D 3 30.08 26.05 -16.05
CA MET D 4 31.73 24.72 -12.93
CA LEU D 5 29.24 26.50 -10.72
CA SER D 6 26.33 25.21 -12.75
CA GLY D 7 27.55 21.63 -12.46
CA LEU D 8 27.88 21.95 -8.72
CA LEU D 9 24.34 23.26 -8.41
CA ALA D 10 23.03 20.37 -10.45
CA ARG D 11 24.77 17.82 -8.27
CA LEU D 12 23.35 19.36 -5.13
CA VAL D 13 19.85 19.24 -6.54
CA LYS D 14 20.27 15.60 -7.45
CA LEU D 15 21.50 14.85 -3.95
CA LEU D 16 18.50 16.58 -2.44
CA LEU D 17 16.30 14.60 -4.77
CA GLY D 18 18.18 11.53 -3.64
CA ARG D 19 17.28 12.48 -0.11
CA HIS D 20 13.70 12.70 -1.26
CA GLY D 21 14.59 9.69 -3.34
CA SER D 22 15.71 6.88 -1.10
CA ALA D 23 13.30 8.58 1.25
CA LEU D 24 11.03 9.59 -1.60
CA HIS D 25 7.88 8.16 -0.08
CA TRP D 26 9.27 9.27 3.00
CA ALA D 27 10.07 12.78 1.76
CA ALA D 28 7.36 13.36 -0.85
CA ALA D 29 5.02 13.31 2.16
CA GLY D 30 6.69 15.27 4.94
CA ALA D 31 6.91 17.96 2.26
CA ALA D 32 3.46 17.74 0.63
CA THR D 33 1.88 18.62 3.97
CA VAL D 34 3.74 21.92 3.77
CA LEU D 35 1.52 22.23 0.66
CA LEU D 36 -1.86 21.49 2.28
CA VAL D 37 -1.06 24.00 5.04
CA ILE D 38 -0.70 26.60 2.25
CA VAL D 39 -4.03 25.45 0.76
CA LEU D 40 -5.59 25.98 4.19
CA LEU D 41 -4.35 29.51 4.75
CA ALA D 42 -4.97 29.94 1.01
CA GLY D 43 -8.64 28.89 0.95
CA SER D 44 -9.17 30.55 4.34
CA TYR D 45 -8.31 34.05 3.20
CA LEU D 46 -10.15 33.47 -0.08
CA ALA D 47 -13.49 31.83 0.82
CA VAL D 48 -14.03 34.80 3.19
CA LEU D 49 -13.57 37.40 0.48
CA ALA D 50 -16.11 35.21 -1.36
CA GLU D 51 -18.82 35.09 1.35
CA ARG D 52 -17.90 38.20 3.39
CA GLY D 53 -20.69 40.06 1.61
CA ALA D 54 -23.79 37.88 1.29
CA PRO D 55 -26.55 35.83 2.93
CA GLY D 56 -23.86 33.37 3.97
CA ALA D 57 -22.63 32.07 7.34
CA GLN D 58 -19.72 33.35 9.41
CA LEU D 59 -17.50 32.48 6.43
CA ILE D 60 -17.27 36.28 6.54
CA THR D 61 -14.23 36.45 8.80
CA TYR D 62 -10.65 35.40 8.02
CA PRO D 63 -10.01 34.04 11.54
CA ALA D 64 -13.18 31.97 11.02
CA ALA D 65 -12.53 30.60 7.54
CA LEU D 66 -9.34 29.06 8.99
CA TRP D 67 -11.13 26.82 11.51
CA TRP D 68 -13.36 26.04 8.50
CA SER D 69 -10.51 25.10 6.13
CA VAL D 70 -9.23 22.74 8.83
CA GLU D 71 -12.54 21.02 9.53
CA THR D 72 -13.21 20.86 5.77
CA ALA D 73 -9.67 19.70 4.93
CA THR D 74 -9.96 17.02 7.63
CA THR D 75 -13.40 16.41 6.02
CA VAL D 76 -15.18 16.30 9.39
CA GLY D 77 -17.92 18.72 8.31
CA TYR D 78 -18.98 20.04 11.73
CA GLY D 79 -21.71 21.95 9.88
CA ASP D 80 -20.97 24.83 12.27
CA LEU D 81 -19.72 26.59 9.12
CA TYR D 82 -19.86 26.21 5.34
CA PRO D 83 -19.89 28.22 2.16
CA VAL D 84 -23.02 29.40 0.33
CA THR D 85 -21.23 31.44 -2.29
CA LEU D 86 -20.99 29.55 -5.60
CA TRP D 87 -17.27 30.44 -5.47
CA GLY D 88 -16.93 29.87 -1.71
CA ARG D 89 -18.23 26.39 -2.59
CA CYS D 90 -15.40 25.91 -5.11
CA VAL D 91 -12.74 26.95 -2.57
CA ALA D 92 -14.39 24.31 -0.37
CA VAL D 93 -13.99 21.50 -2.92
CA VAL D 94 -10.32 22.48 -3.35
CA VAL D 95 -9.53 22.73 0.35
CA MET D 96 -11.23 19.30 0.46
CA VAL D 97 -9.23 17.14 -1.95
CA ALA D 98 -6.11 18.89 -0.65
CA GLY D 99 -6.82 17.02 2.61
CA ILE D 100 -8.15 13.73 1.21
CA THR D 101 -4.94 13.81 -0.87
CA SER D 102 -2.30 15.52 1.28
CA PHE D 103 -3.32 12.85 3.81
CA GLY D 104 -3.37 9.89 1.40
CA LEU D 105 0.32 10.35 0.61
CA VAL D 106 1.16 10.15 4.33
CA THR D 107 -0.76 6.82 4.25
CA ALA D 108 1.07 5.79 1.07
CA ALA D 109 4.41 6.67 2.69
CA LEU D 110 3.53 4.46 5.67
CA ALA D 111 2.15 1.74 3.38
CA THR D 112 5.59 1.25 1.81
CA TRP D 113 7.72 1.88 4.90
CA PHE D 114 5.91 -1.30 6.11
CA VAL D 115 7.22 -3.04 2.99
CA GLY D 116 10.61 -2.76 4.77
CA ARG D 117 8.86 -4.77 7.50
CA GLU D 118 6.66 -6.93 5.28
CA GLN D 119 9.93 -8.00 3.63
CA GLU D 120 11.41 -9.19 6.94
CA ARG D 121 8.46 -11.19 7.69
CA ARG D 122 8.74 -12.93 4.04
CA GLY D 123 12.28 -13.82 4.85
CA HIS D 124 11.68 -16.25 7.83
CA PHE D 125 10.83 -19.99 7.06
CA VAL D 126 9.95 -21.10 3.45
CA ARG D 127 11.37 -24.11 1.46
CA HIS D 128 11.42 -22.99 -2.25
CA SER D 129 14.88 -21.67 -3.43
CA GLU D 130 17.81 -23.64 -2.81
CA LYS D 131 15.89 -26.74 -4.98
CA ALA D 132 16.06 -23.84 -7.96
CA ALA D 133 19.37 -23.54 -7.70
CA GLU D 134 20.31 -27.20 -7.54
CA GLU D 135 17.94 -27.58 -11.01
CA ALA D 136 20.37 -25.08 -12.55
CA TYR D 137 23.28 -26.75 -11.70
CA THR D 138 21.86 -30.29 -12.96
CA ARG D 139 21.23 -28.32 -16.48
CA THR D 140 24.78 -27.48 -16.59
CA THR D 141 26.06 -30.75 -15.90
CA ARG D 142 23.54 -32.29 -18.82
CA ALA D 143 25.39 -29.70 -21.20
CA LEU D 144 28.60 -31.09 -20.32
CA HIS D 145 27.72 -34.58 -20.81
CA GLU D 146 26.22 -33.55 -24.53
CA ARG D 147 29.85 -32.15 -25.17
CA PHE D 148 31.67 -35.37 -24.03
CA ASP D 149 34.53 -36.81 -26.25
CA ARG D 150 38.04 -35.39 -27.00
CA LEU D 151 37.52 -33.21 -30.14
CA GLU D 152 37.64 -34.44 -33.82
CA ARG D 153 40.92 -32.69 -34.99
CA MET D 154 42.79 -32.92 -31.61
CA LEU D 155 42.43 -36.69 -31.69
CA ASP D 156 43.83 -36.94 -35.21
CA ASP D 157 46.85 -34.87 -34.13
CA ASN D 158 47.53 -37.33 -31.21
CA ARG D 159 47.26 -40.39 -33.61
CA ARG D 160 44.18 -42.64 -32.97
#